data_2WDS
# 
_entry.id   2WDS 
# 
_audit_conform.dict_name       mmcif_pdbx.dic 
_audit_conform.dict_version    5.382 
_audit_conform.dict_location   http://mmcif.pdb.org/dictionaries/ascii/mmcif_pdbx.dic 
# 
loop_
_database_2.database_id 
_database_2.database_code 
_database_2.pdbx_database_accession 
_database_2.pdbx_DOI 
PDB   2WDS         pdb_00002wds 10.2210/pdb2wds/pdb 
PDBE  EBI-39216    ?            ?                   
WWPDB D_1290039216 ?            ?                   
# 
loop_
_pdbx_database_related.db_name 
_pdbx_database_related.db_id 
_pdbx_database_related.content_type 
_pdbx_database_related.details 
PDB 2WDY unspecified 'CRYSTAL STRUCTURE OF THE STREPTOMYCES COELICOLOR D111A ACPS MUTANT IN COMPLEX WITH COFACTOR COA AT 1.4 A' 
PDB 2WDO unspecified 'CRYSTAL STRUCTURE OF THE S. COELICOLOR ACPS IN COMPLEX WITH ACETYL-COA AT 1.5 A' 
PDB 2JBZ unspecified 
'CRYSTAL STRUCTURE OF THE STREPTOMYCES COELICOLOR HOLO- [ACYL-CARRIER-PROTEIN] SYNTHASE (ACPS) IN COMPLEX WITH COENZYME A AT 1.6 A' 
PDB 2JCA unspecified 'CRYSTAL STRUCTURE OF THE STREPTOMYCES COELICOLOR HOLO- [ACYL-CARRIER-PROTEIN] SYNTHASE (ACPS) AT 2 A.' 
# 
_pdbx_database_status.status_code                     REL 
_pdbx_database_status.entry_id                        2WDS 
_pdbx_database_status.deposit_site                    PDBE 
_pdbx_database_status.process_site                    PDBE 
_pdbx_database_status.SG_entry                        . 
_pdbx_database_status.recvd_initial_deposition_date   2009-03-26 
_pdbx_database_status.pdb_format_compatible           Y 
_pdbx_database_status.status_code_sf                  REL 
_pdbx_database_status.status_code_mr                  ? 
_pdbx_database_status.status_code_cs                  ? 
_pdbx_database_status.methods_development_category    ? 
_pdbx_database_status.status_code_nmr_data            ? 
# 
loop_
_audit_author.name 
_audit_author.pdbx_ordinal 
;Dall'Aglio, P.
;
1 
'Arthur, C.'     2 
'Crump, M.P.'    3 
'Crosby, J.'     4 
'Hadfield, A.T.' 5 
# 
_citation.id                        primary 
_citation.title                     
'Analysis of Streptomyces Coelicolor Phosphopantetheinyl Transferase, Acps, Reveals the Basis for Relaxed Substrate Specificity.' 
_citation.journal_abbrev            Biochemistry 
_citation.journal_volume            50 
_citation.page_first                5704 
_citation.page_last                 ? 
_citation.year                      2011 
_citation.journal_id_ASTM           BICHAW 
_citation.country                   US 
_citation.journal_id_ISSN           0006-2960 
_citation.journal_id_CSD            0033 
_citation.book_publisher            ? 
_citation.pdbx_database_id_PubMed   21595442 
_citation.pdbx_database_id_DOI      10.1021/BI2003668 
# 
loop_
_citation_author.citation_id 
_citation_author.name 
_citation_author.ordinal 
_citation_author.identifier_ORCID 
primary 
;Dall'Aglio, P.
;
1 ? 
primary 'Arthur, C.'     2 ? 
primary 'Williams, C.'   3 ? 
primary 'Vasilakis, K.'  4 ? 
primary 'Maple, H.J.'    5 ? 
primary 'Crosby, J.'     6 ? 
primary 'Crump, M.P.'    7 ? 
primary 'Hadfield, A.T.' 8 ? 
# 
_cell.entry_id           2WDS 
_cell.length_a           72.719 
_cell.length_b           72.719 
_cell.length_c           72.719 
_cell.angle_alpha        90.00 
_cell.angle_beta         90.00 
_cell.angle_gamma        90.00 
_cell.Z_PDB              12 
_cell.pdbx_unique_axis   ? 
# 
_symmetry.entry_id                         2WDS 
_symmetry.space_group_name_H-M             'P 21 3' 
_symmetry.pdbx_full_space_group_name_H-M   ? 
_symmetry.cell_setting                     ? 
_symmetry.Int_Tables_number                198 
# 
loop_
_entity.id 
_entity.type 
_entity.src_method 
_entity.pdbx_description 
_entity.formula_weight 
_entity.pdbx_number_of_molecules 
_entity.pdbx_ec 
_entity.pdbx_mutation 
_entity.pdbx_fragment 
_entity.details 
1 polymer     man 'HOLO-[ACYL-CARRIER-PROTEIN] SYNTHASE' 14684.707 1   2.7.8.7 YES ? 
'ACETYL-COA AND COA ARE PRESENT IN THE ACTIVE SITE' 
2 non-polymer syn 'COENZYME A'                           767.534   1   ?       ?   ? ? 
3 non-polymer syn 'MAGNESIUM ION'                        24.305    1   ?       ?   ? ? 
4 water       nat water                                  18.015    237 ?       ?   ? ? 
# 
_entity_name_com.entity_id   1 
_entity_name_com.name        
;4'-PHOSPHOPANTETHEINYL TRANSFERASE ACPS, HOLO-ACP SYNTHASE, ACYL CARRIER PROTEIN SYNTHASE
;
# 
_entity_poly.entity_id                      1 
_entity_poly.type                           'polypeptide(L)' 
_entity_poly.nstd_linkage                   no 
_entity_poly.nstd_monomer                   no 
_entity_poly.pdbx_seq_one_letter_code       
;MGSSHHHHHHSSGLVPRGSHMSIIGVGIDVAEVERFGAALERTPALAGRLFLESELLLPGGERRGVASLAARFAAKEALA
KALGAPAGLLWTDAEVWVEAGGRPRLRVTGTVAARAAELGVASWHVSLSADAGIASAVVIAEG
;
_entity_poly.pdbx_seq_one_letter_code_can   
;MGSSHHHHHHSSGLVPRGSHMSIIGVGIDVAEVERFGAALERTPALAGRLFLESELLLPGGERRGVASLAARFAAKEALA
KALGAPAGLLWTDAEVWVEAGGRPRLRVTGTVAARAAELGVASWHVSLSADAGIASAVVIAEG
;
_entity_poly.pdbx_strand_id                 A 
_entity_poly.pdbx_target_identifier         ? 
# 
loop_
_entity_poly_seq.entity_id 
_entity_poly_seq.num 
_entity_poly_seq.mon_id 
_entity_poly_seq.hetero 
1 1   MET n 
1 2   GLY n 
1 3   SER n 
1 4   SER n 
1 5   HIS n 
1 6   HIS n 
1 7   HIS n 
1 8   HIS n 
1 9   HIS n 
1 10  HIS n 
1 11  SER n 
1 12  SER n 
1 13  GLY n 
1 14  LEU n 
1 15  VAL n 
1 16  PRO n 
1 17  ARG n 
1 18  GLY n 
1 19  SER n 
1 20  HIS n 
1 21  MET n 
1 22  SER n 
1 23  ILE n 
1 24  ILE n 
1 25  GLY n 
1 26  VAL n 
1 27  GLY n 
1 28  ILE n 
1 29  ASP n 
1 30  VAL n 
1 31  ALA n 
1 32  GLU n 
1 33  VAL n 
1 34  GLU n 
1 35  ARG n 
1 36  PHE n 
1 37  GLY n 
1 38  ALA n 
1 39  ALA n 
1 40  LEU n 
1 41  GLU n 
1 42  ARG n 
1 43  THR n 
1 44  PRO n 
1 45  ALA n 
1 46  LEU n 
1 47  ALA n 
1 48  GLY n 
1 49  ARG n 
1 50  LEU n 
1 51  PHE n 
1 52  LEU n 
1 53  GLU n 
1 54  SER n 
1 55  GLU n 
1 56  LEU n 
1 57  LEU n 
1 58  LEU n 
1 59  PRO n 
1 60  GLY n 
1 61  GLY n 
1 62  GLU n 
1 63  ARG n 
1 64  ARG n 
1 65  GLY n 
1 66  VAL n 
1 67  ALA n 
1 68  SER n 
1 69  LEU n 
1 70  ALA n 
1 71  ALA n 
1 72  ARG n 
1 73  PHE n 
1 74  ALA n 
1 75  ALA n 
1 76  LYS n 
1 77  GLU n 
1 78  ALA n 
1 79  LEU n 
1 80  ALA n 
1 81  LYS n 
1 82  ALA n 
1 83  LEU n 
1 84  GLY n 
1 85  ALA n 
1 86  PRO n 
1 87  ALA n 
1 88  GLY n 
1 89  LEU n 
1 90  LEU n 
1 91  TRP n 
1 92  THR n 
1 93  ASP n 
1 94  ALA n 
1 95  GLU n 
1 96  VAL n 
1 97  TRP n 
1 98  VAL n 
1 99  GLU n 
1 100 ALA n 
1 101 GLY n 
1 102 GLY n 
1 103 ARG n 
1 104 PRO n 
1 105 ARG n 
1 106 LEU n 
1 107 ARG n 
1 108 VAL n 
1 109 THR n 
1 110 GLY n 
1 111 THR n 
1 112 VAL n 
1 113 ALA n 
1 114 ALA n 
1 115 ARG n 
1 116 ALA n 
1 117 ALA n 
1 118 GLU n 
1 119 LEU n 
1 120 GLY n 
1 121 VAL n 
1 122 ALA n 
1 123 SER n 
1 124 TRP n 
1 125 HIS n 
1 126 VAL n 
1 127 SER n 
1 128 LEU n 
1 129 SER n 
1 130 ALA n 
1 131 ASP n 
1 132 ALA n 
1 133 GLY n 
1 134 ILE n 
1 135 ALA n 
1 136 SER n 
1 137 ALA n 
1 138 VAL n 
1 139 VAL n 
1 140 ILE n 
1 141 ALA n 
1 142 GLU n 
1 143 GLY n 
# 
_entity_src_gen.entity_id                          1 
_entity_src_gen.pdbx_src_id                        1 
_entity_src_gen.pdbx_alt_source_flag               sample 
_entity_src_gen.pdbx_seq_type                      ? 
_entity_src_gen.pdbx_beg_seq_num                   ? 
_entity_src_gen.pdbx_end_seq_num                   ? 
_entity_src_gen.gene_src_common_name               ? 
_entity_src_gen.gene_src_genus                     ? 
_entity_src_gen.pdbx_gene_src_gene                 ? 
_entity_src_gen.gene_src_species                   ? 
_entity_src_gen.gene_src_strain                    ? 
_entity_src_gen.gene_src_tissue                    ? 
_entity_src_gen.gene_src_tissue_fraction           ? 
_entity_src_gen.gene_src_details                   ? 
_entity_src_gen.pdbx_gene_src_fragment             ? 
_entity_src_gen.pdbx_gene_src_scientific_name      'STREPTOMYCES COELICOLOR' 
_entity_src_gen.pdbx_gene_src_ncbi_taxonomy_id     1902 
_entity_src_gen.pdbx_gene_src_variant              ? 
_entity_src_gen.pdbx_gene_src_cell_line            ? 
_entity_src_gen.pdbx_gene_src_atcc                 ? 
_entity_src_gen.pdbx_gene_src_organ                ? 
_entity_src_gen.pdbx_gene_src_organelle            ? 
_entity_src_gen.pdbx_gene_src_cell                 ? 
_entity_src_gen.pdbx_gene_src_cellular_location    ? 
_entity_src_gen.host_org_common_name               ? 
_entity_src_gen.pdbx_host_org_scientific_name      'ESCHERICHIA COLI' 
_entity_src_gen.pdbx_host_org_ncbi_taxonomy_id     469008 
_entity_src_gen.host_org_genus                     ? 
_entity_src_gen.pdbx_host_org_gene                 ? 
_entity_src_gen.pdbx_host_org_organ                ? 
_entity_src_gen.host_org_species                   ? 
_entity_src_gen.pdbx_host_org_tissue               ? 
_entity_src_gen.pdbx_host_org_tissue_fraction      ? 
_entity_src_gen.pdbx_host_org_strain               'BL21(DE3)' 
_entity_src_gen.pdbx_host_org_variant              ? 
_entity_src_gen.pdbx_host_org_cell_line            ? 
_entity_src_gen.pdbx_host_org_atcc                 ? 
_entity_src_gen.pdbx_host_org_culture_collection   ? 
_entity_src_gen.pdbx_host_org_cell                 ? 
_entity_src_gen.pdbx_host_org_organelle            ? 
_entity_src_gen.pdbx_host_org_cellular_location    ? 
_entity_src_gen.pdbx_host_org_vector_type          ? 
_entity_src_gen.pdbx_host_org_vector               PET15B 
_entity_src_gen.host_org_details                   ? 
_entity_src_gen.expression_system_id               ? 
_entity_src_gen.plasmid_name                       ? 
_entity_src_gen.plasmid_details                    ? 
_entity_src_gen.pdbx_description                   ? 
# 
loop_
_struct_ref.id 
_struct_ref.db_name 
_struct_ref.db_code 
_struct_ref.entity_id 
_struct_ref.pdbx_seq_one_letter_code 
_struct_ref.pdbx_align_begin 
_struct_ref.pdbx_db_accession 
_struct_ref.pdbx_db_isoform 
1 PDB 2WDS       1 ? ? 2WDS   ? 
2 UNP ACPS_STRCO 1 ? ? O86785 ? 
# 
loop_
_struct_ref_seq.align_id 
_struct_ref_seq.ref_id 
_struct_ref_seq.pdbx_PDB_id_code 
_struct_ref_seq.pdbx_strand_id 
_struct_ref_seq.seq_align_beg 
_struct_ref_seq.pdbx_seq_align_beg_ins_code 
_struct_ref_seq.seq_align_end 
_struct_ref_seq.pdbx_seq_align_end_ins_code 
_struct_ref_seq.pdbx_db_accession 
_struct_ref_seq.db_align_beg 
_struct_ref_seq.pdbx_db_align_beg_ins_code 
_struct_ref_seq.db_align_end 
_struct_ref_seq.pdbx_db_align_end_ins_code 
_struct_ref_seq.pdbx_auth_seq_align_beg 
_struct_ref_seq.pdbx_auth_seq_align_end 
1 1 2WDS A 1  ? 20  ? 2WDS   -19 ? 0   ? -19 0   
2 2 2WDS A 21 ? 143 ? O86785 1   ? 123 ? 1   123 
# 
_struct_ref_seq_dif.align_id                     1 
_struct_ref_seq_dif.pdbx_pdb_id_code             2WDS 
_struct_ref_seq_dif.mon_id                       ALA 
_struct_ref_seq_dif.pdbx_pdb_strand_id           A 
_struct_ref_seq_dif.seq_num                      130 
_struct_ref_seq_dif.pdbx_pdb_ins_code            ? 
_struct_ref_seq_dif.pdbx_seq_db_name             UNP 
_struct_ref_seq_dif.pdbx_seq_db_accession_code   O86785 
_struct_ref_seq_dif.db_mon_id                    HIS 
_struct_ref_seq_dif.pdbx_seq_db_seq_num          110 
_struct_ref_seq_dif.details                      'engineered mutation' 
_struct_ref_seq_dif.pdbx_auth_seq_num            110 
_struct_ref_seq_dif.pdbx_ordinal                 1 
# 
loop_
_chem_comp.id 
_chem_comp.type 
_chem_comp.mon_nstd_flag 
_chem_comp.name 
_chem_comp.pdbx_synonyms 
_chem_comp.formula 
_chem_comp.formula_weight 
ALA 'L-peptide linking' y ALANINE         ? 'C3 H7 N O2'          89.093  
ARG 'L-peptide linking' y ARGININE        ? 'C6 H15 N4 O2 1'      175.209 
ASP 'L-peptide linking' y 'ASPARTIC ACID' ? 'C4 H7 N O4'          133.103 
COA non-polymer         . 'COENZYME A'    ? 'C21 H36 N7 O16 P3 S' 767.534 
GLU 'L-peptide linking' y 'GLUTAMIC ACID' ? 'C5 H9 N O4'          147.129 
GLY 'peptide linking'   y GLYCINE         ? 'C2 H5 N O2'          75.067  
HIS 'L-peptide linking' y HISTIDINE       ? 'C6 H10 N3 O2 1'      156.162 
HOH non-polymer         . WATER           ? 'H2 O'                18.015  
ILE 'L-peptide linking' y ISOLEUCINE      ? 'C6 H13 N O2'         131.173 
LEU 'L-peptide linking' y LEUCINE         ? 'C6 H13 N O2'         131.173 
LYS 'L-peptide linking' y LYSINE          ? 'C6 H15 N2 O2 1'      147.195 
MET 'L-peptide linking' y METHIONINE      ? 'C5 H11 N O2 S'       149.211 
MG  non-polymer         . 'MAGNESIUM ION' ? 'Mg 2'                24.305  
PHE 'L-peptide linking' y PHENYLALANINE   ? 'C9 H11 N O2'         165.189 
PRO 'L-peptide linking' y PROLINE         ? 'C5 H9 N O2'          115.130 
SER 'L-peptide linking' y SERINE          ? 'C3 H7 N O3'          105.093 
THR 'L-peptide linking' y THREONINE       ? 'C4 H9 N O3'          119.119 
TRP 'L-peptide linking' y TRYPTOPHAN      ? 'C11 H12 N2 O2'       204.225 
VAL 'L-peptide linking' y VALINE          ? 'C5 H11 N O2'         117.146 
# 
_exptl.entry_id          2WDS 
_exptl.method            'X-RAY DIFFRACTION' 
_exptl.crystals_number   1 
# 
_exptl_crystal.id                    1 
_exptl_crystal.density_meas          ? 
_exptl_crystal.density_Matthews      2.2 
_exptl_crystal.density_percent_sol   44 
_exptl_crystal.description           NONE 
# 
_exptl_crystal_grow.crystal_id      1 
_exptl_crystal_grow.method          ? 
_exptl_crystal_grow.temp            ? 
_exptl_crystal_grow.temp_details    ? 
_exptl_crystal_grow.pH              6.5 
_exptl_crystal_grow.pdbx_pH_range   ? 
_exptl_crystal_grow.pdbx_details    
'0.3 M SODIUM ACETATE, 0.1 M SODIUM CACODYLATE PH 6.5, 25% PEG 2K MME WITH THE PRESENCE OF 10% PEG 400 AS CRYOPROTECTANT.' 
# 
_diffrn.id                     1 
_diffrn.ambient_temp           100 
_diffrn.ambient_temp_details   ? 
_diffrn.crystal_id             1 
# 
_diffrn_detector.diffrn_id              1 
_diffrn_detector.detector               CCD 
_diffrn_detector.type                   MARRESEARCH 
_diffrn_detector.pdbx_collection_date   2008-04-30 
_diffrn_detector.details                ? 
# 
_diffrn_radiation.diffrn_id                        1 
_diffrn_radiation.wavelength_id                    1 
_diffrn_radiation.pdbx_monochromatic_or_laue_m_l   M 
_diffrn_radiation.monochromator                    ? 
_diffrn_radiation.pdbx_diffrn_protocol             'SINGLE WAVELENGTH' 
_diffrn_radiation.pdbx_scattering_type             x-ray 
# 
_diffrn_radiation_wavelength.id           1 
_diffrn_radiation_wavelength.wavelength   1.117 
_diffrn_radiation_wavelength.wt           1.0 
# 
_diffrn_source.diffrn_id                   1 
_diffrn_source.source                      SYNCHROTRON 
_diffrn_source.type                        'SRS BEAMLINE PX10.1' 
_diffrn_source.pdbx_synchrotron_site       SRS 
_diffrn_source.pdbx_synchrotron_beamline   PX10.1 
_diffrn_source.pdbx_wavelength             1.117 
_diffrn_source.pdbx_wavelength_list        ? 
# 
_reflns.pdbx_diffrn_id               1 
_reflns.pdbx_ordinal                 1 
_reflns.entry_id                     2WDS 
_reflns.observed_criterion_sigma_I   2.0 
_reflns.observed_criterion_sigma_F   ? 
_reflns.d_resolution_low             50.00 
_reflns.d_resolution_high            1.35 
_reflns.number_obs                   28420 
_reflns.number_all                   ? 
_reflns.percent_possible_obs         99.3 
_reflns.pdbx_Rmerge_I_obs            0.07 
_reflns.pdbx_Rsym_value              ? 
_reflns.pdbx_netI_over_sigmaI        32.00 
_reflns.B_iso_Wilson_estimate        ? 
_reflns.pdbx_redundancy              9.3 
# 
_reflns_shell.pdbx_diffrn_id         1 
_reflns_shell.pdbx_ordinal           1 
_reflns_shell.d_res_high             1.35 
_reflns_shell.d_res_low              1.40 
_reflns_shell.percent_possible_all   99.3 
_reflns_shell.Rmerge_I_obs           0.22 
_reflns_shell.pdbx_Rsym_value        ? 
_reflns_shell.meanI_over_sigI_obs    2.50 
_reflns_shell.pdbx_redundancy        2.1 
# 
_refine.pdbx_refine_id                           'X-RAY DIFFRACTION' 
_refine.entry_id                                 2WDS 
_refine.pdbx_diffrn_id                           1 
_refine.pdbx_TLS_residual_ADP_flag               ? 
_refine.ls_number_reflns_obs                     26745 
_refine.ls_number_reflns_all                     ? 
_refine.pdbx_ls_sigma_I                          ? 
_refine.pdbx_ls_sigma_F                          ? 
_refine.pdbx_data_cutoff_high_absF               ? 
_refine.pdbx_data_cutoff_low_absF                ? 
_refine.pdbx_data_cutoff_high_rms_absF           ? 
_refine.ls_d_res_low                             51.43 
_refine.ls_d_res_high                            1.35 
_refine.ls_percent_reflns_obs                    99.3 
_refine.ls_R_factor_obs                          0.184 
_refine.ls_R_factor_all                          ? 
_refine.ls_R_factor_R_work                       0.183 
_refine.ls_R_factor_R_free                       0.205 
_refine.ls_R_factor_R_free_error                 ? 
_refine.ls_R_factor_R_free_error_details         ? 
_refine.ls_percent_reflns_R_free                 5.100 
_refine.ls_number_reflns_R_free                  1437 
_refine.ls_number_parameters                     ? 
_refine.ls_number_restraints                     ? 
_refine.occupancy_min                            ? 
_refine.occupancy_max                            ? 
_refine.correlation_coeff_Fo_to_Fc               0.964 
_refine.correlation_coeff_Fo_to_Fc_free          0.954 
_refine.B_iso_mean                               18.97 
_refine.aniso_B[1][1]                            ? 
_refine.aniso_B[2][2]                            ? 
_refine.aniso_B[3][3]                            ? 
_refine.aniso_B[1][2]                            ? 
_refine.aniso_B[1][3]                            ? 
_refine.aniso_B[2][3]                            ? 
_refine.solvent_model_details                    'BABINET MODEL WITH MASK' 
_refine.solvent_model_param_ksol                 ? 
_refine.solvent_model_param_bsol                 ? 
_refine.pdbx_solvent_vdw_probe_radii             1.40 
_refine.pdbx_solvent_ion_probe_radii             0.80 
_refine.pdbx_solvent_shrinkage_radii             0.80 
_refine.pdbx_ls_cross_valid_method               THROUGHOUT 
_refine.details                                  'HYDROGENS HAVE BEEN ADDED IN THE RIDING POSITIONS.' 
_refine.pdbx_starting_model                      'PDB ENTRY 2JBZ' 
_refine.pdbx_method_to_determine_struct          'MOLECULAR REPLACEMENT' 
_refine.pdbx_isotropic_thermal_model             ? 
_refine.pdbx_stereochemistry_target_values       'MAXIMUM LIKELIHOOD' 
_refine.pdbx_stereochem_target_val_spec_case     ? 
_refine.pdbx_R_Free_selection_details            RANDOM 
_refine.pdbx_overall_ESU_R                       0.059 
_refine.pdbx_overall_ESU_R_Free                  0.060 
_refine.overall_SU_ML                            0.036 
_refine.pdbx_overall_phase_error                 ? 
_refine.overall_SU_B                             0.842 
_refine.overall_SU_R_Cruickshank_DPI             ? 
_refine.pdbx_overall_SU_R_free_Cruickshank_DPI   ? 
_refine.pdbx_overall_SU_R_Blow_DPI               ? 
_refine.pdbx_overall_SU_R_free_Blow_DPI          ? 
# 
_refine_hist.pdbx_refine_id                   'X-RAY DIFFRACTION' 
_refine_hist.cycle_id                         LAST 
_refine_hist.pdbx_number_atoms_protein        882 
_refine_hist.pdbx_number_atoms_nucleic_acid   0 
_refine_hist.pdbx_number_atoms_ligand         49 
_refine_hist.number_atoms_solvent             237 
_refine_hist.number_atoms_total               1168 
_refine_hist.d_res_high                       1.35 
_refine_hist.d_res_low                        51.43 
# 
loop_
_refine_ls_restr.type 
_refine_ls_restr.dev_ideal 
_refine_ls_restr.dev_ideal_target 
_refine_ls_restr.weight 
_refine_ls_restr.number 
_refine_ls_restr.pdbx_refine_id 
_refine_ls_restr.pdbx_restraint_function 
r_bond_refined_d             0.007  0.022  ? 996  'X-RAY DIFFRACTION' ? 
r_bond_other_d               ?      ?      ? ?    'X-RAY DIFFRACTION' ? 
r_angle_refined_deg          1.229  2.032  ? 1376 'X-RAY DIFFRACTION' ? 
r_angle_other_deg            ?      ?      ? ?    'X-RAY DIFFRACTION' ? 
r_dihedral_angle_1_deg       5.275  5.000  ? 140  'X-RAY DIFFRACTION' ? 
r_dihedral_angle_2_deg       29.685 22.286 ? 35   'X-RAY DIFFRACTION' ? 
r_dihedral_angle_3_deg       11.569 15.000 ? 149  'X-RAY DIFFRACTION' ? 
r_dihedral_angle_4_deg       15.643 15.000 ? 10   'X-RAY DIFFRACTION' ? 
r_chiral_restr               0.060  0.200  ? 160  'X-RAY DIFFRACTION' ? 
r_gen_planes_refined         0.004  0.020  ? 740  'X-RAY DIFFRACTION' ? 
r_gen_planes_other           ?      ?      ? ?    'X-RAY DIFFRACTION' ? 
r_nbd_refined                0.180  0.200  ? 442  'X-RAY DIFFRACTION' ? 
r_nbd_other                  ?      ?      ? ?    'X-RAY DIFFRACTION' ? 
r_nbtor_refined              0.294  0.200  ? 697  'X-RAY DIFFRACTION' ? 
r_nbtor_other                ?      ?      ? ?    'X-RAY DIFFRACTION' ? 
r_xyhbond_nbd_refined        0.119  0.200  ? 187  'X-RAY DIFFRACTION' ? 
r_xyhbond_nbd_other          ?      ?      ? ?    'X-RAY DIFFRACTION' ? 
r_metal_ion_refined          ?      ?      ? ?    'X-RAY DIFFRACTION' ? 
r_metal_ion_other            ?      ?      ? ?    'X-RAY DIFFRACTION' ? 
r_symmetry_vdw_refined       0.238  0.200  ? 63   'X-RAY DIFFRACTION' ? 
r_symmetry_vdw_other         ?      ?      ? ?    'X-RAY DIFFRACTION' ? 
r_symmetry_hbond_refined     0.095  0.200  ? 43   'X-RAY DIFFRACTION' ? 
r_symmetry_hbond_other       ?      ?      ? ?    'X-RAY DIFFRACTION' ? 
r_symmetry_metal_ion_refined ?      ?      ? ?    'X-RAY DIFFRACTION' ? 
r_symmetry_metal_ion_other   ?      ?      ? ?    'X-RAY DIFFRACTION' ? 
r_mcbond_it                  1.202  3.000  ? 647  'X-RAY DIFFRACTION' ? 
r_mcbond_other               ?      ?      ? ?    'X-RAY DIFFRACTION' ? 
r_mcangle_it                 1.869  5.000  ? 1001 'X-RAY DIFFRACTION' ? 
r_mcangle_other              ?      ?      ? ?    'X-RAY DIFFRACTION' ? 
r_scbond_it                  2.513  6.000  ? 393  'X-RAY DIFFRACTION' ? 
r_scbond_other               ?      ?      ? ?    'X-RAY DIFFRACTION' ? 
r_scangle_it                 3.906  10.000 ? 366  'X-RAY DIFFRACTION' ? 
r_scangle_other              ?      ?      ? ?    'X-RAY DIFFRACTION' ? 
r_long_range_B_refined       ?      ?      ? ?    'X-RAY DIFFRACTION' ? 
r_long_range_B_other         ?      ?      ? ?    'X-RAY DIFFRACTION' ? 
r_rigid_bond_restr           ?      ?      ? ?    'X-RAY DIFFRACTION' ? 
r_sphericity_free            ?      ?      ? ?    'X-RAY DIFFRACTION' ? 
r_sphericity_bonded          ?      ?      ? ?    'X-RAY DIFFRACTION' ? 
# 
_refine_ls_shell.pdbx_refine_id                   'X-RAY DIFFRACTION' 
_refine_ls_shell.pdbx_total_number_of_bins_used   20 
_refine_ls_shell.d_res_high                       1.35 
_refine_ls_shell.d_res_low                        1.39 
_refine_ls_shell.number_reflns_R_work             1782 
_refine_ls_shell.R_factor_R_work                  0.2850 
_refine_ls_shell.percent_reflns_obs               ? 
_refine_ls_shell.R_factor_R_free                  0.3070 
_refine_ls_shell.R_factor_R_free_error            ? 
_refine_ls_shell.percent_reflns_R_free            ? 
_refine_ls_shell.number_reflns_R_free             104 
_refine_ls_shell.number_reflns_all                ? 
_refine_ls_shell.R_factor_all                     ? 
# 
_struct.entry_id                  2WDS 
_struct.title                     
'Crystal structure of the Streptomyces coelicolor H110A AcpS mutant in complex with cofactor CoA at 1.3 A' 
_struct.pdbx_model_details        ? 
_struct.pdbx_CASP_flag            ? 
_struct.pdbx_model_type_details   ? 
# 
_struct_keywords.entry_id        2WDS 
_struct_keywords.pdbx_keywords   TRANSFERASE 
_struct_keywords.text            'PHOSPHOPANTETHEINE ARM, FATTY ACID BIOSYNTHESIS, LIPID SYNTHESIS, TRANSFERASE, POLYKETIDES' 
# 
loop_
_struct_asym.id 
_struct_asym.pdbx_blank_PDB_chainid_flag 
_struct_asym.pdbx_modified 
_struct_asym.entity_id 
_struct_asym.details 
A N N 1 ? 
B N N 2 ? 
C N N 3 ? 
D N N 4 ? 
# 
_struct_biol.id   1 
# 
loop_
_struct_conf.conf_type_id 
_struct_conf.id 
_struct_conf.pdbx_PDB_helix_id 
_struct_conf.beg_label_comp_id 
_struct_conf.beg_label_asym_id 
_struct_conf.beg_label_seq_id 
_struct_conf.pdbx_beg_PDB_ins_code 
_struct_conf.end_label_comp_id 
_struct_conf.end_label_asym_id 
_struct_conf.end_label_seq_id 
_struct_conf.pdbx_end_PDB_ins_code 
_struct_conf.beg_auth_comp_id 
_struct_conf.beg_auth_asym_id 
_struct_conf.beg_auth_seq_id 
_struct_conf.end_auth_comp_id 
_struct_conf.end_auth_asym_id 
_struct_conf.end_auth_seq_id 
_struct_conf.pdbx_PDB_helix_class 
_struct_conf.details 
_struct_conf.pdbx_PDB_helix_length 
HELX_P HELX_P1 1 VAL A 33  ? THR A 43  ? VAL A 13 THR A 23  1 ? 11 
HELX_P HELX_P2 2 ALA A 45  ? PHE A 51  ? ALA A 25 PHE A 31  1 ? 7  
HELX_P HELX_P3 3 LEU A 52  ? LEU A 56  ? LEU A 32 LEU A 36  5 ? 5  
HELX_P HELX_P4 4 GLY A 65  ? LEU A 83  ? GLY A 45 LEU A 63  1 ? 19 
HELX_P HELX_P5 5 LEU A 90  ? THR A 92  ? LEU A 70 THR A 72  5 ? 3  
HELX_P HELX_P6 6 THR A 109 ? GLY A 120 ? THR A 89 GLY A 100 1 ? 12 
# 
_struct_conf_type.id          HELX_P 
_struct_conf_type.criteria    ? 
_struct_conf_type.reference   ? 
# 
loop_
_struct_conn.id 
_struct_conn.conn_type_id 
_struct_conn.pdbx_leaving_atom_flag 
_struct_conn.pdbx_PDB_id 
_struct_conn.ptnr1_label_asym_id 
_struct_conn.ptnr1_label_comp_id 
_struct_conn.ptnr1_label_seq_id 
_struct_conn.ptnr1_label_atom_id 
_struct_conn.pdbx_ptnr1_label_alt_id 
_struct_conn.pdbx_ptnr1_PDB_ins_code 
_struct_conn.pdbx_ptnr1_standard_comp_id 
_struct_conn.ptnr1_symmetry 
_struct_conn.ptnr2_label_asym_id 
_struct_conn.ptnr2_label_comp_id 
_struct_conn.ptnr2_label_seq_id 
_struct_conn.ptnr2_label_atom_id 
_struct_conn.pdbx_ptnr2_label_alt_id 
_struct_conn.pdbx_ptnr2_PDB_ins_code 
_struct_conn.ptnr1_auth_asym_id 
_struct_conn.ptnr1_auth_comp_id 
_struct_conn.ptnr1_auth_seq_id 
_struct_conn.ptnr2_auth_asym_id 
_struct_conn.ptnr2_auth_comp_id 
_struct_conn.ptnr2_auth_seq_id 
_struct_conn.ptnr2_symmetry 
_struct_conn.pdbx_ptnr3_label_atom_id 
_struct_conn.pdbx_ptnr3_label_seq_id 
_struct_conn.pdbx_ptnr3_label_comp_id 
_struct_conn.pdbx_ptnr3_label_asym_id 
_struct_conn.pdbx_ptnr3_label_alt_id 
_struct_conn.pdbx_ptnr3_PDB_ins_code 
_struct_conn.details 
_struct_conn.pdbx_dist_value 
_struct_conn.pdbx_value_order 
_struct_conn.pdbx_role 
metalc1 metalc ? ? A ASP 29 OD1 ? ? ? 11_455 C MG  . MG ? ? A ASP 9    A MG  1125 1_555  ? ? ? ? ? ? ? 2.013 ? ? 
metalc2 metalc ? ? A GLU 77 OE2 B ? ? 11_455 C MG  . MG ? ? A GLU 57   A MG  1125 1_555  ? ? ? ? ? ? ? 2.251 ? ? 
metalc3 metalc ? ? B COA .  O5A ? ? ? 1_555  C MG  . MG ? ? A COA 1124 A MG  1125 1_555  ? ? ? ? ? ? ? 1.970 ? ? 
metalc4 metalc ? ? B COA .  O2A ? ? ? 1_555  C MG  . MG ? ? A COA 1124 A MG  1125 1_555  ? ? ? ? ? ? ? 2.107 ? ? 
metalc5 metalc ? ? C MG  .  MG  ? ? ? 1_555  D HOH . O  ? ? A MG  1125 A HOH 2034 11_455 ? ? ? ? ? ? ? 1.960 ? ? 
metalc6 metalc ? ? C MG  .  MG  ? ? ? 1_555  D HOH . O  ? ? A MG  1125 A HOH 2142 11_455 ? ? ? ? ? ? ? 2.135 ? ? 
metalc7 metalc ? ? C MG  .  MG  ? ? ? 1_555  D HOH . O  ? ? A MG  1125 A HOH 2237 1_555  ? ? ? ? ? ? ? 2.150 ? ? 
# 
_struct_conn_type.id          metalc 
_struct_conn_type.criteria    ? 
_struct_conn_type.reference   ? 
# 
loop_
_struct_sheet.id 
_struct_sheet.type 
_struct_sheet.number_strands 
_struct_sheet.details 
AA ? 3 ? 
AB ? 2 ? 
# 
loop_
_struct_sheet_order.sheet_id 
_struct_sheet_order.range_id_1 
_struct_sheet_order.range_id_2 
_struct_sheet_order.offset 
_struct_sheet_order.sense 
AA 1 2 ? anti-parallel 
AA 2 3 ? anti-parallel 
AB 1 2 ? anti-parallel 
# 
loop_
_struct_sheet_range.sheet_id 
_struct_sheet_range.id 
_struct_sheet_range.beg_label_comp_id 
_struct_sheet_range.beg_label_asym_id 
_struct_sheet_range.beg_label_seq_id 
_struct_sheet_range.pdbx_beg_PDB_ins_code 
_struct_sheet_range.end_label_comp_id 
_struct_sheet_range.end_label_asym_id 
_struct_sheet_range.end_label_seq_id 
_struct_sheet_range.pdbx_end_PDB_ins_code 
_struct_sheet_range.beg_auth_comp_id 
_struct_sheet_range.beg_auth_asym_id 
_struct_sheet_range.beg_auth_seq_id 
_struct_sheet_range.end_auth_comp_id 
_struct_sheet_range.end_auth_asym_id 
_struct_sheet_range.end_auth_seq_id 
AA 1 SER A 22  ? GLU A 32  ? SER A 2   GLU A 12  
AA 2 ILE A 134 ? GLY A 143 ? ILE A 114 GLY A 123 
AA 3 SER A 123 ? ASP A 131 ? SER A 103 ASP A 111 
AB 1 ALA A 94  ? VAL A 98  ? ALA A 74  VAL A 78  
AB 2 PRO A 104 ? VAL A 108 ? PRO A 84  VAL A 88  
# 
loop_
_pdbx_struct_sheet_hbond.sheet_id 
_pdbx_struct_sheet_hbond.range_id_1 
_pdbx_struct_sheet_hbond.range_id_2 
_pdbx_struct_sheet_hbond.range_1_label_atom_id 
_pdbx_struct_sheet_hbond.range_1_label_comp_id 
_pdbx_struct_sheet_hbond.range_1_label_asym_id 
_pdbx_struct_sheet_hbond.range_1_label_seq_id 
_pdbx_struct_sheet_hbond.range_1_PDB_ins_code 
_pdbx_struct_sheet_hbond.range_1_auth_atom_id 
_pdbx_struct_sheet_hbond.range_1_auth_comp_id 
_pdbx_struct_sheet_hbond.range_1_auth_asym_id 
_pdbx_struct_sheet_hbond.range_1_auth_seq_id 
_pdbx_struct_sheet_hbond.range_2_label_atom_id 
_pdbx_struct_sheet_hbond.range_2_label_comp_id 
_pdbx_struct_sheet_hbond.range_2_label_asym_id 
_pdbx_struct_sheet_hbond.range_2_label_seq_id 
_pdbx_struct_sheet_hbond.range_2_PDB_ins_code 
_pdbx_struct_sheet_hbond.range_2_auth_atom_id 
_pdbx_struct_sheet_hbond.range_2_auth_comp_id 
_pdbx_struct_sheet_hbond.range_2_auth_asym_id 
_pdbx_struct_sheet_hbond.range_2_auth_seq_id 
AA 1 2 N ALA A 31  ? N ALA A 11  O ALA A 135 ? O ALA A 115 
AA 2 3 N GLU A 142 ? N GLU A 122 O SER A 123 ? O SER A 103 
AB 1 2 N TRP A 97  ? N TRP A 77  O ARG A 105 ? O ARG A 85  
# 
loop_
_struct_site.id 
_struct_site.pdbx_evidence_code 
_struct_site.pdbx_auth_asym_id 
_struct_site.pdbx_auth_comp_id 
_struct_site.pdbx_auth_seq_id 
_struct_site.pdbx_auth_ins_code 
_struct_site.pdbx_num_residues 
_struct_site.details 
AC1 Software A MG  1125 ? 6  'BINDING SITE FOR RESIDUE MG A 1125'  
AC2 Software A COA 1124 ? 36 'BINDING SITE FOR RESIDUE COA A 1124' 
# 
loop_
_struct_site_gen.id 
_struct_site_gen.site_id 
_struct_site_gen.pdbx_num_res 
_struct_site_gen.label_comp_id 
_struct_site_gen.label_asym_id 
_struct_site_gen.label_seq_id 
_struct_site_gen.pdbx_auth_ins_code 
_struct_site_gen.auth_comp_id 
_struct_site_gen.auth_asym_id 
_struct_site_gen.auth_seq_id 
_struct_site_gen.label_atom_id 
_struct_site_gen.label_alt_id 
_struct_site_gen.symmetry 
_struct_site_gen.details 
1  AC1 6  ASP A 29  ? ASP A 9    . ? 11_455 ? 
2  AC1 6  GLU A 77  ? GLU A 57   . ? 11_455 ? 
3  AC1 6  COA B .   ? COA A 1124 . ? 1_555  ? 
4  AC1 6  HOH D .   ? HOH A 2034 . ? 11_455 ? 
5  AC1 6  HOH D .   ? HOH A 2142 . ? 11_455 ? 
6  AC1 6  HOH D .   ? HOH A 2237 . ? 1_555  ? 
7  AC2 36 ASP A 29  ? ASP A 9    . ? 11_455 ? 
8  AC2 36 SER A 68  ? SER A 48   . ? 1_555  ? 
9  AC2 36 ARG A 72  ? ARG A 52   . ? 1_555  ? 
10 AC2 36 LYS A 76  ? LYS A 56   . ? 11_455 ? 
11 AC2 36 GLU A 77  ? GLU A 57   . ? 11_455 ? 
12 AC2 36 ALA A 80  ? ALA A 60   . ? 11_455 ? 
13 AC2 36 LYS A 81  ? LYS A 61   . ? 11_455 ? 
14 AC2 36 GLY A 84  ? GLY A 64   . ? 11_455 ? 
15 AC2 36 ALA A 85  ? ALA A 65   . ? 11_455 ? 
16 AC2 36 LEU A 89  ? LEU A 69   . ? 11_455 ? 
17 AC2 36 LEU A 90  ? LEU A 70   . ? 11_455 ? 
18 AC2 36 TRP A 91  ? TRP A 71   . ? 11_455 ? 
19 AC2 36 GLY A 101 ? GLY A 81   . ? 1_555  ? 
20 AC2 36 GLY A 102 ? GLY A 82   . ? 1_555  ? 
21 AC2 36 ARG A 103 ? ARG A 83   . ? 1_555  ? 
22 AC2 36 PRO A 104 ? PRO A 84   . ? 1_555  ? 
23 AC2 36 LEU A 128 ? LEU A 108  . ? 1_555  ? 
24 AC2 36 SER A 129 ? SER A 109  . ? 1_555  ? 
25 AC2 36 ALA A 130 ? ALA A 110  . ? 1_555  ? 
26 AC2 36 MG  C .   ? MG  A 1125 . ? 1_555  ? 
27 AC2 36 HOH D .   ? HOH A 2034 . ? 11_455 ? 
28 AC2 36 HOH D .   ? HOH A 2148 . ? 11_455 ? 
29 AC2 36 HOH D .   ? HOH A 2150 . ? 11_455 ? 
30 AC2 36 HOH D .   ? HOH A 2151 . ? 11_455 ? 
31 AC2 36 HOH D .   ? HOH A 2221 . ? 1_555  ? 
32 AC2 36 HOH D .   ? HOH A 2227 . ? 1_555  ? 
33 AC2 36 HOH D .   ? HOH A 2228 . ? 1_555  ? 
34 AC2 36 HOH D .   ? HOH A 2229 . ? 1_555  ? 
35 AC2 36 HOH D .   ? HOH A 2230 . ? 1_555  ? 
36 AC2 36 HOH D .   ? HOH A 2231 . ? 1_555  ? 
37 AC2 36 HOH D .   ? HOH A 2232 . ? 1_555  ? 
38 AC2 36 HOH D .   ? HOH A 2233 . ? 1_555  ? 
39 AC2 36 HOH D .   ? HOH A 2234 . ? 1_555  ? 
40 AC2 36 HOH D .   ? HOH A 2235 . ? 1_555  ? 
41 AC2 36 HOH D .   ? HOH A 2236 . ? 1_555  ? 
42 AC2 36 HOH D .   ? HOH A 2237 . ? 1_555  ? 
# 
_atom_sites.entry_id                    2WDS 
_atom_sites.fract_transf_matrix[1][1]   -0.00961977 
_atom_sites.fract_transf_matrix[1][2]   0.00538771 
_atom_sites.fract_transf_matrix[1][3]   0.00821889 
_atom_sites.fract_transf_matrix[2][1]   0.00613197 
_atom_sites.fract_transf_matrix[2][2]   0.01227830 
_atom_sites.fract_transf_matrix[2][3]   -0.00087162 
_atom_sites.fract_transf_matrix[3][1]   -0.00767961 
_atom_sites.fract_transf_matrix[3][2]   0.00305506 
_atom_sites.fract_transf_matrix[3][3]   -0.01099126 
_atom_sites.fract_transf_vector[1]      -0.296446 
_atom_sites.fract_transf_vector[2]      0.113597 
_atom_sites.fract_transf_vector[3]      0.115890 
# 
loop_
_atom_type.symbol 
C  
MG 
N  
O  
P  
S  
# 
loop_
_atom_site.group_PDB 
_atom_site.id 
_atom_site.type_symbol 
_atom_site.label_atom_id 
_atom_site.label_alt_id 
_atom_site.label_comp_id 
_atom_site.label_asym_id 
_atom_site.label_entity_id 
_atom_site.label_seq_id 
_atom_site.pdbx_PDB_ins_code 
_atom_site.Cartn_x 
_atom_site.Cartn_y 
_atom_site.Cartn_z 
_atom_site.occupancy 
_atom_site.B_iso_or_equiv 
_atom_site.pdbx_formal_charge 
_atom_site.auth_seq_id 
_atom_site.auth_comp_id 
_atom_site.auth_asym_id 
_atom_site.auth_atom_id 
_atom_site.pdbx_PDB_model_num 
ATOM   1    N  N   . MET A 1 21  ? -7.570  -5.363  -22.409 1.00 19.53  ? 1    MET A N   1 
ATOM   2    C  CA  . MET A 1 21  ? -7.831  -4.980  -20.991 1.00 19.64  ? 1    MET A CA  1 
ATOM   3    C  C   . MET A 1 21  ? -8.519  -3.624  -20.844 1.00 17.83  ? 1    MET A C   1 
ATOM   4    O  O   . MET A 1 21  ? -8.459  -2.761  -21.735 1.00 18.99  ? 1    MET A O   1 
ATOM   5    C  CB  . MET A 1 21  ? -6.533  -4.970  -20.180 1.00 19.79  ? 1    MET A CB  1 
ATOM   6    C  CG  . MET A 1 21  ? -5.898  -6.345  -19.964 1.00 19.20  ? 1    MET A CG  1 
ATOM   7    S  SD  . MET A 1 21  ? -4.599  -6.314  -18.721 1.00 21.52  ? 1    MET A SD  1 
ATOM   8    C  CE  . MET A 1 21  ? -3.345  -5.367  -19.576 1.00 24.25  ? 1    MET A CE  1 
ATOM   9    N  N   . SER A 1 22  ? -9.177  -3.461  -19.702 1.00 16.09  ? 2    SER A N   1 
ATOM   10   C  CA  A SER A 1 22  ? -9.809  -2.199  -19.339 0.50 15.10  ? 2    SER A CA  1 
ATOM   11   C  CA  B SER A 1 22  ? -9.813  -2.200  -19.338 0.50 14.99  ? 2    SER A CA  1 
ATOM   12   C  C   . SER A 1 22  ? -9.443  -1.856  -17.902 1.00 12.74  ? 2    SER A C   1 
ATOM   13   O  O   . SER A 1 22  ? -8.907  -2.688  -17.179 1.00 12.21  ? 2    SER A O   1 
ATOM   14   C  CB  A SER A 1 22  ? -11.330 -2.290  -19.492 0.50 16.67  ? 2    SER A CB  1 
ATOM   15   C  CB  B SER A 1 22  ? -11.332 -2.306  -19.479 0.50 16.53  ? 2    SER A CB  1 
ATOM   16   O  OG  A SER A 1 22  ? -11.873 -3.303  -18.662 0.50 19.87  ? 2    SER A OG  1 
ATOM   17   O  OG  B SER A 1 22  ? -11.696 -2.772  -20.766 0.50 19.02  ? 2    SER A OG  1 
ATOM   18   N  N   . ILE A 1 23  ? -9.729  -0.627  -17.483 1.00 11.17  ? 3    ILE A N   1 
ATOM   19   C  CA  . ILE A 1 23  ? -9.537  -0.250  -16.093 1.00 10.22  ? 3    ILE A CA  1 
ATOM   20   C  C   . ILE A 1 23  ? -10.656 -0.879  -15.279 1.00 9.91   ? 3    ILE A C   1 
ATOM   21   O  O   . ILE A 1 23  ? -11.829 -0.807  -15.659 1.00 10.98  ? 3    ILE A O   1 
ATOM   22   C  CB  . ILE A 1 23  ? -9.511  1.279   -15.932 1.00 10.36  ? 3    ILE A CB  1 
ATOM   23   C  CG1 . ILE A 1 23  ? -8.262  1.826   -16.620 1.00 12.51  ? 3    ILE A CG1 1 
ATOM   24   C  CG2 . ILE A 1 23  ? -9.540  1.678   -14.457 1.00 10.23  ? 3    ILE A CG2 1 
ATOM   25   C  CD1 . ILE A 1 23  ? -8.285  3.316   -16.846 1.00 13.43  ? 3    ILE A CD1 1 
ATOM   26   N  N   . ILE A 1 24  ? -10.282 -1.501  -14.169 1.00 9.18   ? 4    ILE A N   1 
ATOM   27   C  CA  . ILE A 1 24  ? -11.251 -2.098  -13.265 1.00 9.46   ? 4    ILE A CA  1 
ATOM   28   C  C   . ILE A 1 24  ? -11.510 -1.205  -12.059 1.00 9.74   ? 4    ILE A C   1 
ATOM   29   O  O   . ILE A 1 24  ? -12.628 -1.125  -11.571 1.00 10.05  ? 4    ILE A O   1 
ATOM   30   C  CB  . ILE A 1 24  ? -10.799 -3.505  -12.877 1.00 10.51  ? 4    ILE A CB  1 
ATOM   31   C  CG1 . ILE A 1 24  ? -10.908 -4.404  -14.113 1.00 14.65  ? 4    ILE A CG1 1 
ATOM   32   C  CG2 . ILE A 1 24  ? -11.624 -4.066  -11.698 1.00 11.09  ? 4    ILE A CG2 1 
ATOM   33   C  CD1 . ILE A 1 24  ? -10.176 -5.686  -14.000 1.00 20.49  ? 4    ILE A CD1 1 
ATOM   34   N  N   . GLY A 1 25  ? -10.482 -0.507  -11.598 1.00 8.61   ? 5    GLY A N   1 
ATOM   35   C  CA  . GLY A 1 25  ? -10.652 0.393   -10.472 1.00 8.30   ? 5    GLY A CA  1 
ATOM   36   C  C   . GLY A 1 25  ? -9.479  1.322   -10.332 1.00 8.81   ? 5    GLY A C   1 
ATOM   37   O  O   . GLY A 1 25  ? -8.378  1.023   -10.802 1.00 8.11   ? 5    GLY A O   1 
ATOM   38   N  N   . VAL A 1 26  ? -9.724  2.451   -9.676  1.00 8.60   ? 6    VAL A N   1 
ATOM   39   C  CA  . VAL A 1 26  ? -8.680  3.382   -9.292  1.00 8.90   ? 6    VAL A CA  1 
ATOM   40   C  C   . VAL A 1 26  ? -8.836  3.672   -7.794  1.00 8.20   ? 6    VAL A C   1 
ATOM   41   O  O   . VAL A 1 26  ? -9.950  3.651   -7.243  1.00 8.64   ? 6    VAL A O   1 
ATOM   42   C  CB  . VAL A 1 26  ? -8.696  4.694   -10.154 1.00 9.30   ? 6    VAL A CB  1 
ATOM   43   C  CG1 . VAL A 1 26  ? -9.956  5.517   -9.927  1.00 10.14  ? 6    VAL A CG1 1 
ATOM   44   C  CG2 . VAL A 1 26  ? -7.446  5.549   -9.901  1.00 10.59  ? 6    VAL A CG2 1 
ATOM   45   N  N   . GLY A 1 27  ? -7.708  3.911   -7.135  1.00 8.55   ? 7    GLY A N   1 
ATOM   46   C  CA  . GLY A 1 27  ? -7.696  4.343   -5.742  1.00 8.41   ? 7    GLY A CA  1 
ATOM   47   C  C   . GLY A 1 27  ? -6.709  5.464   -5.538  1.00 8.04   ? 7    GLY A C   1 
ATOM   48   O  O   . GLY A 1 27  ? -5.651  5.498   -6.176  1.00 8.36   ? 7    GLY A O   1 
ATOM   49   N  N   . ILE A 1 28  ? -7.059  6.384   -4.647  1.00 8.62   ? 8    ILE A N   1 
ATOM   50   C  CA  . ILE A 1 28  ? -6.138  7.422   -4.206  1.00 9.17   ? 8    ILE A CA  1 
ATOM   51   C  C   . ILE A 1 28  ? -6.197  7.473   -2.685  1.00 9.82   ? 8    ILE A C   1 
ATOM   52   O  O   . ILE A 1 28  ? -7.243  7.217   -2.088  1.00 10.80  ? 8    ILE A O   1 
ATOM   53   C  CB  . ILE A 1 28  ? -6.457  8.812   -4.845  1.00 9.67   ? 8    ILE A CB  1 
ATOM   54   C  CG1 . ILE A 1 28  ? -5.321  9.817   -4.587  1.00 13.05  ? 8    ILE A CG1 1 
ATOM   55   C  CG2 . ILE A 1 28  ? -7.795  9.361   -4.361  1.00 9.64   ? 8    ILE A CG2 1 
ATOM   56   C  CD1 . ILE A 1 28  ? -5.326  11.044  -5.491  1.00 15.00  ? 8    ILE A CD1 1 
ATOM   57   N  N   . ASP A 1 29  ? -5.073  7.785   -2.054  1.00 8.94   ? 9    ASP A N   1 
ATOM   58   C  CA  . ASP A 1 29  ? -5.080  8.009   -0.619  1.00 10.11  ? 9    ASP A CA  1 
ATOM   59   C  C   . ASP A 1 29  ? -4.018  9.007   -0.244  1.00 11.47  ? 9    ASP A C   1 
ATOM   60   O  O   . ASP A 1 29  ? -2.923  8.994   -0.804  1.00 11.07  ? 9    ASP A O   1 
ATOM   61   C  CB  . ASP A 1 29  ? -4.897  6.698   0.156   1.00 11.14  ? 9    ASP A CB  1 
ATOM   62   C  CG  . ASP A 1 29  ? -5.199  6.863   1.629   1.00 13.33  ? 9    ASP A CG  1 
ATOM   63   O  OD1 . ASP A 1 29  ? -6.326  7.311   1.942   1.00 14.97  ? 9    ASP A OD1 1 
ATOM   64   O  OD2 . ASP A 1 29  ? -4.328  6.558   2.485   1.00 13.19  ? 9    ASP A OD2 1 
ATOM   65   N  N   . VAL A 1 30  ? -4.387  9.877   0.695   1.00 13.25  ? 10   VAL A N   1 
ATOM   66   C  CA  A VAL A 1 30  ? -3.489  10.869  1.295   0.50 14.21  ? 10   VAL A CA  1 
ATOM   67   C  CA  B VAL A 1 30  ? -3.450  10.821  1.291   0.50 14.61  ? 10   VAL A CA  1 
ATOM   68   C  C   . VAL A 1 30  ? -3.414  10.582  2.795   1.00 15.95  ? 10   VAL A C   1 
ATOM   69   O  O   . VAL A 1 30  ? -4.456  10.467  3.450   1.00 17.48  ? 10   VAL A O   1 
ATOM   70   C  CB  A VAL A 1 30  ? -4.013  12.315  1.066   0.50 14.94  ? 10   VAL A CB  1 
ATOM   71   C  CB  B VAL A 1 30  ? -3.774  12.302  0.935   0.50 15.39  ? 10   VAL A CB  1 
ATOM   72   C  CG1 A VAL A 1 30  ? -3.066  13.351  1.678   0.50 14.94  ? 10   VAL A CG1 1 
ATOM   73   C  CG1 B VAL A 1 30  ? -3.453  12.587  -0.534  0.50 15.58  ? 10   VAL A CG1 1 
ATOM   74   C  CG2 A VAL A 1 30  ? -4.225  12.595  -0.421  0.50 14.22  ? 10   VAL A CG2 1 
ATOM   75   C  CG2 B VAL A 1 30  ? -5.226  12.654  1.256   0.50 16.54  ? 10   VAL A CG2 1 
ATOM   76   N  N   . ALA A 1 31  ? -2.204  10.463  3.329   1.00 16.23  ? 11   ALA A N   1 
ATOM   77   C  CA  . ALA A 1 31  ? -2.006  10.171  4.746   1.00 17.12  ? 11   ALA A CA  1 
ATOM   78   C  C   . ALA A 1 31  ? -1.125  11.229  5.389   1.00 16.95  ? 11   ALA A C   1 
ATOM   79   O  O   . ALA A 1 31  ? -0.040  11.527  4.896   1.00 16.61  ? 11   ALA A O   1 
ATOM   80   C  CB  . ALA A 1 31  ? -1.392  8.789   4.921   1.00 18.79  ? 11   ALA A CB  1 
ATOM   81   N  N   . GLU A 1 32  ? -1.609  11.806  6.485   1.00 17.59  ? 12   GLU A N   1 
ATOM   82   C  CA  . GLU A 1 32  ? -0.806  12.754  7.248   1.00 17.84  ? 12   GLU A CA  1 
ATOM   83   C  C   . GLU A 1 32  ? 0.300   11.983  7.967   1.00 15.45  ? 12   GLU A C   1 
ATOM   84   O  O   . GLU A 1 32  ? 0.025   11.080  8.760   1.00 16.74  ? 12   GLU A O   1 
ATOM   85   C  CB  . GLU A 1 32  ? -1.685  13.516  8.239   1.00 18.61  ? 12   GLU A CB  1 
ATOM   86   C  CG  . GLU A 1 32  ? -1.020  14.752  8.829   1.00 23.05  ? 12   GLU A CG  1 
ATOM   87   C  CD  . GLU A 1 32  ? -1.827  15.379  9.950   1.00 24.30  ? 12   GLU A CD  1 
ATOM   88   O  OE1 . GLU A 1 32  ? -3.062  15.189  9.992   1.00 33.02  ? 12   GLU A OE1 1 
ATOM   89   O  OE2 . GLU A 1 32  ? -1.216  16.070  10.792  1.00 33.78  ? 12   GLU A OE2 1 
ATOM   90   N  N   . VAL A 1 33  ? 1.545   12.322  7.661   1.00 16.10  ? 13   VAL A N   1 
ATOM   91   C  CA  . VAL A 1 33  ? 2.701   11.573  8.156   1.00 17.01  ? 13   VAL A CA  1 
ATOM   92   C  C   . VAL A 1 33  ? 2.815   11.559  9.693   1.00 18.18  ? 13   VAL A C   1 
ATOM   93   O  O   . VAL A 1 33  ? 2.965   10.489  10.296  1.00 18.44  ? 13   VAL A O   1 
ATOM   94   C  CB  . VAL A 1 33  ? 4.013   12.053  7.479   1.00 16.88  ? 13   VAL A CB  1 
ATOM   95   C  CG1 . VAL A 1 33  ? 5.226   11.385  8.085   1.00 18.70  ? 13   VAL A CG1 1 
ATOM   96   C  CG2 . VAL A 1 33  ? 3.963   11.766  5.983   1.00 15.47  ? 13   VAL A CG2 1 
ATOM   97   N  N   . GLU A 1 34  ? 2.721   12.735  10.318  1.00 19.89  ? 14   GLU A N   1 
ATOM   98   C  CA  A GLU A 1 34  ? 2.889   12.849  11.768  0.50 20.50  ? 14   GLU A CA  1 
ATOM   99   C  CA  B GLU A 1 34  ? 2.892   12.848  11.766  0.50 19.97  ? 14   GLU A CA  1 
ATOM   100  C  C   . GLU A 1 34  ? 1.880   11.975  12.509  1.00 19.75  ? 14   GLU A C   1 
ATOM   101  O  O   . GLU A 1 34  ? 2.244   11.250  13.441  1.00 20.09  ? 14   GLU A O   1 
ATOM   102  C  CB  A GLU A 1 34  ? 2.782   14.312  12.217  0.50 20.89  ? 14   GLU A CB  1 
ATOM   103  C  CB  B GLU A 1 34  ? 2.806   14.315  12.206  0.50 20.94  ? 14   GLU A CB  1 
ATOM   104  C  CG  A GLU A 1 34  ? 3.389   14.593  13.593  0.50 22.69  ? 14   GLU A CG  1 
ATOM   105  C  CG  B GLU A 1 34  ? 3.235   14.579  13.651  0.50 24.02  ? 14   GLU A CG  1 
ATOM   106  C  CD  A GLU A 1 34  ? 3.208   16.034  14.043  0.50 23.35  ? 14   GLU A CD  1 
ATOM   107  C  CD  B GLU A 1 34  ? 2.114   14.357  14.653  0.50 27.42  ? 14   GLU A CD  1 
ATOM   108  O  OE1 A GLU A 1 34  ? 4.195   16.634  14.518  0.50 28.42  ? 14   GLU A OE1 1 
ATOM   109  O  OE1 B GLU A 1 34  ? 2.404   13.905  15.781  0.50 29.71  ? 14   GLU A OE1 1 
ATOM   110  O  OE2 A GLU A 1 34  ? 2.085   16.571  13.922  0.50 26.72  ? 14   GLU A OE2 1 
ATOM   111  O  OE2 B GLU A 1 34  ? 0.943   14.633  14.315  0.50 29.27  ? 14   GLU A OE2 1 
ATOM   112  N  N   . ARG A 1 35  ? 0.621   12.039  12.085  1.00 18.93  ? 15   ARG A N   1 
ATOM   113  C  CA  . ARG A 1 35  ? -0.456  11.252  12.679  1.00 20.26  ? 15   ARG A CA  1 
ATOM   114  C  C   . ARG A 1 35  ? -0.225  9.745   12.509  1.00 19.47  ? 15   ARG A C   1 
ATOM   115  O  O   . ARG A 1 35  ? -0.485  8.959   13.429  1.00 19.85  ? 15   ARG A O   1 
ATOM   116  C  CB  . ARG A 1 35  ? -1.794  11.679  12.074  1.00 21.88  ? 15   ARG A CB  1 
ATOM   117  C  CG  . ARG A 1 35  ? -2.998  10.849  12.481  1.00 26.81  ? 15   ARG A CG  1 
ATOM   118  C  CD  . ARG A 1 35  ? -4.290  11.548  12.074  1.00 32.86  ? 15   ARG A CD  1 
ATOM   119  N  NE  . ARG A 1 35  ? -5.404  10.616  11.912  0.50 34.65  ? 15   ARG A NE  1 
ATOM   120  C  CZ  . ARG A 1 35  ? -5.851  10.173  10.739  0.50 35.62  ? 15   ARG A CZ  1 
ATOM   121  N  NH1 . ARG A 1 35  ? -5.281  10.573  9.608   0.50 34.91  ? 15   ARG A NH1 1 
ATOM   122  N  NH2 . ARG A 1 35  ? -6.872  9.328   10.695  0.50 36.53  ? 15   ARG A NH2 1 
ATOM   123  N  N   . PHE A 1 36  ? 0.265   9.346   11.336  1.00 17.60  ? 16   PHE A N   1 
ATOM   124  C  CA  . PHE A 1 36  ? 0.576   7.942   11.085  1.00 16.96  ? 16   PHE A CA  1 
ATOM   125  C  C   . PHE A 1 36  ? 1.682   7.458   12.017  1.00 15.72  ? 16   PHE A C   1 
ATOM   126  O  O   . PHE A 1 36  ? 1.554   6.392   12.624  1.00 15.36  ? 16   PHE A O   1 
ATOM   127  C  CB  . PHE A 1 36  ? 0.958   7.708   9.620   1.00 15.47  ? 16   PHE A CB  1 
ATOM   128  C  CG  . PHE A 1 36  ? 1.146   6.260   9.279   1.00 13.12  ? 16   PHE A CG  1 
ATOM   129  C  CD1 . PHE A 1 36  ? 0.050   5.414   9.222   1.00 14.93  ? 16   PHE A CD1 1 
ATOM   130  C  CD2 . PHE A 1 36  ? 2.408   5.733   9.052   1.00 14.46  ? 16   PHE A CD2 1 
ATOM   131  C  CE1 . PHE A 1 36  ? 0.204   4.064   8.928   1.00 16.49  ? 16   PHE A CE1 1 
ATOM   132  C  CE2 . PHE A 1 36  ? 2.559   4.371   8.741   1.00 13.46  ? 16   PHE A CE2 1 
ATOM   133  C  CZ  . PHE A 1 36  ? 1.454   3.556   8.683   1.00 14.84  ? 16   PHE A CZ  1 
ATOM   134  N  N   . GLY A 1 37  ? 2.749   8.241   12.137  1.00 16.36  ? 17   GLY A N   1 
ATOM   135  C  CA  . GLY A 1 37  ? 3.828   7.927   13.069  1.00 16.85  ? 17   GLY A CA  1 
ATOM   136  C  C   . GLY A 1 37  ? 3.351   7.790   14.501  1.00 18.50  ? 17   GLY A C   1 
ATOM   137  O  O   . GLY A 1 37  ? 3.760   6.871   15.214  1.00 19.19  ? 17   GLY A O   1 
ATOM   138  N  N   . ALA A 1 38  ? 2.471   8.695   14.915  1.00 18.39  ? 18   ALA A N   1 
ATOM   139  C  CA  . ALA A 1 38  ? 1.919   8.657   16.268  1.00 18.87  ? 18   ALA A CA  1 
ATOM   140  C  C   . ALA A 1 38  ? 1.135   7.367   16.512  1.00 19.53  ? 18   ALA A C   1 
ATOM   141  O  O   . ALA A 1 38  ? 1.224   6.778   17.593  1.00 19.58  ? 18   ALA A O   1 
ATOM   142  C  CB  . ALA A 1 38  ? 1.053   9.880   16.518  1.00 18.50  ? 18   ALA A CB  1 
ATOM   143  N  N   . ALA A 1 39  ? 0.387   6.917   15.504  1.00 18.15  ? 19   ALA A N   1 
ATOM   144  C  CA  . ALA A 1 39  ? -0.380  5.673   15.607  1.00 16.98  ? 19   ALA A CA  1 
ATOM   145  C  C   . ALA A 1 39  ? 0.544   4.467   15.781  1.00 16.33  ? 19   ALA A C   1 
ATOM   146  O  O   . ALA A 1 39  ? 0.287   3.589   16.612  1.00 17.04  ? 19   ALA A O   1 
ATOM   147  C  CB  . ALA A 1 39  ? -1.293  5.496   14.385  1.00 17.48  ? 19   ALA A CB  1 
ATOM   148  N  N   . LEU A 1 40  ? 1.635   4.435   15.020  1.00 15.66  ? 20   LEU A N   1 
ATOM   149  C  CA  . LEU A 1 40  ? 2.616   3.358   15.133  1.00 16.62  ? 20   LEU A CA  1 
ATOM   150  C  C   . LEU A 1 40  ? 3.272   3.317   16.511  1.00 18.65  ? 20   LEU A C   1 
ATOM   151  O  O   . LEU A 1 40  ? 3.519   2.231   17.045  1.00 17.80  ? 20   LEU A O   1 
ATOM   152  C  CB  . LEU A 1 40  ? 3.701   3.494   14.063  1.00 16.97  ? 20   LEU A CB  1 
ATOM   153  C  CG  . LEU A 1 40  ? 3.313   3.276   12.598  1.00 16.43  ? 20   LEU A CG  1 
ATOM   154  C  CD1 . LEU A 1 40  ? 4.528   3.482   11.714  1.00 18.78  ? 20   LEU A CD1 1 
ATOM   155  C  CD2 . LEU A 1 40  ? 2.740   1.874   12.403  1.00 17.33  ? 20   LEU A CD2 1 
ATOM   156  N  N   . GLU A 1 41  ? 3.554   4.496   17.067  1.00 19.40  ? 21   GLU A N   1 
ATOM   157  C  CA  A GLU A 1 41  ? 4.195   4.613   18.379  0.50 21.20  ? 21   GLU A CA  1 
ATOM   158  C  CA  B GLU A 1 41  ? 4.205   4.589   18.374  0.50 20.89  ? 21   GLU A CA  1 
ATOM   159  C  C   . GLU A 1 41  ? 3.256   4.167   19.495  1.00 21.19  ? 21   GLU A C   1 
ATOM   160  O  O   . GLU A 1 41  ? 3.675   3.508   20.450  1.00 22.17  ? 21   GLU A O   1 
ATOM   161  C  CB  A GLU A 1 41  ? 4.650   6.056   18.620  0.50 21.60  ? 21   GLU A CB  1 
ATOM   162  C  CB  B GLU A 1 41  ? 4.761   6.001   18.607  0.50 21.15  ? 21   GLU A CB  1 
ATOM   163  C  CG  A GLU A 1 41  ? 5.880   6.480   17.818  0.50 24.22  ? 21   GLU A CG  1 
ATOM   164  C  CG  B GLU A 1 41  ? 5.501   6.215   19.942  0.50 21.85  ? 21   GLU A CG  1 
ATOM   165  C  CD  A GLU A 1 41  ? 7.178   5.936   18.389  0.50 27.98  ? 21   GLU A CD  1 
ATOM   166  C  CD  B GLU A 1 41  ? 6.693   5.283   20.153  0.50 26.26  ? 21   GLU A CD  1 
ATOM   167  O  OE1 A GLU A 1 41  ? 7.472   6.208   19.573  0.50 29.34  ? 21   GLU A OE1 1 
ATOM   168  O  OE1 B GLU A 1 41  ? 7.348   4.885   19.165  0.50 27.13  ? 21   GLU A OE1 1 
ATOM   169  O  OE2 A GLU A 1 41  ? 7.912   5.248   17.649  0.50 28.38  ? 21   GLU A OE2 1 
ATOM   170  O  OE2 B GLU A 1 41  ? 6.981   4.951   21.324  0.50 27.36  ? 21   GLU A OE2 1 
ATOM   171  N  N   . ARG A 1 42  ? 1.983   4.525   19.364  1.00 20.82  ? 22   ARG A N   1 
ATOM   172  C  CA  . ARG A 1 42  ? 0.968   4.229   20.380  1.00 21.83  ? 22   ARG A CA  1 
ATOM   173  C  C   . ARG A 1 42  ? 0.717   2.729   20.591  1.00 21.59  ? 22   ARG A C   1 
ATOM   174  O  O   . ARG A 1 42  ? 0.496   2.288   21.721  1.00 22.75  ? 22   ARG A O   1 
ATOM   175  C  CB  . ARG A 1 42  ? -0.341  4.959   20.047  1.00 21.89  ? 22   ARG A CB  1 
ATOM   176  C  CG  . ARG A 1 42  ? -1.418  4.903   21.128  1.00 26.74  ? 22   ARG A CG  1 
ATOM   177  C  CD  . ARG A 1 42  ? -2.322  6.129   21.052  1.00 32.57  ? 22   ARG A CD  1 
ATOM   178  N  NE  . ARG A 1 42  ? -3.504  6.013   21.908  1.00 39.83  ? 22   ARG A NE  1 
ATOM   179  C  CZ  . ARG A 1 42  ? -3.569  6.408   23.180  1.00 43.14  ? 22   ARG A CZ  1 
ATOM   180  N  NH1 . ARG A 1 42  ? -2.514  6.950   23.781  1.00 43.70  ? 22   ARG A NH1 1 
ATOM   181  N  NH2 . ARG A 1 42  ? -4.700  6.254   23.856  1.00 44.46  ? 22   ARG A NH2 1 
ATOM   182  N  N   . THR A 1 43  ? 0.753   1.953   19.507  1.00 20.36  ? 23   THR A N   1 
ATOM   183  C  CA  . THR A 1 43  ? 0.469   0.516   19.563  1.00 19.62  ? 23   THR A CA  1 
ATOM   184  C  C   . THR A 1 43  ? 1.616   -0.272  18.923  1.00 17.89  ? 23   THR A C   1 
ATOM   185  O  O   . THR A 1 43  ? 1.690   -0.361  17.692  1.00 15.92  ? 23   THR A O   1 
ATOM   186  C  CB  . THR A 1 43  ? -0.862  0.173   18.849  1.00 20.54  ? 23   THR A CB  1 
ATOM   187  O  OG1 . THR A 1 43  ? -1.924  0.986   19.374  1.00 22.83  ? 23   THR A OG1 1 
ATOM   188  C  CG2 . THR A 1 43  ? -1.219  -1.295  19.030  1.00 23.40  ? 23   THR A CG2 1 
ATOM   189  N  N   . PRO A 1 44  ? 2.521   -0.846  19.745  1.00 16.30  ? 24   PRO A N   1 
ATOM   190  C  CA  . PRO A 1 44  ? 3.672   -1.571  19.198  1.00 16.59  ? 24   PRO A CA  1 
ATOM   191  C  C   . PRO A 1 44  ? 3.312   -2.581  18.096  1.00 15.47  ? 24   PRO A C   1 
ATOM   192  O  O   . PRO A 1 44  ? 4.061   -2.715  17.124  1.00 15.39  ? 24   PRO A O   1 
ATOM   193  C  CB  . PRO A 1 44  ? 4.255   -2.271  20.432  1.00 16.76  ? 24   PRO A CB  1 
ATOM   194  C  CG  . PRO A 1 44  ? 3.917   -1.331  21.551  1.00 18.43  ? 24   PRO A CG  1 
ATOM   195  C  CD  . PRO A 1 44  ? 2.547   -0.822  21.224  1.00 16.20  ? 24   PRO A CD  1 
ATOM   196  N  N   . ALA A 1 45  ? 2.170   -3.251  18.245  1.00 16.08  ? 25   ALA A N   1 
ATOM   197  C  CA  . ALA A 1 45  ? 1.725   -4.293  17.310  1.00 16.79  ? 25   ALA A CA  1 
ATOM   198  C  C   . ALA A 1 45  ? 1.265   -3.782  15.946  1.00 16.37  ? 25   ALA A C   1 
ATOM   199  O  O   . ALA A 1 45  ? 1.161   -4.566  14.991  1.00 15.05  ? 25   ALA A O   1 
ATOM   200  C  CB  . ALA A 1 45  ? 0.618   -5.112  17.939  1.00 18.50  ? 25   ALA A CB  1 
ATOM   201  N  N   . LEU A 1 46  ? 0.976   -2.487  15.845  1.00 14.92  ? 26   LEU A N   1 
ATOM   202  C  CA  . LEU A 1 46  ? 0.383   -1.946  14.622  1.00 15.25  ? 26   LEU A CA  1 
ATOM   203  C  C   . LEU A 1 46  ? 1.249   -2.144  13.373  1.00 13.46  ? 26   LEU A C   1 
ATOM   204  O  O   . LEU A 1 46  ? 0.727   -2.556  12.329  1.00 13.97  ? 26   LEU A O   1 
ATOM   205  C  CB  . LEU A 1 46  ? -0.004  -0.472  14.784  1.00 14.94  ? 26   LEU A CB  1 
ATOM   206  C  CG  . LEU A 1 46  ? -0.750  0.153   13.597  1.00 15.82  ? 26   LEU A CG  1 
ATOM   207  C  CD1 . LEU A 1 46  ? -2.025  -0.624  13.236  1.00 19.54  ? 26   LEU A CD1 1 
ATOM   208  C  CD2 . LEU A 1 46  ? -1.093  1.600   13.896  1.00 17.62  ? 26   LEU A CD2 1 
ATOM   209  N  N   . ALA A 1 47  ? 2.546   -1.858  13.465  1.00 13.15  ? 27   ALA A N   1 
ATOM   210  C  CA  . ALA A 1 47  ? 3.422   -1.988  12.302  1.00 13.60  ? 27   ALA A CA  1 
ATOM   211  C  C   . ALA A 1 47  ? 3.343   -3.390  11.695  1.00 13.27  ? 27   ALA A C   1 
ATOM   212  O  O   . ALA A 1 47  ? 3.255   -3.547  10.473  1.00 13.71  ? 27   ALA A O   1 
ATOM   213  C  CB  . ALA A 1 47  ? 4.845   -1.624  12.661  1.00 13.95  ? 27   ALA A CB  1 
ATOM   214  N  N   . GLY A 1 48  ? 3.334   -4.408  12.550  1.00 13.52  ? 28   GLY A N   1 
ATOM   215  C  CA  . GLY A 1 48  ? 3.285   -5.800  12.099  1.00 14.15  ? 28   GLY A CA  1 
ATOM   216  C  C   . GLY A 1 48  ? 1.928   -6.227  11.580  1.00 15.19  ? 28   GLY A C   1 
ATOM   217  O  O   . GLY A 1 48  ? 1.813   -7.235  10.872  1.00 17.46  ? 28   GLY A O   1 
ATOM   218  N  N   . ARG A 1 49  ? 0.892   -5.475  11.929  1.00 14.73  ? 29   ARG A N   1 
ATOM   219  C  CA  . ARG A 1 49  ? -0.447  -5.708  11.400  1.00 16.28  ? 29   ARG A CA  1 
ATOM   220  C  C   . ARG A 1 49  ? -0.586  -5.141  9.985   1.00 14.87  ? 29   ARG A C   1 
ATOM   221  O  O   . ARG A 1 49  ? -1.293  -5.703  9.156   1.00 15.99  ? 29   ARG A O   1 
ATOM   222  C  CB  . ARG A 1 49  ? -1.510  -5.095  12.314  1.00 17.13  ? 29   ARG A CB  1 
ATOM   223  C  CG  . ARG A 1 49  ? -1.673  -5.811  13.642  1.00 26.94  ? 29   ARG A CG  1 
ATOM   224  C  CD  . ARG A 1 49  ? -3.012  -5.484  14.282  1.00 33.31  ? 29   ARG A CD  1 
ATOM   225  N  NE  . ARG A 1 49  ? -3.035  -5.823  15.704  1.00 39.74  ? 29   ARG A NE  1 
ATOM   226  C  CZ  . ARG A 1 49  ? -2.849  -4.948  16.691  1.00 41.96  ? 29   ARG A CZ  1 
ATOM   227  N  NH1 . ARG A 1 49  ? -2.628  -3.666  16.422  1.00 43.03  ? 29   ARG A NH1 1 
ATOM   228  N  NH2 . ARG A 1 49  ? -2.885  -5.356  17.953  1.00 42.65  ? 29   ARG A NH2 1 
ATOM   229  N  N   . LEU A 1 50  ? 0.089   -4.025  9.718   1.00 12.25  ? 30   LEU A N   1 
ATOM   230  C  CA  . LEU A 1 50  ? -0.039  -3.315  8.443   1.00 11.34  ? 30   LEU A CA  1 
ATOM   231  C  C   . LEU A 1 50  ? 0.965   -3.766  7.392   1.00 10.46  ? 30   LEU A C   1 
ATOM   232  O  O   . LEU A 1 50  ? 0.667   -3.726  6.194   1.00 10.35  ? 30   LEU A O   1 
ATOM   233  C  CB  . LEU A 1 50  ? 0.139   -1.808  8.644   1.00 11.41  ? 30   LEU A CB  1 
ATOM   234  C  CG  . LEU A 1 50  ? -0.836  -1.104  9.591   1.00 12.26  ? 30   LEU A CG  1 
ATOM   235  C  CD1 . LEU A 1 50  ? -0.453  0.368   9.728   1.00 13.62  ? 30   LEU A CD1 1 
ATOM   236  C  CD2 . LEU A 1 50  ? -2.293  -1.247  9.124   1.00 16.34  ? 30   LEU A CD2 1 
ATOM   237  N  N   . PHE A 1 51  ? 2.148   -4.180  7.831   1.00 10.24  ? 31   PHE A N   1 
ATOM   238  C  CA  . PHE A 1 51  ? 3.300   -4.367  6.957   1.00 10.98  ? 31   PHE A CA  1 
ATOM   239  C  C   . PHE A 1 51  ? 3.962   -5.719  7.118   1.00 12.33  ? 31   PHE A C   1 
ATOM   240  O  O   . PHE A 1 51  ? 4.124   -6.210  8.241   1.00 12.89  ? 31   PHE A O   1 
ATOM   241  C  CB  . PHE A 1 51  ? 4.366   -3.297  7.234   1.00 10.61  ? 31   PHE A CB  1 
ATOM   242  C  CG  . PHE A 1 51  ? 3.876   -1.899  7.055   1.00 9.92   ? 31   PHE A CG  1 
ATOM   243  C  CD1 . PHE A 1 51  ? 3.502   -1.440  5.799   1.00 11.41  ? 31   PHE A CD1 1 
ATOM   244  C  CD2 . PHE A 1 51  ? 3.770   -1.040  8.139   1.00 10.78  ? 31   PHE A CD2 1 
ATOM   245  C  CE1 . PHE A 1 51  ? 3.039   -0.150  5.625   1.00 11.98  ? 31   PHE A CE1 1 
ATOM   246  C  CE2 . PHE A 1 51  ? 3.327   0.262   7.975   1.00 12.45  ? 31   PHE A CE2 1 
ATOM   247  C  CZ  . PHE A 1 51  ? 2.947   0.704   6.705   1.00 12.13  ? 31   PHE A CZ  1 
ATOM   248  N  N   . LEU A 1 52  ? 4.386   -6.303  6.002   1.00 11.60  ? 32   LEU A N   1 
ATOM   249  C  CA  . LEU A 1 52  ? 5.279   -7.457  6.032   1.00 12.02  ? 32   LEU A CA  1 
ATOM   250  C  C   . LEU A 1 52  ? 6.670   -7.013  6.452   1.00 12.74  ? 32   LEU A C   1 
ATOM   251  O  O   . LEU A 1 52  ? 7.049   -5.846  6.284   1.00 12.17  ? 32   LEU A O   1 
ATOM   252  C  CB  . LEU A 1 52  ? 5.361   -8.120  4.656   1.00 12.64  ? 32   LEU A CB  1 
ATOM   253  C  CG  . LEU A 1 52  ? 4.053   -8.714  4.139   1.00 13.69  ? 32   LEU A CG  1 
ATOM   254  C  CD1 . LEU A 1 52  ? 4.204   -9.082  2.681   1.00 18.74  ? 32   LEU A CD1 1 
ATOM   255  C  CD2 . LEU A 1 52  ? 3.625   -9.932  4.952   1.00 17.80  ? 32   LEU A CD2 1 
ATOM   256  N  N   . GLU A 1 53  ? 7.437   -7.953  7.001   1.00 12.61  ? 33   GLU A N   1 
ATOM   257  C  CA  . GLU A 1 53  ? 8.803   -7.674  7.429   1.00 14.33  ? 33   GLU A CA  1 
ATOM   258  C  C   . GLU A 1 53  ? 9.635   -6.988  6.346   1.00 14.10  ? 33   GLU A C   1 
ATOM   259  O  O   . GLU A 1 53  ? 10.379  -6.054  6.644   1.00 14.77  ? 33   GLU A O   1 
ATOM   260  C  CB  . GLU A 1 53  ? 9.487   -8.961  7.895   1.00 15.88  ? 33   GLU A CB  1 
ATOM   261  C  CG  . GLU A 1 53  ? 9.117   -9.380  9.313   1.00 17.09  ? 33   GLU A CG  1 
ATOM   262  C  CD  . GLU A 1 53  ? 7.760   -10.078 9.427   1.00 19.31  ? 33   GLU A CD  1 
ATOM   263  O  OE1 . GLU A 1 53  ? 7.097   -10.353 8.388   1.00 18.14  ? 33   GLU A OE1 1 
ATOM   264  O  OE2 . GLU A 1 53  ? 7.356   -10.363 10.576  1.00 18.40  ? 33   GLU A OE2 1 
ATOM   265  N  N   . SER A 1 54  ? 9.496   -7.439  5.098   1.00 13.28  ? 34   SER A N   1 
ATOM   266  C  CA  . SER A 1 54  ? 10.255  -6.859  3.979   1.00 14.06  ? 34   SER A CA  1 
ATOM   267  C  C   . SER A 1 54  ? 9.965   -5.368  3.754   1.00 13.48  ? 34   SER A C   1 
ATOM   268  O  O   . SER A 1 54  ? 10.864  -4.601  3.395   1.00 14.03  ? 34   SER A O   1 
ATOM   269  C  CB  . SER A 1 54  ? 9.976   -7.635  2.696   1.00 13.99  ? 34   SER A CB  1 
ATOM   270  O  OG  . SER A 1 54  ? 8.596   -7.623  2.376   1.00 16.67  ? 34   SER A OG  1 
ATOM   271  N  N   . GLU A 1 55  ? 8.716   -4.970  3.980   1.00 11.99  ? 35   GLU A N   1 
ATOM   272  C  CA  . GLU A 1 55  ? 8.279   -3.583  3.777   1.00 11.19  ? 35   GLU A CA  1 
ATOM   273  C  C   . GLU A 1 55  ? 8.862   -2.639  4.817   1.00 11.74  ? 35   GLU A C   1 
ATOM   274  O  O   . GLU A 1 55  ? 8.992   -1.436  4.566   1.00 12.42  ? 35   GLU A O   1 
ATOM   275  C  CB  . GLU A 1 55  ? 6.752   -3.494  3.795   1.00 9.74   ? 35   GLU A CB  1 
ATOM   276  C  CG  . GLU A 1 55  ? 6.097   -4.221  2.639   1.00 10.43  ? 35   GLU A CG  1 
ATOM   277  C  CD  . GLU A 1 55  ? 4.597   -4.184  2.720   1.00 10.57  ? 35   GLU A CD  1 
ATOM   278  O  OE1 . GLU A 1 55  ? 4.030   -4.638  3.730   1.00 10.69  ? 35   GLU A OE1 1 
ATOM   279  O  OE2 . GLU A 1 55  ? 3.966   -3.697  1.767   1.00 10.52  ? 35   GLU A OE2 1 
ATOM   280  N  N   . LEU A 1 56  ? 9.208   -3.188  5.984   1.00 13.41  ? 36   LEU A N   1 
ATOM   281  C  CA  . LEU A 1 56  ? 9.718   -2.382  7.096   1.00 14.56  ? 36   LEU A CA  1 
ATOM   282  C  C   . LEU A 1 56  ? 11.204  -2.072  6.965   1.00 14.85  ? 36   LEU A C   1 
ATOM   283  O  O   . LEU A 1 56  ? 11.752  -1.318  7.775   1.00 15.61  ? 36   LEU A O   1 
ATOM   284  C  CB  . LEU A 1 56  ? 9.427   -3.062  8.437   1.00 15.32  ? 36   LEU A CB  1 
ATOM   285  C  CG  . LEU A 1 56  ? 7.945   -3.190  8.801   1.00 15.84  ? 36   LEU A CG  1 
ATOM   286  C  CD1 . LEU A 1 56  ? 7.787   -4.161  9.957   1.00 18.72  ? 36   LEU A CD1 1 
ATOM   287  C  CD2 . LEU A 1 56  ? 7.318   -1.845  9.143   1.00 17.41  ? 36   LEU A CD2 1 
ATOM   288  N  N   . LEU A 1 57  ? 11.835  -2.631  5.935   1.00 15.32  ? 37   LEU A N   1 
ATOM   289  C  CA  . LEU A 1 57  ? 13.266  -2.456  5.707   1.00 17.31  ? 37   LEU A CA  1 
ATOM   290  C  C   . LEU A 1 57  ? 13.556  -1.699  4.420   1.00 17.91  ? 37   LEU A C   1 
ATOM   291  O  O   . LEU A 1 57  ? 12.842  -1.838  3.420   1.00 17.92  ? 37   LEU A O   1 
ATOM   292  C  CB  . LEU A 1 57  ? 13.971  -3.815  5.644   1.00 17.57  ? 37   LEU A CB  1 
ATOM   293  C  CG  . LEU A 1 57  ? 13.887  -4.716  6.881   1.00 19.90  ? 37   LEU A CG  1 
ATOM   294  C  CD1 . LEU A 1 57  ? 14.533  -6.060  6.590   1.00 22.36  ? 37   LEU A CD1 1 
ATOM   295  C  CD2 . LEU A 1 57  ? 14.524  -4.065  8.103   1.00 20.70  ? 37   LEU A CD2 1 
ATOM   296  N  N   . LEU A 1 58  ? 14.622  -0.904  4.455   1.00 19.15  ? 38   LEU A N   1 
ATOM   297  C  CA  . LEU A 1 58  ? 15.185  -0.297  3.260   1.00 20.66  ? 38   LEU A CA  1 
ATOM   298  C  C   . LEU A 1 58  ? 16.039  -1.333  2.515   1.00 22.32  ? 38   LEU A C   1 
ATOM   299  O  O   . LEU A 1 58  ? 16.432  -2.336  3.109   1.00 23.21  ? 38   LEU A O   1 
ATOM   300  C  CB  . LEU A 1 58  ? 16.014  0.933   3.638   1.00 20.84  ? 38   LEU A CB  1 
ATOM   301  C  CG  . LEU A 1 58  ? 15.252  2.122   4.225   1.00 19.91  ? 38   LEU A CG  1 
ATOM   302  C  CD1 . LEU A 1 58  ? 16.218  3.200   4.691   1.00 23.02  ? 38   LEU A CD1 1 
ATOM   303  C  CD2 . LEU A 1 58  ? 14.252  2.687   3.212   1.00 22.67  ? 38   LEU A CD2 1 
ATOM   304  N  N   . PRO A 1 59  ? 16.316  -1.106  1.211   1.00 24.34  ? 39   PRO A N   1 
ATOM   305  C  CA  . PRO A 1 59  ? 17.101  -2.060  0.411   1.00 26.18  ? 39   PRO A CA  1 
ATOM   306  C  C   . PRO A 1 59  ? 18.396  -2.532  1.078   1.00 28.57  ? 39   PRO A C   1 
ATOM   307  O  O   . PRO A 1 59  ? 18.755  -3.710  0.954   1.00 30.40  ? 39   PRO A O   1 
ATOM   308  C  CB  . PRO A 1 59  ? 17.416  -1.282  -0.875  1.00 26.19  ? 39   PRO A CB  1 
ATOM   309  C  CG  . PRO A 1 59  ? 16.915  0.115   -0.658  1.00 28.45  ? 39   PRO A CG  1 
ATOM   310  C  CD  . PRO A 1 59  ? 15.873  0.041   0.400   1.00 24.40  ? 39   PRO A CD  1 
ATOM   311  N  N   . GLY A 1 60  ? 19.071  -1.628  1.787   1.00 29.07  ? 40   GLY A N   1 
ATOM   312  C  CA  . GLY A 1 60  ? 20.343  -1.937  2.442   1.00 30.01  ? 40   GLY A CA  1 
ATOM   313  C  C   . GLY A 1 60  ? 20.222  -2.560  3.822   1.00 30.33  ? 40   GLY A C   1 
ATOM   314  O  O   . GLY A 1 60  ? 21.232  -2.900  4.438   1.00 31.12  ? 40   GLY A O   1 
ATOM   315  N  N   . GLY A 1 61  ? 18.994  -2.695  4.321   1.00 29.39  ? 41   GLY A N   1 
ATOM   316  C  CA  . GLY A 1 61  ? 18.750  -3.381  5.592   1.00 27.41  ? 41   GLY A CA  1 
ATOM   317  C  C   . GLY A 1 61  ? 18.373  -2.523  6.787   1.00 26.78  ? 41   GLY A C   1 
ATOM   318  O  O   . GLY A 1 61  ? 17.981  -3.052  7.827   1.00 26.97  ? 41   GLY A O   1 
ATOM   319  N  N   . GLU A 1 62  ? 18.489  -1.204  6.651   1.00 25.54  ? 42   GLU A N   1 
ATOM   320  C  CA  . GLU A 1 62  ? 18.119  -0.291  7.734   1.00 25.36  ? 42   GLU A CA  1 
ATOM   321  C  C   . GLU A 1 62  ? 16.597  -0.191  7.839   1.00 23.51  ? 42   GLU A C   1 
ATOM   322  O  O   . GLU A 1 62  ? 15.883  -0.605  6.922   1.00 23.62  ? 42   GLU A O   1 
ATOM   323  C  CB  . GLU A 1 62  ? 18.724  1.104   7.527   1.00 26.61  ? 42   GLU A CB  1 
ATOM   324  C  CG  . GLU A 1 62  ? 20.025  1.138   6.733   1.00 30.68  ? 42   GLU A CG  1 
ATOM   325  C  CD  . GLU A 1 62  ? 19.786  1.439   5.265   1.00 35.68  ? 42   GLU A CD  1 
ATOM   326  O  OE1 . GLU A 1 62  ? 19.690  2.634   4.911   1.00 38.11  ? 42   GLU A OE1 1 
ATOM   327  O  OE2 . GLU A 1 62  ? 19.692  0.484   4.467   1.00 34.67  ? 42   GLU A OE2 1 
ATOM   328  N  N   . ARG A 1 63  ? 16.109  0.355   8.951   1.00 22.51  ? 43   ARG A N   1 
ATOM   329  C  CA  . ARG A 1 63  ? 14.669  0.488   9.184   1.00 22.30  ? 43   ARG A CA  1 
ATOM   330  C  C   . ARG A 1 63  ? 14.074  1.585   8.312   1.00 20.15  ? 43   ARG A C   1 
ATOM   331  O  O   . ARG A 1 63  ? 14.598  2.698   8.257   1.00 21.46  ? 43   ARG A O   1 
ATOM   332  C  CB  . ARG A 1 63  ? 14.361  0.780   10.659  1.00 24.06  ? 43   ARG A CB  1 
ATOM   333  C  CG  . ARG A 1 63  ? 14.899  -0.247  11.666  1.00 28.78  ? 43   ARG A CG  1 
ATOM   334  C  CD  . ARG A 1 63  ? 14.284  -1.631  11.494  1.00 31.01  ? 43   ARG A CD  1 
ATOM   335  N  NE  . ARG A 1 63  ? 12.853  -1.648  11.792  1.00 33.62  ? 43   ARG A NE  1 
ATOM   336  C  CZ  . ARG A 1 63  ? 12.057  -2.703  11.625  1.00 34.50  ? 43   ARG A CZ  1 
ATOM   337  N  NH1 . ARG A 1 63  ? 12.540  -3.852  11.160  1.00 34.82  ? 43   ARG A NH1 1 
ATOM   338  N  NH2 . ARG A 1 63  ? 10.770  -2.606  11.925  1.00 35.65  ? 43   ARG A NH2 1 
ATOM   339  N  N   . ARG A 1 64  ? 12.979  1.260   7.628   1.00 17.56  ? 44   ARG A N   1 
ATOM   340  C  CA  . ARG A 1 64  ? 12.257  2.241   6.823   1.00 15.74  ? 44   ARG A CA  1 
ATOM   341  C  C   . ARG A 1 64  ? 11.647  3.333   7.699   1.00 14.93  ? 44   ARG A C   1 
ATOM   342  O  O   . ARG A 1 64  ? 11.077  3.050   8.758   1.00 16.47  ? 44   ARG A O   1 
ATOM   343  C  CB  . ARG A 1 64  ? 11.168  1.543   6.004   1.00 14.76  ? 44   ARG A CB  1 
ATOM   344  C  CG  . ARG A 1 64  ? 10.480  2.451   4.992   1.00 13.61  ? 44   ARG A CG  1 
ATOM   345  C  CD  . ARG A 1 64  ? 9.610   1.662   4.022   1.00 12.17  ? 44   ARG A CD  1 
ATOM   346  N  NE  . ARG A 1 64  ? 10.383  0.727   3.209   1.00 13.65  ? 44   ARG A NE  1 
ATOM   347  C  CZ  . ARG A 1 64  ? 11.063  1.059   2.117   1.00 13.84  ? 44   ARG A CZ  1 
ATOM   348  N  NH1 . ARG A 1 64  ? 11.079  2.320   1.698   1.00 12.45  ? 44   ARG A NH1 1 
ATOM   349  N  NH2 . ARG A 1 64  ? 11.744  0.136   1.454   1.00 16.07  ? 44   ARG A NH2 1 
ATOM   350  N  N   . GLY A 1 65  ? 11.769  4.577   7.239   1.00 15.14  ? 45   GLY A N   1 
ATOM   351  C  CA  . GLY A 1 65  ? 11.259  5.741   7.960   1.00 16.17  ? 45   GLY A CA  1 
ATOM   352  C  C   . GLY A 1 65  ? 9.751   5.911   7.892   1.00 16.15  ? 45   GLY A C   1 
ATOM   353  O  O   . GLY A 1 65  ? 9.082   5.283   7.068   1.00 14.88  ? 45   GLY A O   1 
ATOM   354  N  N   . VAL A 1 66  ? 9.232   6.785   8.750   1.00 14.74  ? 46   VAL A N   1 
ATOM   355  C  CA  A VAL A 1 66  ? 7.793   6.945   8.918   0.50 14.94  ? 46   VAL A CA  1 
ATOM   356  C  CA  B VAL A 1 66  ? 7.792   6.979   8.929   0.50 14.49  ? 46   VAL A CA  1 
ATOM   357  C  C   . VAL A 1 66  ? 7.086   7.469   7.661   1.00 14.93  ? 46   VAL A C   1 
ATOM   358  O  O   . VAL A 1 66  ? 6.012   6.978   7.316   1.00 12.90  ? 46   VAL A O   1 
ATOM   359  C  CB  A VAL A 1 66  ? 7.451   7.813   10.163  0.50 15.75  ? 46   VAL A CB  1 
ATOM   360  C  CB  B VAL A 1 66  ? 7.503   7.957   10.102  0.50 15.01  ? 46   VAL A CB  1 
ATOM   361  C  CG1 A VAL A 1 66  ? 8.041   9.215   10.041  0.50 18.21  ? 46   VAL A CG1 1 
ATOM   362  C  CG1 B VAL A 1 66  ? 6.030   8.354   10.147  0.50 14.36  ? 46   VAL A CG1 1 
ATOM   363  C  CG2 A VAL A 1 66  ? 5.952   7.864   10.389  0.50 16.62  ? 46   VAL A CG2 1 
ATOM   364  C  CG2 B VAL A 1 66  ? 7.936   7.341   11.427  0.50 15.62  ? 46   VAL A CG2 1 
ATOM   365  N  N   . ALA A 1 67  ? 7.676   8.446   6.976   1.00 14.15  ? 47   ALA A N   1 
ATOM   366  C  CA  . ALA A 1 67  ? 7.040   8.977   5.767   1.00 13.29  ? 47   ALA A CA  1 
ATOM   367  C  C   . ALA A 1 67  ? 6.919   7.909   4.686   1.00 12.72  ? 47   ALA A C   1 
ATOM   368  O  O   . ALA A 1 67  ? 5.892   7.835   3.993   1.00 12.49  ? 47   ALA A O   1 
ATOM   369  C  CB  . ALA A 1 67  ? 7.793   10.187  5.230   1.00 14.10  ? 47   ALA A CB  1 
ATOM   370  N  N   . SER A 1 68  ? 7.960   7.092   4.533   1.00 11.10  ? 48   SER A N   1 
ATOM   371  C  CA  . SER A 1 68  ? 7.961   6.037   3.526   1.00 12.59  ? 48   SER A CA  1 
ATOM   372  C  C   . SER A 1 68  ? 6.979   4.933   3.890   1.00 11.61  ? 48   SER A C   1 
ATOM   373  O  O   . SER A 1 68  ? 6.349   4.340   3.005   1.00 10.88  ? 48   SER A O   1 
ATOM   374  C  CB  . SER A 1 68  ? 9.373   5.481   3.334   1.00 12.23  ? 48   SER A CB  1 
ATOM   375  O  OG  . SER A 1 68  ? 9.413   4.501   2.315   1.00 12.68  ? 48   SER A OG  1 
ATOM   376  N  N   . LEU A 1 69  ? 6.842   4.645   5.180   1.00 10.87  ? 49   LEU A N   1 
ATOM   377  C  CA  . LEU A 1 69  ? 5.822   3.706   5.637   1.00 11.20  ? 49   LEU A CA  1 
ATOM   378  C  C   . LEU A 1 69  ? 4.428   4.279   5.430   1.00 10.89  ? 49   LEU A C   1 
ATOM   379  O  O   . LEU A 1 69  ? 3.516   3.556   5.047   1.00 11.26  ? 49   LEU A O   1 
ATOM   380  C  CB  . LEU A 1 69  ? 6.034   3.339   7.108   1.00 11.63  ? 49   LEU A CB  1 
ATOM   381  C  CG  . LEU A 1 69  ? 7.227   2.446   7.445   1.00 13.37  ? 49   LEU A CG  1 
ATOM   382  C  CD1 . LEU A 1 69  ? 7.344   2.313   8.964   1.00 14.05  ? 49   LEU A CD1 1 
ATOM   383  C  CD2 . LEU A 1 69  ? 7.116   1.064   6.781   1.00 13.56  ? 49   LEU A CD2 1 
ATOM   384  N  N   . ALA A 1 70  ? 4.267   5.577   5.669   1.00 10.31  ? 50   ALA A N   1 
ATOM   385  C  CA  . ALA A 1 70  ? 2.975   6.216   5.447   1.00 10.80  ? 50   ALA A CA  1 
ATOM   386  C  C   . ALA A 1 70  ? 2.561   6.122   3.980   1.00 9.99   ? 50   ALA A C   1 
ATOM   387  O  O   . ALA A 1 70  ? 1.392   5.932   3.684   1.00 9.79   ? 50   ALA A O   1 
ATOM   388  C  CB  . ALA A 1 70  ? 3.000   7.685   5.904   1.00 10.90  ? 50   ALA A CB  1 
ATOM   389  N  N   . ALA A 1 71  ? 3.527   6.254   3.076   1.00 9.66   ? 51   ALA A N   1 
ATOM   390  C  CA  . ALA A 1 71  ? 3.269   6.108   1.642   1.00 9.69   ? 51   ALA A CA  1 
ATOM   391  C  C   . ALA A 1 71  ? 2.830   4.692   1.292   1.00 9.66   ? 51   ALA A C   1 
ATOM   392  O  O   . ALA A 1 71  ? 1.957   4.510   0.439   1.00 9.33   ? 51   ALA A O   1 
ATOM   393  C  CB  . ALA A 1 71  ? 4.505   6.507   0.826   1.00 9.79   ? 51   ALA A CB  1 
ATOM   394  N  N   . ARG A 1 72  ? 3.419   3.687   1.939   1.00 9.64   ? 52   ARG A N   1 
ATOM   395  C  CA  . ARG A 1 72  ? 3.003   2.310   1.718   1.00 9.92   ? 52   ARG A CA  1 
ATOM   396  C  C   . ARG A 1 72  ? 1.617   2.033   2.298   1.00 9.55   ? 52   ARG A C   1 
ATOM   397  O  O   . ARG A 1 72  ? 0.820   1.300   1.703   1.00 10.46  ? 52   ARG A O   1 
ATOM   398  C  CB  . ARG A 1 72  ? 4.060   1.359   2.281   1.00 9.90   ? 52   ARG A CB  1 
ATOM   399  C  CG  . ARG A 1 72  ? 5.268   1.295   1.380   1.00 10.31  ? 52   ARG A CG  1 
ATOM   400  C  CD  . ARG A 1 72  ? 6.585   1.012   2.130   1.00 10.43  ? 52   ARG A CD  1 
ATOM   401  N  NE  . ARG A 1 72  ? 7.588   0.687   1.125   1.00 10.89  ? 52   ARG A NE  1 
ATOM   402  C  CZ  . ARG A 1 72  ? 8.122   1.559   0.269   1.00 12.02  ? 52   ARG A CZ  1 
ATOM   403  N  NH1 . ARG A 1 72  ? 7.826   2.856   0.323   1.00 13.06  ? 52   ARG A NH1 1 
ATOM   404  N  NH2 . ARG A 1 72  ? 8.958   1.108   -0.655  1.00 13.80  ? 52   ARG A NH2 1 
ATOM   405  N  N   . PHE A 1 73  ? 1.319   2.626   3.453   1.00 9.38   ? 53   PHE A N   1 
ATOM   406  C  CA  . PHE A 1 73  ? -0.037  2.569   4.017   1.00 10.44  ? 53   PHE A CA  1 
ATOM   407  C  C   . PHE A 1 73  ? -1.056  3.177   3.041   1.00 9.91   ? 53   PHE A C   1 
ATOM   408  O  O   . PHE A 1 73  ? -2.105  2.577   2.758   1.00 9.83   ? 53   PHE A O   1 
ATOM   409  C  CB  . PHE A 1 73  ? -0.056  3.293   5.368   1.00 11.57  ? 53   PHE A CB  1 
ATOM   410  C  CG  . PHE A 1 73  ? -1.415  3.385   5.992   1.00 13.30  ? 53   PHE A CG  1 
ATOM   411  C  CD1 . PHE A 1 73  ? -2.035  2.250   6.494   1.00 15.21  ? 53   PHE A CD1 1 
ATOM   412  C  CD2 . PHE A 1 73  ? -2.060  4.608   6.097   1.00 15.19  ? 53   PHE A CD2 1 
ATOM   413  C  CE1 . PHE A 1 73  ? -3.289  2.323   7.084   1.00 18.39  ? 53   PHE A CE1 1 
ATOM   414  C  CE2 . PHE A 1 73  ? -3.324  4.695   6.690   1.00 16.73  ? 53   PHE A CE2 1 
ATOM   415  C  CZ  . PHE A 1 73  ? -3.931  3.546   7.178   1.00 17.10  ? 53   PHE A CZ  1 
ATOM   416  N  N   . ALA A 1 74  ? -0.735  4.359   2.519   1.00 9.45   ? 54   ALA A N   1 
ATOM   417  C  CA  . ALA A 1 74  ? -1.585  4.990   1.516   1.00 9.63   ? 54   ALA A CA  1 
ATOM   418  C  C   . ALA A 1 74  ? -1.762  4.096   0.297   1.00 9.09   ? 54   ALA A C   1 
ATOM   419  O  O   . ALA A 1 74  ? -2.862  4.026   -0.258  1.00 9.80   ? 54   ALA A O   1 
ATOM   420  C  CB  . ALA A 1 74  ? -1.021  6.355   1.117   1.00 9.92   ? 54   ALA A CB  1 
ATOM   421  N  N   . ALA A 1 75  ? -0.696  3.418   -0.133  1.00 9.04   ? 55   ALA A N   1 
ATOM   422  C  CA  . ALA A 1 75  ? -0.800  2.520   -1.283  1.00 9.59   ? 55   ALA A CA  1 
ATOM   423  C  C   . ALA A 1 75  ? -1.763  1.378   -1.018  1.00 8.71   ? 55   ALA A C   1 
ATOM   424  O  O   . ALA A 1 75  ? -2.565  1.009   -1.884  1.00 8.89   ? 55   ALA A O   1 
ATOM   425  C  CB  . ALA A 1 75  ? 0.567   1.983   -1.681  1.00 9.70   ? 55   ALA A CB  1 
ATOM   426  N  N   . LYS A 1 76  ? -1.701  0.823   0.190   1.00 9.14   ? 56   LYS A N   1 
ATOM   427  C  CA  . LYS A 1 76  ? -2.595  -0.271  0.533   1.00 8.79   ? 56   LYS A CA  1 
ATOM   428  C  C   . LYS A 1 76  ? -4.047  0.189   0.648   1.00 10.16  ? 56   LYS A C   1 
ATOM   429  O  O   . LYS A 1 76  ? -4.973  -0.546  0.270   1.00 10.19  ? 56   LYS A O   1 
ATOM   430  C  CB  . LYS A 1 76  ? -2.122  -0.976  1.810   1.00 10.23  ? 56   LYS A CB  1 
ATOM   431  C  CG  . LYS A 1 76  ? -0.783  -1.657  1.612   1.00 10.20  ? 56   LYS A CG  1 
ATOM   432  C  CD  . LYS A 1 76  ? -0.398  -2.561  2.792   1.00 9.54   ? 56   LYS A CD  1 
ATOM   433  C  CE  . LYS A 1 76  ? 1.013   -3.066  2.625   1.00 11.05  ? 56   LYS A CE  1 
ATOM   434  N  NZ  . LYS A 1 76  ? 1.310   -4.249  3.479   1.00 9.73   ? 56   LYS A NZ  1 
ATOM   435  N  N   . GLU A 1 77  ? -4.269  1.394   1.167   1.00 10.29  ? 57   GLU A N   1 
ATOM   436  C  CA  A GLU A 1 77  ? -5.613  1.975   1.219   0.50 9.55   ? 57   GLU A CA  1 
ATOM   437  C  CA  B GLU A 1 77  ? -5.617  1.924   1.209   0.50 10.81  ? 57   GLU A CA  1 
ATOM   438  C  C   . GLU A 1 77  ? -6.139  2.224   -0.192  1.00 9.80   ? 57   GLU A C   1 
ATOM   439  O  O   . GLU A 1 77  ? -7.298  1.935   -0.496  1.00 9.39   ? 57   GLU A O   1 
ATOM   440  C  CB  A GLU A 1 77  ? -5.613  3.292   2.004   0.50 10.33  ? 57   GLU A CB  1 
ATOM   441  C  CB  B GLU A 1 77  ? -5.671  3.168   2.066   0.50 12.59  ? 57   GLU A CB  1 
ATOM   442  C  CG  A GLU A 1 77  ? -5.427  3.152   3.523   0.50 7.71   ? 57   GLU A CG  1 
ATOM   443  C  CG  B GLU A 1 77  ? -6.937  3.240   2.864   0.50 17.24  ? 57   GLU A CG  1 
ATOM   444  C  CD  A GLU A 1 77  ? -6.682  2.708   4.278   0.50 9.91   ? 57   GLU A CD  1 
ATOM   445  C  CD  B GLU A 1 77  ? -6.819  4.212   3.991   0.50 21.45  ? 57   GLU A CD  1 
ATOM   446  O  OE1 A GLU A 1 77  ? -7.594  2.110   3.677   0.50 12.55  ? 57   GLU A OE1 1 
ATOM   447  O  OE1 B GLU A 1 77  ? -6.841  3.790   5.168   0.50 24.54  ? 57   GLU A OE1 1 
ATOM   448  O  OE2 A GLU A 1 77  ? -6.741  2.946   5.505   0.50 15.48  ? 57   GLU A OE2 1 
ATOM   449  O  OE2 B GLU A 1 77  ? -6.703  5.413   3.689   0.50 26.24  ? 57   GLU A OE2 1 
ATOM   450  N  N   . ALA A 1 78  ? -5.275  2.769   -1.047  1.00 8.94   ? 58   ALA A N   1 
ATOM   451  C  CA  . ALA A 1 78  ? -5.646  3.031   -2.428  1.00 8.16   ? 58   ALA A CA  1 
ATOM   452  C  C   . ALA A 1 78  ? -5.961  1.741   -3.180  1.00 9.36   ? 58   ALA A C   1 
ATOM   453  O  O   . ALA A 1 78  ? -6.922  1.690   -3.953  1.00 8.79   ? 58   ALA A O   1 
ATOM   454  C  CB  . ALA A 1 78  ? -4.552  3.798   -3.127  1.00 8.97   ? 58   ALA A CB  1 
ATOM   455  N  N   . LEU A 1 79  ? -5.160  0.703   -2.950  1.00 9.33   ? 59   LEU A N   1 
ATOM   456  C  CA  . LEU A 1 79  ? -5.429  -0.614  -3.531  1.00 9.91   ? 59   LEU A CA  1 
ATOM   457  C  C   . LEU A 1 79  ? -6.791  -1.140  -3.076  1.00 8.89   ? 59   LEU A C   1 
ATOM   458  O  O   . LEU A 1 79  ? -7.582  -1.610  -3.891  1.00 8.80   ? 59   LEU A O   1 
ATOM   459  C  CB  . LEU A 1 79  ? -4.297  -1.596  -3.179  1.00 11.92  ? 59   LEU A CB  1 
ATOM   460  C  CG  . LEU A 1 79  ? -4.362  -3.057  -3.636  1.00 14.49  ? 59   LEU A CG  1 
ATOM   461  C  CD1 . LEU A 1 79  ? -2.979  -3.669  -3.549  1.00 19.30  ? 59   LEU A CD1 1 
ATOM   462  C  CD2 . LEU A 1 79  ? -5.304  -3.856  -2.766  1.00 15.45  ? 59   LEU A CD2 1 
ATOM   463  N  N   . ALA A 1 80  ? -7.072  -1.048  -1.778  1.00 9.16   ? 60   ALA A N   1 
ATOM   464  C  CA  . ALA A 1 80  ? -8.370  -1.475  -1.271  1.00 9.13   ? 60   ALA A CA  1 
ATOM   465  C  C   . ALA A 1 80  ? -9.495  -0.705  -1.966  1.00 8.72   ? 60   ALA A C   1 
ATOM   466  O  O   . ALA A 1 80  ? -10.491 -1.306  -2.378  1.00 9.26   ? 60   ALA A O   1 
ATOM   467  C  CB  . ALA A 1 80  ? -8.439  -1.327  0.245   1.00 9.78   ? 60   ALA A CB  1 
ATOM   468  N  N   . LYS A 1 81  ? -9.338  0.609   -2.102  1.00 8.59   ? 61   LYS A N   1 
ATOM   469  C  CA  . LYS A 1 81  ? -10.351 1.413   -2.787  1.00 8.53   ? 61   LYS A CA  1 
ATOM   470  C  C   . LYS A 1 81  ? -10.565 0.962   -4.236  1.00 8.15   ? 61   LYS A C   1 
ATOM   471  O  O   . LYS A 1 81  ? -11.715 0.898   -4.700  1.00 9.62   ? 61   LYS A O   1 
ATOM   472  C  CB  . LYS A 1 81  ? -9.981  2.889   -2.742  1.00 8.83   ? 61   LYS A CB  1 
ATOM   473  C  CG  . LYS A 1 81  ? -10.115 3.527   -1.357  1.00 9.16   ? 61   LYS A CG  1 
ATOM   474  C  CD  . LYS A 1 81  ? -9.671  4.974   -1.396  1.00 8.86   ? 61   LYS A CD  1 
ATOM   475  C  CE  . LYS A 1 81  ? -9.608  5.544   0.009   1.00 10.11  ? 61   LYS A CE  1 
ATOM   476  N  NZ  . LYS A 1 81  ? -9.142  6.961   -0.016  1.00 9.29   ? 61   LYS A NZ  1 
ATOM   477  N  N   . ALA A 1 82  ? -9.481  0.643   -4.943  1.00 7.78   ? 62   ALA A N   1 
ATOM   478  C  CA  . ALA A 1 82  ? -9.580  0.182   -6.326  1.00 9.02   ? 62   ALA A CA  1 
ATOM   479  C  C   . ALA A 1 82  ? -10.364 -1.117  -6.433  1.00 9.22   ? 62   ALA A C   1 
ATOM   480  O  O   . ALA A 1 82  ? -10.980 -1.386  -7.468  1.00 10.95  ? 62   ALA A O   1 
ATOM   481  C  CB  . ALA A 1 82  ? -8.197  0.030   -6.926  1.00 9.09   ? 62   ALA A CB  1 
ATOM   482  N  N   . LEU A 1 83  ? -10.366 -1.896  -5.356  1.00 9.59   ? 63   LEU A N   1 
ATOM   483  C  CA  . LEU A 1 83  ? -11.120 -3.150  -5.302  1.00 9.42   ? 63   LEU A CA  1 
ATOM   484  C  C   . LEU A 1 83  ? -12.513 -3.014  -4.676  1.00 10.04  ? 63   LEU A C   1 
ATOM   485  O  O   . LEU A 1 83  ? -13.205 -4.022  -4.489  1.00 10.82  ? 63   LEU A O   1 
ATOM   486  C  CB  . LEU A 1 83  ? -10.321 -4.191  -4.521  1.00 9.93   ? 63   LEU A CB  1 
ATOM   487  C  CG  . LEU A 1 83  ? -9.017  -4.656  -5.165  1.00 9.82   ? 63   LEU A CG  1 
ATOM   488  C  CD1 . LEU A 1 83  ? -8.256  -5.607  -4.237  1.00 11.22  ? 63   LEU A CD1 1 
ATOM   489  C  CD2 . LEU A 1 83  ? -9.265  -5.329  -6.520  1.00 10.47  ? 63   LEU A CD2 1 
ATOM   490  N  N   . GLY A 1 84  ? -12.915 -1.796  -4.321  1.00 10.20  ? 64   GLY A N   1 
ATOM   491  C  CA  . GLY A 1 84  ? -14.215 -1.591  -3.667  1.00 11.10  ? 64   GLY A CA  1 
ATOM   492  C  C   . GLY A 1 84  ? -14.230 -1.960  -2.194  1.00 12.01  ? 64   GLY A C   1 
ATOM   493  O  O   . GLY A 1 84  ? -15.296 -2.182  -1.616  1.00 12.65  ? 64   GLY A O   1 
ATOM   494  N  N   . ALA A 1 85  ? -13.046 -2.019  -1.589  1.00 10.96  ? 65   ALA A N   1 
ATOM   495  C  CA  . ALA A 1 85  ? -12.859 -2.223  -0.148  1.00 13.11  ? 65   ALA A CA  1 
ATOM   496  C  C   . ALA A 1 85  ? -13.869 -3.160  0.531   1.00 13.35  ? 65   ALA A C   1 
ATOM   497  O  O   . ALA A 1 85  ? -14.571 -2.740  1.463   1.00 14.40  ? 65   ALA A O   1 
ATOM   498  C  CB  . ALA A 1 85  ? -12.793 -0.886  0.571   1.00 14.74  ? 65   ALA A CB  1 
ATOM   499  N  N   . PRO A 1 86  ? -13.938 -4.433  0.089   1.00 13.52  ? 66   PRO A N   1 
ATOM   500  C  CA  . PRO A 1 86  ? -14.824 -5.371  0.780   1.00 14.73  ? 66   PRO A CA  1 
ATOM   501  C  C   . PRO A 1 86  ? -14.251 -5.765  2.135   1.00 14.76  ? 66   PRO A C   1 
ATOM   502  O  O   . PRO A 1 86  ? -13.057 -5.598  2.388   1.00 14.85  ? 66   PRO A O   1 
ATOM   503  C  CB  . PRO A 1 86  ? -14.835 -6.580  -0.150  1.00 14.97  ? 66   PRO A CB  1 
ATOM   504  C  CG  . PRO A 1 86  ? -13.474 -6.555  -0.778  1.00 15.19  ? 66   PRO A CG  1 
ATOM   505  C  CD  . PRO A 1 86  ? -13.217 -5.092  -1.019  1.00 14.24  ? 66   PRO A CD  1 
ATOM   506  N  N   . ALA A 1 87  ? -15.112 -6.290  3.003   1.00 16.49  ? 67   ALA A N   1 
ATOM   507  C  CA  . ALA A 1 87  ? -14.670 -6.841  4.273   1.00 17.49  ? 67   ALA A CA  1 
ATOM   508  C  C   . ALA A 1 87  ? -13.737 -8.012  4.017   1.00 17.81  ? 67   ALA A C   1 
ATOM   509  O  O   . ALA A 1 87  ? -13.833 -8.682  2.983   1.00 18.57  ? 67   ALA A O   1 
ATOM   510  C  CB  . ALA A 1 87  ? -15.881 -7.306  5.080   1.00 18.51  ? 67   ALA A CB  1 
ATOM   511  N  N   . GLY A 1 88  ? -12.820 -8.235  4.951   1.00 17.85  ? 68   GLY A N   1 
ATOM   512  C  CA  . GLY A 1 88  ? -11.976 -9.430  4.934   1.00 17.88  ? 68   GLY A CA  1 
ATOM   513  C  C   . GLY A 1 88  ? -10.624 -9.331  4.245   1.00 17.41  ? 68   GLY A C   1 
ATOM   514  O  O   . GLY A 1 88  ? -9.882  -10.313 4.202   1.00 17.87  ? 68   GLY A O   1 
ATOM   515  N  N   . LEU A 1 89  ? -10.286 -8.165  3.704   1.00 14.87  ? 69   LEU A N   1 
ATOM   516  C  CA  . LEU A 1 89  ? -8.948  -7.984  3.140   1.00 13.95  ? 69   LEU A CA  1 
ATOM   517  C  C   . LEU A 1 89  ? -7.911  -7.844  4.252   1.00 13.56  ? 69   LEU A C   1 
ATOM   518  O  O   . LEU A 1 89  ? -8.141  -7.132  5.229   1.00 15.59  ? 69   LEU A O   1 
ATOM   519  C  CB  . LEU A 1 89  ? -8.902  -6.768  2.214   1.00 13.40  ? 69   LEU A CB  1 
ATOM   520  C  CG  . LEU A 1 89  ? -9.853  -6.750  1.015   1.00 12.88  ? 69   LEU A CG  1 
ATOM   521  C  CD1 . LEU A 1 89  ? -9.490  -5.585  0.093   1.00 16.17  ? 69   LEU A CD1 1 
ATOM   522  C  CD2 . LEU A 1 89  ? -9.855  -8.074  0.240   1.00 16.15  ? 69   LEU A CD2 1 
ATOM   523  N  N   . LEU A 1 90  ? -6.779  -8.529  4.095   1.00 11.54  ? 70   LEU A N   1 
ATOM   524  C  CA  . LEU A 1 90  ? -5.673  -8.422  5.060   1.00 11.92  ? 70   LEU A CA  1 
ATOM   525  C  C   . LEU A 1 90  ? -4.599  -7.484  4.525   1.00 12.00  ? 70   LEU A C   1 
ATOM   526  O  O   . LEU A 1 90  ? -4.226  -7.572  3.359   1.00 11.39  ? 70   LEU A O   1 
ATOM   527  C  CB  . LEU A 1 90  ? -5.059  -9.793  5.361   1.00 12.26  ? 70   LEU A CB  1 
ATOM   528  C  CG  . LEU A 1 90  ? -5.969  -10.911 5.878   1.00 13.04  ? 70   LEU A CG  1 
ATOM   529  C  CD1 . LEU A 1 90  ? -5.131  -12.151 6.216   1.00 15.16  ? 70   LEU A CD1 1 
ATOM   530  C  CD2 . LEU A 1 90  ? -6.791  -10.450 7.075   1.00 14.03  ? 70   LEU A CD2 1 
ATOM   531  N  N   . TRP A 1 91  ? -4.110  -6.586  5.375   1.00 12.34  ? 71   TRP A N   1 
ATOM   532  C  CA  . TRP A 1 91  ? -3.053  -5.647  4.994   1.00 12.66  ? 71   TRP A CA  1 
ATOM   533  C  C   . TRP A 1 91  ? -1.840  -6.399  4.494   1.00 13.13  ? 71   TRP A C   1 
ATOM   534  O  O   . TRP A 1 91  ? -1.158  -5.952  3.564   1.00 12.64  ? 71   TRP A O   1 
ATOM   535  C  CB  . TRP A 1 91  ? -2.621  -4.779  6.181   1.00 15.64  ? 71   TRP A CB  1 
ATOM   536  C  CG  . TRP A 1 91  ? -3.674  -3.869  6.723   1.00 15.17  ? 71   TRP A CG  1 
ATOM   537  C  CD1 . TRP A 1 91  ? -4.436  -4.068  7.847   1.00 17.55  ? 71   TRP A CD1 1 
ATOM   538  C  CD2 . TRP A 1 91  ? -4.067  -2.595  6.197   1.00 15.16  ? 71   TRP A CD2 1 
ATOM   539  N  NE1 . TRP A 1 91  ? -5.290  -3.010  8.033   1.00 17.58  ? 71   TRP A NE1 1 
ATOM   540  C  CE2 . TRP A 1 91  ? -5.081  -2.088  7.041   1.00 16.41  ? 71   TRP A CE2 1 
ATOM   541  C  CE3 . TRP A 1 91  ? -3.665  -1.832  5.088   1.00 16.24  ? 71   TRP A CE3 1 
ATOM   542  C  CZ2 . TRP A 1 91  ? -5.703  -0.857  6.812   1.00 19.11  ? 71   TRP A CZ2 1 
ATOM   543  C  CZ3 . TRP A 1 91  ? -4.285  -0.603  4.861   1.00 17.64  ? 71   TRP A CZ3 1 
ATOM   544  C  CH2 . TRP A 1 91  ? -5.291  -0.131  5.724   1.00 17.88  ? 71   TRP A CH2 1 
ATOM   545  N  N   . THR A 1 92  ? -1.561  -7.531  5.133   1.00 12.08  ? 72   THR A N   1 
ATOM   546  C  CA  . THR A 1 92  ? -0.387  -8.336  4.820   1.00 14.24  ? 72   THR A CA  1 
ATOM   547  C  C   . THR A 1 92  ? -0.538  -9.156  3.529   1.00 12.89  ? 72   THR A C   1 
ATOM   548  O  O   . THR A 1 92  ? 0.401   -9.824  3.104   1.00 14.57  ? 72   THR A O   1 
ATOM   549  C  CB  . THR A 1 92  ? -0.008  -9.251  6.014   1.00 15.43  ? 72   THR A CB  1 
ATOM   550  O  OG1 . THR A 1 92  ? -1.166  -9.958  6.467   1.00 20.11  ? 72   THR A OG1 1 
ATOM   551  C  CG2 . THR A 1 92  ? 0.565   -8.419  7.167   1.00 20.19  ? 72   THR A CG2 1 
ATOM   552  N  N   . ASP A 1 93  ? -1.717  -9.093  2.906   1.00 12.67  ? 73   ASP A N   1 
ATOM   553  C  CA  . ASP A 1 93  ? -1.953  -9.750  1.616   1.00 12.16  ? 73   ASP A CA  1 
ATOM   554  C  C   . ASP A 1 93  ? -1.727  -8.794  0.436   1.00 10.54  ? 73   ASP A C   1 
ATOM   555  O  O   . ASP A 1 93  ? -1.985  -9.139  -0.719  1.00 11.12  ? 73   ASP A O   1 
ATOM   556  C  CB  . ASP A 1 93  ? -3.354  -10.361 1.561   1.00 13.02  ? 73   ASP A CB  1 
ATOM   557  C  CG  . ASP A 1 93  ? -3.458  -11.672 2.330   1.00 13.59  ? 73   ASP A CG  1 
ATOM   558  O  OD1 . ASP A 1 93  ? -2.410  -12.252 2.702   1.00 15.40  ? 73   ASP A OD1 1 
ATOM   559  O  OD2 . ASP A 1 93  ? -4.593  -12.123 2.566   1.00 12.81  ? 73   ASP A OD2 1 
ATOM   560  N  N   . ALA A 1 94  ? -1.266  -7.587  0.749   1.00 9.95   ? 74   ALA A N   1 
ATOM   561  C  CA  . ALA A 1 94  ? -0.767  -6.665  -0.266  1.00 10.31  ? 74   ALA A CA  1 
ATOM   562  C  C   . ALA A 1 94  ? 0.648   -6.304  0.139   1.00 11.55  ? 74   ALA A C   1 
ATOM   563  O  O   . ALA A 1 94  ? 0.911   -5.987  1.308   1.00 12.57  ? 74   ALA A O   1 
ATOM   564  C  CB  . ALA A 1 94  ? -1.632  -5.421  -0.344  1.00 11.86  ? 74   ALA A CB  1 
ATOM   565  N  N   . GLU A 1 95  ? 1.567   -6.409  -0.807  1.00 11.27  ? 75   GLU A N   1 
ATOM   566  C  CA  . GLU A 1 95  ? 2.962   -6.124  -0.539  1.00 11.41  ? 75   GLU A CA  1 
ATOM   567  C  C   . GLU A 1 95  ? 3.480   -5.088  -1.517  1.00 10.75  ? 75   GLU A C   1 
ATOM   568  O  O   . GLU A 1 95  ? 3.315   -5.246  -2.724  1.00 11.90  ? 75   GLU A O   1 
ATOM   569  C  CB  . GLU A 1 95  ? 3.791   -7.404  -0.646  1.00 12.38  ? 75   GLU A CB  1 
ATOM   570  C  CG  . GLU A 1 95  ? 5.279   -7.189  -0.394  1.00 14.16  ? 75   GLU A CG  1 
ATOM   571  C  CD  . GLU A 1 95  ? 6.158   -8.360  -0.809  1.00 15.77  ? 75   GLU A CD  1 
ATOM   572  O  OE1 . GLU A 1 95  ? 5.646   -9.430  -1.204  1.00 17.95  ? 75   GLU A OE1 1 
ATOM   573  O  OE2 . GLU A 1 95  ? 7.390   -8.190  -0.752  1.00 18.63  ? 75   GLU A OE2 1 
ATOM   574  N  N   . VAL A 1 96  ? 4.083   -4.029  -0.985  1.00 10.08  ? 76   VAL A N   1 
ATOM   575  C  CA  . VAL A 1 96  ? 4.858   -3.096  -1.797  1.00 10.11  ? 76   VAL A CA  1 
ATOM   576  C  C   . VAL A 1 96  ? 6.306   -3.582  -1.829  1.00 10.41  ? 76   VAL A C   1 
ATOM   577  O  O   . VAL A 1 96  ? 6.968   -3.677  -0.781  1.00 11.31  ? 76   VAL A O   1 
ATOM   578  C  CB  . VAL A 1 96  ? 4.792   -1.655  -1.255  1.00 9.39   ? 76   VAL A CB  1 
ATOM   579  C  CG1 . VAL A 1 96  ? 5.598   -0.698  -2.152  1.00 11.60  ? 76   VAL A CG1 1 
ATOM   580  C  CG2 . VAL A 1 96  ? 3.341   -1.195  -1.140  1.00 13.63  ? 76   VAL A CG2 1 
ATOM   581  N  N   . TRP A 1 97  ? 6.781   -3.945  -3.019  1.00 11.08  ? 77   TRP A N   1 
ATOM   582  C  CA  . TRP A 1 97  ? 8.189   -4.285  -3.199  1.00 11.95  ? 77   TRP A CA  1 
ATOM   583  C  C   . TRP A 1 97  ? 8.846   -3.265  -4.124  1.00 13.50  ? 77   TRP A C   1 
ATOM   584  O  O   . TRP A 1 97  ? 8.166   -2.394  -4.665  1.00 12.66  ? 77   TRP A O   1 
ATOM   585  C  CB  . TRP A 1 97  ? 8.375   -5.748  -3.649  1.00 12.81  ? 77   TRP A CB  1 
ATOM   586  C  CG  . TRP A 1 97  ? 7.805   -6.108  -4.995  1.00 12.15  ? 77   TRP A CG  1 
ATOM   587  C  CD1 . TRP A 1 97  ? 6.512   -6.455  -5.286  1.00 11.64  ? 77   TRP A CD1 1 
ATOM   588  C  CD2 . TRP A 1 97  ? 8.531   -6.213  -6.230  1.00 12.81  ? 77   TRP A CD2 1 
ATOM   589  N  NE1 . TRP A 1 97  ? 6.385   -6.744  -6.634  1.00 13.47  ? 77   TRP A NE1 1 
ATOM   590  C  CE2 . TRP A 1 97  ? 7.611   -6.601  -7.229  1.00 12.20  ? 77   TRP A CE2 1 
ATOM   591  C  CE3 . TRP A 1 97  ? 9.872   -6.001  -6.589  1.00 13.83  ? 77   TRP A CE3 1 
ATOM   592  C  CZ2 . TRP A 1 97  ? 7.993   -6.789  -8.566  1.00 13.45  ? 77   TRP A CZ2 1 
ATOM   593  C  CZ3 . TRP A 1 97  ? 10.243  -6.173  -7.924  1.00 14.13  ? 77   TRP A CZ3 1 
ATOM   594  C  CH2 . TRP A 1 97  ? 9.308   -6.568  -8.887  1.00 14.63  ? 77   TRP A CH2 1 
ATOM   595  N  N   . VAL A 1 98  ? 10.165  -3.352  -4.269  1.00 14.02  ? 78   VAL A N   1 
ATOM   596  C  CA  . VAL A 1 98  ? 10.934  -2.288  -4.921  1.00 16.04  ? 78   VAL A CA  1 
ATOM   597  C  C   . VAL A 1 98  ? 11.904  -2.869  -5.939  1.00 17.09  ? 78   VAL A C   1 
ATOM   598  O  O   . VAL A 1 98  ? 12.734  -3.722  -5.603  1.00 18.09  ? 78   VAL A O   1 
ATOM   599  C  CB  . VAL A 1 98  ? 11.712  -1.442  -3.875  1.00 16.47  ? 78   VAL A CB  1 
ATOM   600  C  CG1 . VAL A 1 98  ? 12.400  -0.241  -4.521  1.00 18.57  ? 78   VAL A CG1 1 
ATOM   601  C  CG2 . VAL A 1 98  ? 10.791  -0.979  -2.742  1.00 17.75  ? 78   VAL A CG2 1 
ATOM   602  N  N   . GLU A 1 99  ? 11.785  -2.418  -7.186  1.00 17.51  ? 79   GLU A N   1 
ATOM   603  C  CA  . GLU A 1 99  ? 12.737  -2.799  -8.237  1.00 18.77  ? 79   GLU A CA  1 
ATOM   604  C  C   . GLU A 1 99  ? 14.105  -2.185  -7.935  1.00 18.48  ? 79   GLU A C   1 
ATOM   605  O  O   . GLU A 1 99  ? 14.200  -1.235  -7.162  1.00 19.54  ? 79   GLU A O   1 
ATOM   606  C  CB  . GLU A 1 99  ? 12.234  -2.341  -9.608  1.00 19.22  ? 79   GLU A CB  1 
ATOM   607  C  CG  . GLU A 1 99  ? 10.906  -2.961  -10.060 1.00 20.32  ? 79   GLU A CG  1 
ATOM   608  C  CD  . GLU A 1 99  ? 10.473  -2.503  -11.450 1.00 20.22  ? 79   GLU A CD  1 
ATOM   609  O  OE1 . GLU A 1 99  ? 11.197  -1.687  -12.060 1.00 23.53  ? 79   GLU A OE1 1 
ATOM   610  O  OE2 . GLU A 1 99  ? 9.422   -2.962  -11.942 1.00 20.80  ? 79   GLU A OE2 1 
ATOM   611  N  N   . ALA A 1 100 ? 15.167  -2.735  -8.531  1.00 22.23  ? 80   ALA A N   1 
ATOM   612  C  CA  . ALA A 1 100 ? 16.523  -2.204  -8.321  1.00 23.50  ? 80   ALA A CA  1 
ATOM   613  C  C   . ALA A 1 100 ? 16.607  -0.693  -8.552  1.00 24.27  ? 80   ALA A C   1 
ATOM   614  O  O   . ALA A 1 100 ? 17.264  0.019   -7.785  1.00 25.97  ? 80   ALA A O   1 
ATOM   615  C  CB  . ALA A 1 100 ? 17.538  -2.940  -9.192  1.00 22.93  ? 80   ALA A CB  1 
ATOM   616  N  N   . GLY A 1 101 ? 15.929  -0.211  -9.594  1.00 24.40  ? 81   GLY A N   1 
ATOM   617  C  CA  . GLY A 1 101 ? 15.886  1.222   -9.909  1.00 25.85  ? 81   GLY A CA  1 
ATOM   618  C  C   . GLY A 1 101 ? 15.163  2.103   -8.896  1.00 25.95  ? 81   GLY A C   1 
ATOM   619  O  O   . GLY A 1 101 ? 15.260  3.335   -8.957  1.00 25.44  ? 81   GLY A O   1 
ATOM   620  N  N   . GLY A 1 102 ? 14.429  1.483   -7.971  1.00 24.93  ? 82   GLY A N   1 
ATOM   621  C  CA  . GLY A 1 102 ? 13.733  2.217   -6.909  1.00 23.21  ? 82   GLY A CA  1 
ATOM   622  C  C   . GLY A 1 102 ? 12.221  2.244   -7.057  1.00 21.33  ? 82   GLY A C   1 
ATOM   623  O  O   . GLY A 1 102 ? 11.500  2.701   -6.161  1.00 21.16  ? 82   GLY A O   1 
ATOM   624  N  N   . ARG A 1 103 ? 11.749  1.755   -8.191  1.00 19.26  ? 83   ARG A N   1 
ATOM   625  C  CA  . ARG A 1 103 ? 10.339  1.794   -8.525  1.00 18.91  ? 83   ARG A CA  1 
ATOM   626  C  C   . ARG A 1 103 ? 9.484   0.880   -7.639  1.00 16.84  ? 83   ARG A C   1 
ATOM   627  O  O   . ARG A 1 103 ? 9.780   -0.311  -7.515  1.00 16.71  ? 83   ARG A O   1 
ATOM   628  C  CB  . ARG A 1 103 ? 10.175  1.389   -9.974  1.00 20.81  ? 83   ARG A CB  1 
ATOM   629  C  CG  . ARG A 1 103 ? 8.769   1.164   -10.358 1.00 22.47  ? 83   ARG A CG  1 
ATOM   630  C  CD  . ARG A 1 103 ? 8.647   0.889   -11.805 1.00 26.87  ? 83   ARG A CD  1 
ATOM   631  N  NE  . ARG A 1 103 ? 7.434   1.532   -12.265 1.00 23.84  ? 83   ARG A NE  1 
ATOM   632  C  CZ  . ARG A 1 103 ? 7.188   1.872   -13.522 1.00 21.44  ? 83   ARG A CZ  1 
ATOM   633  N  NH1 . ARG A 1 103 ? 8.074   1.632   -14.480 1.00 20.22  ? 83   ARG A NH1 1 
ATOM   634  N  NH2 . ARG A 1 103 ? 6.048   2.472   -13.804 1.00 18.16  ? 83   ARG A NH2 1 
ATOM   635  N  N   . PRO A 1 104 ? 8.405   1.426   -7.040  1.00 14.46  ? 84   PRO A N   1 
ATOM   636  C  CA  . PRO A 1 104 ? 7.515   0.598   -6.229  1.00 13.00  ? 84   PRO A CA  1 
ATOM   637  C  C   . PRO A 1 104 ? 6.582   -0.269  -7.067  1.00 11.34  ? 84   PRO A C   1 
ATOM   638  O  O   . PRO A 1 104 ? 6.149   0.120   -8.147  1.00 12.49  ? 84   PRO A O   1 
ATOM   639  C  CB  . PRO A 1 104 ? 6.724   1.627   -5.425  1.00 12.62  ? 84   PRO A CB  1 
ATOM   640  C  CG  . PRO A 1 104 ? 6.643   2.810   -6.317  1.00 14.06  ? 84   PRO A CG  1 
ATOM   641  C  CD  . PRO A 1 104 ? 7.965   2.835   -7.070  1.00 14.52  ? 84   PRO A CD  1 
ATOM   642  N  N   . ARG A 1 105 ? 6.276   -1.450  -6.537  1.00 11.30  ? 85   ARG A N   1 
ATOM   643  C  CA  . ARG A 1 105 ? 5.429   -2.427  -7.209  1.00 10.33  ? 85   ARG A CA  1 
ATOM   644  C  C   . ARG A 1 105 ? 4.498   -3.091  -6.208  1.00 9.66   ? 85   ARG A C   1 
ATOM   645  O  O   . ARG A 1 105 ? 4.852   -3.228  -5.044  1.00 11.31  ? 85   ARG A O   1 
ATOM   646  C  CB  . ARG A 1 105 ? 6.292   -3.501  -7.882  1.00 11.57  ? 85   ARG A CB  1 
ATOM   647  C  CG  . ARG A 1 105 ? 7.209   -2.986  -9.001  1.00 13.20  ? 85   ARG A CG  1 
ATOM   648  C  CD  . ARG A 1 105 ? 6.441   -2.671  -10.276 1.00 14.70  ? 85   ARG A CD  1 
ATOM   649  N  NE  . ARG A 1 105 ? 5.589   -3.790  -10.634 1.00 15.54  ? 85   ARG A NE  1 
ATOM   650  C  CZ  . ARG A 1 105 ? 6.005   -4.889  -11.256 1.00 17.73  ? 85   ARG A CZ  1 
ATOM   651  N  NH1 . ARG A 1 105 ? 7.275   -5.005  -11.641 1.00 16.61  ? 85   ARG A NH1 1 
ATOM   652  N  NH2 . ARG A 1 105 ? 5.151   -5.871  -11.494 1.00 17.92  ? 85   ARG A NH2 1 
ATOM   653  N  N   . LEU A 1 106 ? 3.327   -3.515  -6.676  1.00 10.50  ? 86   LEU A N   1 
ATOM   654  C  CA  . LEU A 1 106 ? 2.371   -4.239  -5.836  1.00 11.04  ? 86   LEU A CA  1 
ATOM   655  C  C   . LEU A 1 106 ? 2.353   -5.719  -6.161  1.00 11.72  ? 86   LEU A C   1 
ATOM   656  O  O   . LEU A 1 106 ? 2.313   -6.108  -7.335  1.00 13.14  ? 86   LEU A O   1 
ATOM   657  C  CB  . LEU A 1 106 ? 0.957   -3.679  -6.021  1.00 11.45  ? 86   LEU A CB  1 
ATOM   658  C  CG  . LEU A 1 106 ? 0.724   -2.251  -5.534  1.00 12.39  ? 86   LEU A CG  1 
ATOM   659  C  CD1 . LEU A 1 106 ? -0.642  -1.740  -5.997  1.00 13.79  ? 86   LEU A CD1 1 
ATOM   660  C  CD2 . LEU A 1 106 ? 0.818   -2.172  -4.014  1.00 17.65  ? 86   LEU A CD2 1 
ATOM   661  N  N   . ARG A 1 107 ? 2.410   -6.538  -5.116  1.00 11.07  ? 87   ARG A N   1 
ATOM   662  C  CA  . ARG A 1 107 ? 2.232   -7.980  -5.228  1.00 12.66  ? 87   ARG A CA  1 
ATOM   663  C  C   . ARG A 1 107 ? 1.065   -8.322  -4.318  1.00 12.26  ? 87   ARG A C   1 
ATOM   664  O  O   . ARG A 1 107 ? 1.039   -7.899  -3.157  1.00 13.21  ? 87   ARG A O   1 
ATOM   665  C  CB  . ARG A 1 107 ? 3.503   -8.706  -4.771  1.00 12.94  ? 87   ARG A CB  1 
ATOM   666  C  CG  . ARG A 1 107 ? 3.453   -10.221 -4.919  1.00 16.28  ? 87   ARG A CG  1 
ATOM   667  C  CD  . ARG A 1 107 ? 4.771   -10.871 -4.517  1.00 16.18  ? 87   ARG A CD  1 
ATOM   668  N  NE  . ARG A 1 107 ? 5.859   -10.579 -5.453  1.00 20.81  ? 87   ARG A NE  1 
ATOM   669  C  CZ  . ARG A 1 107 ? 7.024   -10.025 -5.115  1.00 20.40  ? 87   ARG A CZ  1 
ATOM   670  N  NH1 . ARG A 1 107 ? 7.280   -9.686  -3.857  1.00 21.61  ? 87   ARG A NH1 1 
ATOM   671  N  NH2 . ARG A 1 107 ? 7.942   -9.817  -6.045  1.00 19.56  ? 87   ARG A NH2 1 
ATOM   672  N  N   . VAL A 1 108 ? 0.085   -9.050  -4.834  1.00 12.00  ? 88   VAL A N   1 
ATOM   673  C  CA  . VAL A 1 108 ? -1.096  -9.392  -4.045  1.00 12.00  ? 88   VAL A CA  1 
ATOM   674  C  C   . VAL A 1 108 ? -1.211  -10.897 -3.847  1.00 12.00  ? 88   VAL A C   1 
ATOM   675  O  O   . VAL A 1 108 ? -0.861  -11.678 -4.733  1.00 13.18  ? 88   VAL A O   1 
ATOM   676  C  CB  . VAL A 1 108 ? -2.418  -8.820  -4.641  1.00 12.76  ? 88   VAL A CB  1 
ATOM   677  C  CG1 . VAL A 1 108 ? -2.344  -7.302  -4.725  1.00 13.20  ? 88   VAL A CG1 1 
ATOM   678  C  CG2 . VAL A 1 108 ? -2.729  -9.410  -6.005  1.00 13.73  ? 88   VAL A CG2 1 
ATOM   679  N  N   . THR A 1 109 ? -1.666  -11.293 -2.663  1.00 10.48  ? 89   THR A N   1 
ATOM   680  C  CA  . THR A 1 109 ? -1.796  -12.702 -2.320  1.00 11.83  ? 89   THR A CA  1 
ATOM   681  C  C   . THR A 1 109 ? -3.102  -12.896 -1.572  1.00 11.74  ? 89   THR A C   1 
ATOM   682  O  O   . THR A 1 109 ? -3.799  -11.941 -1.243  1.00 10.56  ? 89   THR A O   1 
ATOM   683  C  CB  . THR A 1 109 ? -0.637  -13.194 -1.422  1.00 11.98  ? 89   THR A CB  1 
ATOM   684  O  OG1 . THR A 1 109 ? -0.602  -12.432 -0.213  1.00 13.31  ? 89   THR A OG1 1 
ATOM   685  C  CG2 . THR A 1 109 ? 0.715   -13.111 -2.142  1.00 14.07  ? 89   THR A CG2 1 
ATOM   686  N  N   . GLY A 1 110 ? -3.451  -14.152 -1.317  1.00 12.11  ? 90   GLY A N   1 
ATOM   687  C  CA  . GLY A 1 110 ? -4.529  -14.452 -0.388  1.00 12.12  ? 90   GLY A CA  1 
ATOM   688  C  C   . GLY A 1 110 ? -5.819  -13.700 -0.647  1.00 11.23  ? 90   GLY A C   1 
ATOM   689  O  O   . GLY A 1 110 ? -6.370  -13.766 -1.742  1.00 11.53  ? 90   GLY A O   1 
ATOM   690  N  N   . THR A 1 111 ? -6.287  -12.992 0.380   1.00 10.58  ? 91   THR A N   1 
ATOM   691  C  CA  . THR A 1 111 ? -7.585  -12.313 0.357   1.00 11.74  ? 91   THR A CA  1 
ATOM   692  C  C   . THR A 1 111 ? -7.651  -11.226 -0.722  1.00 11.00  ? 91   THR A C   1 
ATOM   693  O  O   . THR A 1 111 ? -8.683  -11.049 -1.391  1.00 10.64  ? 91   THR A O   1 
ATOM   694  C  CB  . THR A 1 111 ? -7.901  -11.694 1.726   1.00 11.55  ? 91   THR A CB  1 
ATOM   695  O  OG1 . THR A 1 111 ? -6.860  -10.772 2.085   1.00 11.31  ? 91   THR A OG1 1 
ATOM   696  C  CG2 . THR A 1 111 ? -8.014  -12.793 2.790   1.00 13.89  ? 91   THR A CG2 1 
ATOM   697  N  N   . VAL A 1 112 ? -6.553  -10.496 -0.887  1.00 10.07  ? 92   VAL A N   1 
ATOM   698  C  CA  . VAL A 1 112 ? -6.512  -9.401  -1.846  1.00 10.12  ? 92   VAL A CA  1 
ATOM   699  C  C   . VAL A 1 112 ? -6.483  -9.972  -3.260  1.00 9.67   ? 92   VAL A C   1 
ATOM   700  O  O   . VAL A 1 112 ? -7.214  -9.500  -4.137  1.00 9.86   ? 92   VAL A O   1 
ATOM   701  C  CB  . VAL A 1 112 ? -5.314  -8.475  -1.567  1.00 10.32  ? 92   VAL A CB  1 
ATOM   702  C  CG1 . VAL A 1 112 ? -5.234  -7.386  -2.612  1.00 11.23  ? 92   VAL A CG1 1 
ATOM   703  C  CG2 . VAL A 1 112 ? -5.441  -7.839  -0.181  1.00 10.58  ? 92   VAL A CG2 1 
ATOM   704  N  N   . ALA A 1 113 ? -5.682  -11.013 -3.475  1.00 9.78   ? 93   ALA A N   1 
ATOM   705  C  CA  . ALA A 1 113 ? -5.650  -11.684 -4.775  1.00 10.93  ? 93   ALA A CA  1 
ATOM   706  C  C   . ALA A 1 113 ? -6.999  -12.307 -5.111  1.00 11.50  ? 93   ALA A C   1 
ATOM   707  O  O   . ALA A 1 113 ? -7.421  -12.283 -6.269  1.00 11.51  ? 93   ALA A O   1 
ATOM   708  C  CB  . ALA A 1 113 ? -4.559  -12.734 -4.805  1.00 12.33  ? 93   ALA A CB  1 
ATOM   709  N  N   . ALA A 1 114 ? -7.680  -12.854 -4.101  1.00 10.56  ? 94   ALA A N   1 
ATOM   710  C  CA  . ALA A 1 114 ? -9.000  -13.454 -4.320  1.00 10.45  ? 94   ALA A CA  1 
ATOM   711  C  C   . ALA A 1 114 ? -10.027 -12.414 -4.771  1.00 10.09  ? 94   ALA A C   1 
ATOM   712  O  O   . ALA A 1 114 ? -10.792 -12.642 -5.713  1.00 10.53  ? 94   ALA A O   1 
ATOM   713  C  CB  . ALA A 1 114 ? -9.484  -14.208 -3.071  1.00 12.51  ? 94   ALA A CB  1 
ATOM   714  N  N   . ARG A 1 115 ? -10.021 -11.259 -4.116  1.00 9.96   ? 95   ARG A N   1 
ATOM   715  C  CA  . ARG A 1 115 ? -10.922 -10.179 -4.512  1.00 10.06  ? 95   ARG A CA  1 
ATOM   716  C  C   . ARG A 1 115 ? -10.569 -9.644  -5.909  1.00 8.77   ? 95   ARG A C   1 
ATOM   717  O  O   . ARG A 1 115 ? -11.453 -9.398  -6.730  1.00 9.56   ? 95   ARG A O   1 
ATOM   718  C  CB  . ARG A 1 115 ? -10.886 -9.051  -3.479  1.00 10.18  ? 95   ARG A CB  1 
ATOM   719  C  CG  . ARG A 1 115 ? -11.672 -7.793  -3.874  1.00 9.87   ? 95   ARG A CG  1 
ATOM   720  C  CD  . ARG A 1 115 ? -13.147 -8.093  -4.120  1.00 11.67  ? 95   ARG A CD  1 
ATOM   721  N  NE  . ARG A 1 115 ? -13.878 -6.853  -4.372  1.00 11.58  ? 95   ARG A NE  1 
ATOM   722  C  CZ  . ARG A 1 115 ? -15.164 -6.779  -4.700  1.00 16.54  ? 95   ARG A CZ  1 
ATOM   723  N  NH1 . ARG A 1 115 ? -15.890 -7.884  -4.826  1.00 18.26  ? 95   ARG A NH1 1 
ATOM   724  N  NH2 . ARG A 1 115 ? -15.727 -5.593  -4.902  1.00 16.57  ? 95   ARG A NH2 1 
ATOM   725  N  N   . ALA A 1 116 ? -9.278  -9.487  -6.177  1.00 9.52   ? 96   ALA A N   1 
ATOM   726  C  CA  . ALA A 1 116 ? -8.829  -9.084  -7.500  1.00 10.31  ? 96   ALA A CA  1 
ATOM   727  C  C   . ALA A 1 116 ? -9.341  -10.060 -8.565  1.00 10.72  ? 96   ALA A C   1 
ATOM   728  O  O   . ALA A 1 116 ? -9.797  -9.627  -9.627  1.00 10.35  ? 96   ALA A O   1 
ATOM   729  C  CB  . ALA A 1 116 ? -7.317  -8.975  -7.523  1.00 11.11  ? 96   ALA A CB  1 
ATOM   730  N  N   . ALA A 1 117 ? -9.309  -11.360 -8.272  1.00 10.64  ? 97   ALA A N   1 
ATOM   731  C  CA  . ALA A 1 117 ? -9.807  -12.358 -9.224  1.00 10.90  ? 97   ALA A CA  1 
ATOM   732  C  C   . ALA A 1 117 ? -11.312 -12.238 -9.436  1.00 11.58  ? 97   ALA A C   1 
ATOM   733  O  O   . ALA A 1 117 ? -11.785 -12.395 -10.559 1.00 11.54  ? 97   ALA A O   1 
ATOM   734  C  CB  . ALA A 1 117 ? -9.428  -13.771 -8.783  1.00 12.45  ? 97   ALA A CB  1 
ATOM   735  N  N   . GLU A 1 118 ? -12.066 -11.941 -8.377  1.00 10.85  ? 98   GLU A N   1 
ATOM   736  C  CA  A GLU A 1 118 ? -13.512 -11.741 -8.510  0.50 11.78  ? 98   GLU A CA  1 
ATOM   737  C  CA  B GLU A 1 118 ? -13.506 -11.759 -8.524  0.50 12.70  ? 98   GLU A CA  1 
ATOM   738  C  C   . GLU A 1 118 ? -13.801 -10.665 -9.548  1.00 12.11  ? 98   GLU A C   1 
ATOM   739  O  O   . GLU A 1 118 ? -14.769 -10.760 -10.303 1.00 13.01  ? 98   GLU A O   1 
ATOM   740  C  CB  A GLU A 1 118 ? -14.137 -11.317 -7.176  0.50 12.44  ? 98   GLU A CB  1 
ATOM   741  C  CB  B GLU A 1 118 ? -14.149 -11.403 -7.183  0.50 13.50  ? 98   GLU A CB  1 
ATOM   742  C  CG  A GLU A 1 118 ? -14.244 -12.428 -6.137  0.50 12.64  ? 98   GLU A CG  1 
ATOM   743  C  CG  B GLU A 1 118 ? -15.674 -11.431 -7.191  0.50 16.73  ? 98   GLU A CG  1 
ATOM   744  C  CD  A GLU A 1 118 ? -14.815 -11.969 -4.801  0.50 14.30  ? 98   GLU A CD  1 
ATOM   745  C  CD  B GLU A 1 118 ? -16.296 -10.871 -5.921  0.50 16.98  ? 98   GLU A CD  1 
ATOM   746  O  OE1 A GLU A 1 118 ? -15.037 -10.757 -4.610  0.50 16.88  ? 98   GLU A OE1 1 
ATOM   747  O  OE1 B GLU A 1 118 ? -15.554 -10.555 -4.970  0.50 17.89  ? 98   GLU A OE1 1 
ATOM   748  O  OE2 A GLU A 1 118 ? -15.033 -12.837 -3.930  0.50 19.58  ? 98   GLU A OE2 1 
ATOM   749  O  OE2 B GLU A 1 118 ? -17.540 -10.744 -5.877  0.50 23.26  ? 98   GLU A OE2 1 
ATOM   750  N  N   . LEU A 1 119 ? -12.961 -9.635  -9.577  1.00 10.05  ? 99   LEU A N   1 
ATOM   751  C  CA  . LEU A 1 119 ? -13.165 -8.493  -10.477 1.00 10.30  ? 99   LEU A CA  1 
ATOM   752  C  C   . LEU A 1 119 ? -12.438 -8.613  -11.816 1.00 11.01  ? 99   LEU A C   1 
ATOM   753  O  O   . LEU A 1 119 ? -12.652 -7.788  -12.704 1.00 11.92  ? 99   LEU A O   1 
ATOM   754  C  CB  . LEU A 1 119 ? -12.770 -7.185  -9.774  1.00 11.08  ? 99   LEU A CB  1 
ATOM   755  C  CG  . LEU A 1 119 ? -13.517 -6.848  -8.484  1.00 11.58  ? 99   LEU A CG  1 
ATOM   756  C  CD1 . LEU A 1 119 ? -12.951 -5.571  -7.891  1.00 12.99  ? 99   LEU A CD1 1 
ATOM   757  C  CD2 . LEU A 1 119 ? -15.024 -6.740  -8.728  1.00 14.59  ? 99   LEU A CD2 1 
ATOM   758  N  N   . GLY A 1 120 ? -11.576 -9.618  -11.957 1.00 10.83  ? 100  GLY A N   1 
ATOM   759  C  CA  . GLY A 1 120 ? -10.840 -9.845  -13.193 1.00 10.70  ? 100  GLY A CA  1 
ATOM   760  C  C   . GLY A 1 120 ? -9.570  -9.025  -13.357 1.00 10.44  ? 100  GLY A C   1 
ATOM   761  O  O   . GLY A 1 120 ? -9.129  -8.795  -14.486 1.00 12.01  ? 100  GLY A O   1 
ATOM   762  N  N   . VAL A 1 121 ? -8.954  -8.618  -12.244 1.00 10.13  ? 101  VAL A N   1 
ATOM   763  C  CA  . VAL A 1 121 ? -7.731  -7.798  -12.294 1.00 10.03  ? 101  VAL A CA  1 
ATOM   764  C  C   . VAL A 1 121 ? -6.509  -8.625  -12.673 1.00 11.21  ? 101  VAL A C   1 
ATOM   765  O  O   . VAL A 1 121 ? -6.178  -9.603  -11.987 1.00 13.63  ? 101  VAL A O   1 
ATOM   766  C  CB  . VAL A 1 121 ? -7.444  -7.108  -10.948 1.00 10.69  ? 101  VAL A CB  1 
ATOM   767  C  CG1 . VAL A 1 121 ? -6.155  -6.279  -11.021 1.00 11.23  ? 101  VAL A CG1 1 
ATOM   768  C  CG2 . VAL A 1 121 ? -8.612  -6.240  -10.525 1.00 11.26  ? 101  VAL A CG2 1 
ATOM   769  N  N   . ALA A 1 122 ? -5.823  -8.211  -13.739 1.00 9.76   ? 102  ALA A N   1 
ATOM   770  C  CA  . ALA A 1 122 ? -4.614  -8.875  -14.196 1.00 10.80  ? 102  ALA A CA  1 
ATOM   771  C  C   . ALA A 1 122 ? -3.339  -8.104  -13.861 1.00 10.89  ? 102  ALA A C   1 
ATOM   772  O  O   . ALA A 1 122 ? -2.292  -8.723  -13.652 1.00 12.22  ? 102  ALA A O   1 
ATOM   773  C  CB  . ALA A 1 122 ? -4.682  -9.109  -15.700 1.00 13.21  ? 102  ALA A CB  1 
ATOM   774  N  N   . SER A 1 123 ? -3.423  -6.774  -13.811 1.00 10.32  ? 103  SER A N   1 
ATOM   775  C  CA  A SER A 1 123 ? -2.240  -5.923  -13.699 0.50 11.50  ? 103  SER A CA  1 
ATOM   776  C  CA  B SER A 1 123 ? -2.251  -5.902  -13.737 0.50 11.77  ? 103  SER A CA  1 
ATOM   777  C  C   . SER A 1 123 ? -2.470  -4.780  -12.726 1.00 10.04  ? 103  SER A C   1 
ATOM   778  O  O   . SER A 1 123 ? -3.567  -4.220  -12.659 1.00 10.32  ? 103  SER A O   1 
ATOM   779  C  CB  A SER A 1 123 ? -1.864  -5.362  -15.072 0.50 13.19  ? 103  SER A CB  1 
ATOM   780  C  CB  B SER A 1 123 ? -1.988  -5.305  -15.125 0.50 13.28  ? 103  SER A CB  1 
ATOM   781  O  OG  A SER A 1 123 ? -1.489  -6.394  -15.968 0.50 15.32  ? 103  SER A OG  1 
ATOM   782  O  OG  B SER A 1 123 ? -0.885  -4.415  -15.119 0.50 18.02  ? 103  SER A OG  1 
ATOM   783  N  N   . TRP A 1 124 ? -1.422  -4.444  -11.974 1.00 9.30   ? 104  TRP A N   1 
ATOM   784  C  CA  . TRP A 1 124 ? -1.450  -3.405  -10.953 1.00 8.95   ? 104  TRP A CA  1 
ATOM   785  C  C   . TRP A 1 124 ? -0.429  -2.319  -11.244 1.00 9.85   ? 104  TRP A C   1 
ATOM   786  O  O   . TRP A 1 124 ? 0.698   -2.609  -11.637 1.00 10.50  ? 104  TRP A O   1 
ATOM   787  C  CB  . TRP A 1 124 ? -1.120  -4.014  -9.590  1.00 9.48   ? 104  TRP A CB  1 
ATOM   788  C  CG  . TRP A 1 124 ? -2.203  -4.894  -9.052  1.00 9.98   ? 104  TRP A CG  1 
ATOM   789  C  CD1 . TRP A 1 124 ? -2.293  -6.263  -9.134  1.00 11.06  ? 104  TRP A CD1 1 
ATOM   790  C  CD2 . TRP A 1 124 ? -3.375  -4.458  -8.359  1.00 9.00   ? 104  TRP A CD2 1 
ATOM   791  N  NE1 . TRP A 1 124 ? -3.448  -6.691  -8.524  1.00 11.38  ? 104  TRP A NE1 1 
ATOM   792  C  CE2 . TRP A 1 124 ? -4.132  -5.606  -8.041  1.00 10.75  ? 104  TRP A CE2 1 
ATOM   793  C  CE3 . TRP A 1 124 ? -3.857  -3.201  -7.979  1.00 10.75  ? 104  TRP A CE3 1 
ATOM   794  C  CZ2 . TRP A 1 124 ? -5.344  -5.531  -7.346  1.00 11.30  ? 104  TRP A CZ2 1 
ATOM   795  C  CZ3 . TRP A 1 124 ? -5.064  -3.124  -7.289  1.00 10.46  ? 104  TRP A CZ3 1 
ATOM   796  C  CH2 . TRP A 1 124 ? -5.793  -4.283  -6.986  1.00 10.57  ? 104  TRP A CH2 1 
ATOM   797  N  N   . HIS A 1 125 ? -0.819  -1.068  -11.025 1.00 8.47   ? 105  HIS A N   1 
ATOM   798  C  CA  . HIS A 1 125 ? 0.068   0.078   -11.231 1.00 9.33   ? 105  HIS A CA  1 
ATOM   799  C  C   . HIS A 1 125 ? -0.009  0.956   -10.005 1.00 9.31   ? 105  HIS A C   1 
ATOM   800  O  O   . HIS A 1 125 ? -1.106  1.264   -9.532  1.00 9.82   ? 105  HIS A O   1 
ATOM   801  C  CB  . HIS A 1 125 ? -0.359  0.855   -12.467 1.00 9.44   ? 105  HIS A CB  1 
ATOM   802  C  CG  . HIS A 1 125 ? -0.417  0.008   -13.692 1.00 11.03  ? 105  HIS A CG  1 
ATOM   803  N  ND1 . HIS A 1 125 ? 0.706   -0.312  -14.423 1.00 12.63  ? 105  HIS A ND1 1 
ATOM   804  C  CD2 . HIS A 1 125 ? -1.454  -0.631  -14.281 1.00 13.03  ? 105  HIS A CD2 1 
ATOM   805  C  CE1 . HIS A 1 125 ? 0.358   -1.099  -15.424 1.00 14.43  ? 105  HIS A CE1 1 
ATOM   806  N  NE2 . HIS A 1 125 ? -0.943  -1.310  -15.360 1.00 14.90  ? 105  HIS A NE2 1 
ATOM   807  N  N   . VAL A 1 126 ? 1.143   1.366   -9.492  1.00 8.76   ? 106  VAL A N   1 
ATOM   808  C  CA  . VAL A 1 126 ? 1.187   2.207   -8.293  1.00 8.18   ? 106  VAL A CA  1 
ATOM   809  C  C   . VAL A 1 126 ? 2.232   3.305   -8.454  1.00 9.16   ? 106  VAL A C   1 
ATOM   810  O  O   . VAL A 1 126 ? 3.235   3.125   -9.171  1.00 9.74   ? 106  VAL A O   1 
ATOM   811  C  CB  . VAL A 1 126 ? 1.466   1.356   -7.006  1.00 9.58   ? 106  VAL A CB  1 
ATOM   812  C  CG1 . VAL A 1 126 ? 2.826   0.650   -7.091  1.00 10.64  ? 106  VAL A CG1 1 
ATOM   813  C  CG2 . VAL A 1 126 ? 1.372   2.207   -5.720  1.00 9.49   ? 106  VAL A CG2 1 
ATOM   814  N  N   . SER A 1 127 ? 1.978   4.440   -7.819  1.00 8.38   ? 107  SER A N   1 
ATOM   815  C  CA  . SER A 1 127 ? 2.998   5.459   -7.626  1.00 7.89   ? 107  SER A CA  1 
ATOM   816  C  C   . SER A 1 127 ? 2.800   6.080   -6.262  1.00 8.05   ? 107  SER A C   1 
ATOM   817  O  O   . SER A 1 127 ? 1.679   6.161   -5.774  1.00 8.64   ? 107  SER A O   1 
ATOM   818  C  CB  . SER A 1 127 ? 2.941   6.519   -8.735  1.00 7.99   ? 107  SER A CB  1 
ATOM   819  O  OG  . SER A 1 127 ? 3.983   7.485   -8.596  1.00 8.46   ? 107  SER A OG  1 
ATOM   820  N  N   . LEU A 1 128 ? 3.914   6.507   -5.662  1.00 7.96   ? 108  LEU A N   1 
ATOM   821  C  CA  . LEU A 1 128 ? 3.970   7.081   -4.306  1.00 9.57   ? 108  LEU A CA  1 
ATOM   822  C  C   . LEU A 1 128 ? 4.663   8.439   -4.312  1.00 9.07   ? 108  LEU A C   1 
ATOM   823  O  O   . LEU A 1 128 ? 5.567   8.659   -5.114  1.00 9.16   ? 108  LEU A O   1 
ATOM   824  C  CB  . LEU A 1 128 ? 4.786   6.177   -3.370  1.00 10.34  ? 108  LEU A CB  1 
ATOM   825  C  CG  . LEU A 1 128 ? 4.415   4.698   -3.242  1.00 13.94  ? 108  LEU A CG  1 
ATOM   826  C  CD1 . LEU A 1 128 ? 5.272   4.012   -2.176  1.00 14.54  ? 108  LEU A CD1 1 
ATOM   827  C  CD2 . LEU A 1 128 ? 2.938   4.513   -2.950  1.00 14.81  ? 108  LEU A CD2 1 
ATOM   828  N  N   . SER A 1 129 ? 4.259   9.323   -3.397  1.00 10.58  ? 109  SER A N   1 
ATOM   829  C  CA  . SER A 1 129 ? 4.890   10.649  -3.243  1.00 13.25  ? 109  SER A CA  1 
ATOM   830  C  C   . SER A 1 129 ? 4.652   11.176  -1.849  1.00 15.79  ? 109  SER A C   1 
ATOM   831  O  O   . SER A 1 129 ? 3.565   11.000  -1.297  1.00 17.32  ? 109  SER A O   1 
ATOM   832  C  CB  . SER A 1 129 ? 4.324   11.652  -4.264  1.00 13.60  ? 109  SER A CB  1 
ATOM   833  O  OG  . SER A 1 129 ? 4.903   12.955  -4.123  1.00 15.00  ? 109  SER A OG  1 
ATOM   834  N  N   . ALA A 1 130 ? 5.654   11.851  -1.299  1.00 16.76  ? 110  ALA A N   1 
ATOM   835  C  CA  . ALA A 1 130 ? 5.517   12.481  0.009   1.00 18.57  ? 110  ALA A CA  1 
ATOM   836  C  C   . ALA A 1 130 ? 6.156   13.857  0.005   1.00 20.44  ? 110  ALA A C   1 
ATOM   837  O  O   . ALA A 1 130 ? 7.257   14.050  -0.527  1.00 22.92  ? 110  ALA A O   1 
ATOM   838  C  CB  . ALA A 1 130 ? 6.130   11.610  1.091   1.00 19.77  ? 110  ALA A CB  1 
ATOM   839  N  N   . ASP A 1 131 ? 5.436   14.816  0.575   1.00 18.97  ? 111  ASP A N   1 
ATOM   840  C  CA  . ASP A 1 131 ? 5.954   16.165  0.782   1.00 19.62  ? 111  ASP A CA  1 
ATOM   841  C  C   . ASP A 1 131 ? 4.938   16.914  1.618   1.00 19.52  ? 111  ASP A C   1 
ATOM   842  O  O   . ASP A 1 131 ? 3.794   16.471  1.754   1.00 18.25  ? 111  ASP A O   1 
ATOM   843  C  CB  . ASP A 1 131 ? 6.179   16.892  -0.555  1.00 20.61  ? 111  ASP A CB  1 
ATOM   844  C  CG  . ASP A 1 131 ? 7.156   18.065  -0.438  1.00 22.13  ? 111  ASP A CG  1 
ATOM   845  O  OD1 . ASP A 1 131 ? 7.722   18.280  0.660   1.00 26.75  ? 111  ASP A OD1 1 
ATOM   846  O  OD2 . ASP A 1 131 ? 7.362   18.771  -1.448  1.00 21.23  ? 111  ASP A OD2 1 
ATOM   847  N  N   . ALA A 1 132 ? 5.359   18.044  2.186   1.00 20.02  ? 112  ALA A N   1 
ATOM   848  C  CA  . ALA A 1 132 ? 4.463   18.952  2.907   1.00 21.09  ? 112  ALA A CA  1 
ATOM   849  C  C   . ALA A 1 132 ? 3.649   18.254  4.002   1.00 21.20  ? 112  ALA A C   1 
ATOM   850  O  O   . ALA A 1 132 ? 2.479   18.583  4.234   1.00 22.60  ? 112  ALA A O   1 
ATOM   851  C  CB  . ALA A 1 132 ? 3.547   19.685  1.927   1.00 22.60  ? 112  ALA A CB  1 
ATOM   852  N  N   . GLY A 1 133 ? 4.284   17.290  4.663   1.00 20.97  ? 113  GLY A N   1 
ATOM   853  C  CA  . GLY A 1 133 ? 3.679   16.575  5.782   1.00 18.99  ? 113  GLY A CA  1 
ATOM   854  C  C   . GLY A 1 133 ? 2.715   15.468  5.401   1.00 17.45  ? 113  GLY A C   1 
ATOM   855  O  O   . GLY A 1 133 ? 2.106   14.845  6.272   1.00 16.15  ? 113  GLY A O   1 
ATOM   856  N  N   . ILE A 1 134 ? 2.574   15.210  4.102   1.00 16.81  ? 114  ILE A N   1 
ATOM   857  C  CA  . ILE A 1 134 ? 1.650   14.175  3.643   1.00 17.34  ? 114  ILE A CA  1 
ATOM   858  C  C   . ILE A 1 134 ? 2.356   13.131  2.793   1.00 16.00  ? 114  ILE A C   1 
ATOM   859  O  O   . ILE A 1 134 ? 3.385   13.400  2.173   1.00 18.09  ? 114  ILE A O   1 
ATOM   860  C  CB  . ILE A 1 134 ? 0.411   14.745  2.878   1.00 17.76  ? 114  ILE A CB  1 
ATOM   861  C  CG1 . ILE A 1 134 ? 0.830   15.538  1.634   1.00 20.54  ? 114  ILE A CG1 1 
ATOM   862  C  CG2 . ILE A 1 134 ? -0.471  15.565  3.813   1.00 20.38  ? 114  ILE A CG2 1 
ATOM   863  C  CD1 . ILE A 1 134 ? -0.291  15.751  0.612   1.00 20.50  ? 114  ILE A CD1 1 
ATOM   864  N  N   . ALA A 1 135 ? 1.802   11.928  2.800   1.00 13.22  ? 115  ALA A N   1 
ATOM   865  C  CA  . ALA A 1 135 ? 2.225   10.886  1.878   1.00 13.21  ? 115  ALA A CA  1 
ATOM   866  C  C   . ALA A 1 135 ? 1.019   10.575  1.021   1.00 13.18  ? 115  ALA A C   1 
ATOM   867  O  O   . ALA A 1 135 ? -0.114  10.644  1.491   1.00 14.68  ? 115  ALA A O   1 
ATOM   868  C  CB  . ALA A 1 135 ? 2.681   9.664   2.635   1.00 13.81  ? 115  ALA A CB  1 
ATOM   869  N  N   . SER A 1 136 ? 1.256   10.251  -0.240  1.00 11.96  ? 116  SER A N   1 
ATOM   870  C  CA  . SER A 1 136 ? 0.157   9.964   -1.141  1.00 12.53  ? 116  SER A CA  1 
ATOM   871  C  C   . SER A 1 136 ? 0.464   8.775   -2.033  1.00 11.04  ? 116  SER A C   1 
ATOM   872  O  O   . SER A 1 136 ? 1.633   8.455   -2.290  1.00 11.01  ? 116  SER A O   1 
ATOM   873  C  CB  . SER A 1 136 ? -0.155  11.191  -2.001  1.00 13.62  ? 116  SER A CB  1 
ATOM   874  O  OG  . SER A 1 136 ? 0.846   11.387  -2.977  1.00 19.37  ? 116  SER A OG  1 
ATOM   875  N  N   . ALA A 1 137 ? -0.600  8.131   -2.511  1.00 8.80   ? 117  ALA A N   1 
ATOM   876  C  CA  . ALA A 1 137 ? -0.476  7.026   -3.447  1.00 9.08   ? 117  ALA A CA  1 
ATOM   877  C  C   . ALA A 1 137 ? -1.648  7.000   -4.396  1.00 7.77   ? 117  ALA A C   1 
ATOM   878  O  O   . ALA A 1 137 ? -2.762  7.379   -4.028  1.00 9.09   ? 117  ALA A O   1 
ATOM   879  C  CB  . ALA A 1 137 ? -0.403  5.711   -2.697  1.00 10.60  ? 117  ALA A CB  1 
ATOM   880  N  N   . VAL A 1 138 ? -1.372  6.590   -5.630  1.00 7.92   ? 118  VAL A N   1 
ATOM   881  C  CA  A VAL A 1 138 ? -2.416  6.271   -6.583  0.50 7.43   ? 118  VAL A CA  1 
ATOM   882  C  CA  B VAL A 1 138 ? -2.414  6.267   -6.598  0.50 8.78   ? 118  VAL A CA  1 
ATOM   883  C  C   . VAL A 1 138 ? -2.199  4.835   -7.059  1.00 7.83   ? 118  VAL A C   1 
ATOM   884  O  O   . VAL A 1 138 ? -1.058  4.414   -7.268  1.00 7.70   ? 118  VAL A O   1 
ATOM   885  C  CB  A VAL A 1 138 ? -2.460  7.301   -7.753  0.50 7.17   ? 118  VAL A CB  1 
ATOM   886  C  CB  B VAL A 1 138 ? -2.416  7.242   -7.807  0.50 9.21   ? 118  VAL A CB  1 
ATOM   887  C  CG1 A VAL A 1 138 ? -1.187  7.249   -8.586  0.50 4.77   ? 118  VAL A CG1 1 
ATOM   888  C  CG1 B VAL A 1 138 ? -3.362  6.766   -8.907  0.50 10.56  ? 118  VAL A CG1 1 
ATOM   889  C  CG2 A VAL A 1 138 ? -3.707  7.112   -8.622  0.50 6.15   ? 118  VAL A CG2 1 
ATOM   890  C  CG2 B VAL A 1 138 ? -2.829  8.618   -7.364  0.50 13.82  ? 118  VAL A CG2 1 
ATOM   891  N  N   . VAL A 1 139 ? -3.297  4.094   -7.204  1.00 7.85   ? 119  VAL A N   1 
ATOM   892  C  CA  . VAL A 1 139 ? -3.268  2.705   -7.659  1.00 7.41   ? 119  VAL A CA  1 
ATOM   893  C  C   . VAL A 1 139 ? -4.304  2.517   -8.751  1.00 8.08   ? 119  VAL A C   1 
ATOM   894  O  O   . VAL A 1 139 ? -5.443  2.953   -8.598  1.00 8.10   ? 119  VAL A O   1 
ATOM   895  C  CB  . VAL A 1 139 ? -3.537  1.740   -6.483  1.00 7.77   ? 119  VAL A CB  1 
ATOM   896  C  CG1 . VAL A 1 139 ? -3.712  0.296   -6.969  1.00 11.30  ? 119  VAL A CG1 1 
ATOM   897  C  CG2 . VAL A 1 139 ? -2.427  1.837   -5.429  1.00 8.67   ? 119  VAL A CG2 1 
ATOM   898  N  N   . ILE A 1 140 ? -3.902  1.877   -9.851  1.00 8.78   ? 120  ILE A N   1 
ATOM   899  C  CA  . ILE A 1 140 ? -4.844  1.495   -10.892 1.00 8.61   ? 120  ILE A CA  1 
ATOM   900  C  C   . ILE A 1 140 ? -4.817  -0.020  -11.068 1.00 8.98   ? 120  ILE A C   1 
ATOM   901  O  O   . ILE A 1 140 ? -3.731  -0.614  -11.169 1.00 8.89   ? 120  ILE A O   1 
ATOM   902  C  CB  . ILE A 1 140 ? -4.542  2.197   -12.233 1.00 8.69   ? 120  ILE A CB  1 
ATOM   903  C  CG1 . ILE A 1 140 ? -4.448  3.712   -12.046 1.00 10.66  ? 120  ILE A CG1 1 
ATOM   904  C  CG2 . ILE A 1 140 ? -5.610  1.862   -13.281 1.00 10.28  ? 120  ILE A CG2 1 
ATOM   905  C  CD1 . ILE A 1 140 ? -3.934  4.442   -13.290 1.00 10.98  ? 120  ILE A CD1 1 
ATOM   906  N  N   . ALA A 1 141 ? -6.008  -0.620  -11.074 1.00 8.93   ? 121  ALA A N   1 
ATOM   907  C  CA  . ALA A 1 141 ? -6.208  -2.037  -11.356 1.00 8.85   ? 121  ALA A CA  1 
ATOM   908  C  C   . ALA A 1 141 ? -6.745  -2.173  -12.764 1.00 8.34   ? 121  ALA A C   1 
ATOM   909  O  O   . ALA A 1 141 ? -7.707  -1.499  -13.144 1.00 9.88   ? 121  ALA A O   1 
ATOM   910  C  CB  . ALA A 1 141 ? -7.200  -2.609  -10.389 1.00 10.28  ? 121  ALA A CB  1 
ATOM   911  N  N   . GLU A 1 142 ? -6.147  -3.080  -13.527 1.00 9.60   ? 122  GLU A N   1 
ATOM   912  C  CA  . GLU A 1 142 ? -6.453  -3.248  -14.931 1.00 10.96  ? 122  GLU A CA  1 
ATOM   913  C  C   . GLU A 1 142 ? -6.656  -4.738  -15.246 1.00 10.49  ? 122  GLU A C   1 
ATOM   914  O  O   . GLU A 1 142 ? -6.014  -5.584  -14.630 1.00 9.53   ? 122  GLU A O   1 
ATOM   915  C  CB  . GLU A 1 142 ? -5.250  -2.672  -15.678 1.00 15.37  ? 122  GLU A CB  1 
ATOM   916  C  CG  . GLU A 1 142 ? -5.146  -2.902  -17.137 1.00 17.93  ? 122  GLU A CG  1 
ATOM   917  C  CD  . GLU A 1 142 ? -3.827  -2.379  -17.685 1.00 15.52  ? 122  GLU A CD  1 
ATOM   918  O  OE1 . GLU A 1 142 ? -3.895  -1.707  -18.720 1.00 19.32  ? 122  GLU A OE1 1 
ATOM   919  O  OE2 . GLU A 1 142 ? -2.745  -2.638  -17.099 1.00 16.75  ? 122  GLU A OE2 1 
ATOM   920  N  N   . GLY A 1 143 ? -7.523  -5.060  -16.198 1.00 10.13  ? 123  GLY A N   1 
ATOM   921  C  CA  . GLY A 1 143 ? -7.710  -6.462  -16.565 1.00 11.59  ? 123  GLY A CA  1 
ATOM   922  C  C   . GLY A 1 143 ? -8.725  -6.677  -17.659 1.00 14.28  ? 123  GLY A C   1 
ATOM   923  O  O   . GLY A 1 143 ? -9.396  -5.730  -18.068 1.00 15.23  ? 123  GLY A O   1 
ATOM   924  O  OXT . GLY A 1 143 ? -8.881  -7.808  -18.137 1.00 15.01  ? 123  GLY A OXT 1 
HETATM 925  N  N1A . COA B 2 .   ? 10.598  4.828   -10.575 1.00 10.93  ? 1124 COA A N1A 1 
HETATM 926  C  C2A . COA B 2 .   ? 9.340   5.132   -10.107 1.00 11.03  ? 1124 COA A C2A 1 
HETATM 927  N  N3A . COA B 2 .   ? 9.150   5.540   -8.812  1.00 10.16  ? 1124 COA A N3A 1 
HETATM 928  C  C4A . COA B 2 .   ? 10.233  5.626   -7.993  1.00 9.41   ? 1124 COA A C4A 1 
HETATM 929  C  C5A . COA B 2 .   ? 11.515  5.331   -8.447  1.00 10.92  ? 1124 COA A C5A 1 
HETATM 930  C  C6A . COA B 2 .   ? 11.696  4.925   -9.757  1.00 11.76  ? 1124 COA A C6A 1 
HETATM 931  N  N6A . COA B 2 .   ? 12.881  4.526   -10.219 1.00 13.49  ? 1124 COA A N6A 1 
HETATM 932  N  N7A . COA B 2 .   ? 12.376  5.512   -7.414  1.00 11.51  ? 1124 COA A N7A 1 
HETATM 933  C  C8A . COA B 2 .   ? 11.670  5.913   -6.341  1.00 10.06  ? 1124 COA A C8A 1 
HETATM 934  N  N9A . COA B 2 .   ? 10.335  5.972   -6.683  1.00 10.73  ? 1124 COA A N9A 1 
HETATM 935  C  C1B . COA B 2 .   ? 9.182   6.268   -5.821  1.00 10.28  ? 1124 COA A C1B 1 
HETATM 936  C  C2B . COA B 2 .   ? 9.345   5.597   -4.467  1.00 10.71  ? 1124 COA A C2B 1 
HETATM 937  O  O2B . COA B 2 .   ? 8.132   4.948   -4.136  1.00 11.72  ? 1124 COA A O2B 1 
HETATM 938  C  C3B . COA B 2 .   ? 9.633   6.776   -3.542  1.00 12.96  ? 1124 COA A C3B 1 
HETATM 939  O  O3B . COA B 2 .   ? 9.156   6.628   -2.225  1.00 12.08  ? 1124 COA A O3B 1 
HETATM 940  P  P3B . COA B 2 .   ? 9.791   5.515   -1.244  1.00 13.99  ? 1124 COA A P3B 1 
HETATM 941  O  O7A . COA B 2 .   ? 9.270   4.178   -1.682  1.00 13.95  ? 1124 COA A O7A 1 
HETATM 942  O  O8A . COA B 2 .   ? 9.313   5.868   0.130   1.00 16.84  ? 1124 COA A O8A 1 
HETATM 943  O  O9A . COA B 2 .   ? 11.296  5.591   -1.370  1.00 16.32  ? 1124 COA A O9A 1 
HETATM 944  C  C4B . COA B 2 .   ? 8.930   7.910   -4.247  1.00 11.33  ? 1124 COA A C4B 1 
HETATM 945  O  O4B . COA B 2 .   ? 9.150   7.665   -5.611  1.00 11.15  ? 1124 COA A O4B 1 
HETATM 946  C  C5B . COA B 2 .   ? 9.522   9.242   -3.853  1.00 11.35  ? 1124 COA A C5B 1 
HETATM 947  O  O5B . COA B 2 .   ? 8.723   10.228  -4.452  1.00 12.52  ? 1124 COA A O5B 1 
HETATM 948  P  P1A . COA B 2 .   ? 8.672   11.659  -3.790  1.00 11.69  ? 1124 COA A P1A 1 
HETATM 949  O  O1A . COA B 2 .   ? 8.306   11.584  -2.339  1.00 17.39  ? 1124 COA A O1A 1 
HETATM 950  O  O2A . COA B 2 .   ? 7.729   12.491  -4.596  1.00 12.22  ? 1124 COA A O2A 1 
HETATM 951  O  O3A . COA B 2 .   ? 10.218  12.097  -3.928  1.00 17.05  ? 1124 COA A O3A 1 
HETATM 952  P  P2A . COA B 2 .   ? 10.852  12.812  -5.225  1.00 30.12  ? 1124 COA A P2A 1 
HETATM 953  O  O4A . COA B 2 .   ? 11.906  13.755  -4.708  1.00 35.55  ? 1124 COA A O4A 1 
HETATM 954  O  O5A . COA B 2 .   ? 9.814   13.550  -6.010  1.00 30.32  ? 1124 COA A O5A 1 
HETATM 955  O  O6A . COA B 2 .   ? 11.629  11.628  -5.990  1.00 35.20  ? 1124 COA A O6A 1 
HETATM 956  C  CBP . COA B 2 .   ? 12.030  10.401  -8.015  1.00 25.72  ? 1124 COA A CBP 1 
HETATM 957  C  CCP . COA B 2 .   ? 11.028  10.761  -6.919  1.00 29.50  ? 1124 COA A CCP 1 
HETATM 958  C  CDP . COA B 2 .   ? 11.243  10.351  -9.323  1.00 26.88  ? 1124 COA A CDP 1 
HETATM 959  C  CEP . COA B 2 .   ? 12.611  9.013   -7.757  1.00 25.39  ? 1124 COA A CEP 1 
HETATM 960  C  CAP . COA B 2 .   ? 13.150  11.453  -8.065  1.00 25.08  ? 1124 COA A CAP 1 
HETATM 961  O  OAP . COA B 2 .   ? 14.066  11.298  -6.996  1.00 27.08  ? 1124 COA A OAP 1 
HETATM 962  C  C9P . COA B 2 .   ? 13.916  11.437  -9.349  1.00 26.74  ? 1124 COA A C9P 1 
HETATM 963  O  O9P . COA B 2 .   ? 15.007  10.566  -9.513  1.00 26.35  ? 1124 COA A O9P 1 
HETATM 964  N  N8P . COA B 2 .   ? 13.504  12.290  -10.279 1.00 24.78  ? 1124 COA A N8P 1 
HETATM 965  C  C7P . COA B 2 .   ? 13.903  12.147  -11.662 1.00 26.07  ? 1124 COA A C7P 1 
HETATM 966  C  C6P . COA B 2 .   ? 13.220  13.212  -12.499 1.00 23.30  ? 1124 COA A C6P 1 
HETATM 967  C  C5P . COA B 2 .   ? 13.718  13.186  -13.921 1.00 24.38  ? 1124 COA A C5P 1 
HETATM 968  O  O5P . COA B 2 .   ? 14.403  12.246  -14.359 1.00 25.83  ? 1124 COA A O5P 1 
HETATM 969  N  N4P . COA B 2 .   ? 13.361  14.241  -14.647 1.00 23.57  ? 1124 COA A N4P 1 
HETATM 970  C  C3P . COA B 2 .   ? 13.809  14.430  -16.011 1.00 24.62  ? 1124 COA A C3P 1 
HETATM 971  C  C2P . COA B 2 .   ? 12.781  13.938  -17.021 1.00 23.17  ? 1124 COA A C2P 1 
HETATM 972  S  S1P . COA B 2 .   ? 11.158  14.713  -16.813 1.00 25.61  ? 1124 COA A S1P 1 
HETATM 973  MG MG  . MG  C 3 .   ? 8.200   14.422  -5.294  1.00 13.82  ? 1125 MG  A MG  1 
HETATM 974  O  O   . HOH D 4 .   ? 13.283  8.531   -4.355  1.00 32.25  ? 2001 HOH A O   1 
HETATM 975  O  O   . HOH D 4 .   ? 12.029  9.363   -0.718  1.00 50.32  ? 2002 HOH A O   1 
HETATM 976  O  O   . HOH D 4 .   ? 16.724  7.766   -8.606  1.00 55.39  ? 2003 HOH A O   1 
HETATM 977  O  O   . HOH D 4 .   ? 9.073   11.206  2.196   1.00 55.83  ? 2004 HOH A O   1 
HETATM 978  O  O   . HOH D 4 .   ? -15.172 -3.768  -14.325 1.00 24.96  ? 2005 HOH A O   1 
HETATM 979  O  O   . HOH D 4 .   ? -4.506  2.584   10.837  1.00 54.01  ? 2006 HOH A O   1 
HETATM 980  O  O   . HOH D 4 .   ? -12.187 -5.622  -17.283 1.00 26.93  ? 2007 HOH A O   1 
HETATM 981  O  O   . HOH D 4 .   ? -13.510 -3.049  -16.574 1.00 23.84  ? 2008 HOH A O   1 
HETATM 982  O  O   . HOH D 4 .   ? -16.028 -4.184  -11.455 1.00 26.76  ? 2009 HOH A O   1 
HETATM 983  O  O   . HOH D 4 .   ? -2.906  4.662   11.455  1.00 60.88  ? 2010 HOH A O   1 
HETATM 984  O  O   . HOH D 4 .   ? 6.536   13.017  11.481  1.00 50.31  ? 2011 HOH A O   1 
HETATM 985  O  O   . HOH D 4 .   ? -13.592 -0.510  -17.633 1.00 29.94  ? 2012 HOH A O   1 
HETATM 986  O  O   . HOH D 4 .   ? 5.868   9.768   21.477  1.00 51.95  ? 2013 HOH A O   1 
HETATM 987  O  O   . HOH D 4 .   ? -14.991 -1.661  -12.810 1.00 23.41  ? 2014 HOH A O   1 
HETATM 988  O  O   . HOH D 4 .   ? -3.172  7.229   10.537  1.00 44.75  ? 2015 HOH A O   1 
HETATM 989  O  O   . HOH D 4 .   ? -12.498 3.608   -6.003  1.00 13.28  ? 2016 HOH A O   1 
HETATM 990  O  O   . HOH D 4 .   ? -12.518 3.069   -9.173  1.00 13.64  ? 2017 HOH A O   1 
HETATM 991  O  O   . HOH D 4 .   ? 6.131   10.778  13.032  1.00 39.54  ? 2018 HOH A O   1 
HETATM 992  O  O   . HOH D 4 .   ? 5.255   9.843   17.034  1.00 40.17  ? 2019 HOH A O   1 
HETATM 993  O  O   . HOH D 4 .   ? -2.615  10.991  17.034  1.00 43.26  ? 2020 HOH A O   1 
HETATM 994  O  O   . HOH D 4 .   ? -3.297  14.926  15.035  1.00 48.57  ? 2021 HOH A O   1 
HETATM 995  O  O   . HOH D 4 .   ? 13.581  -9.616  7.426   1.00 34.73  ? 2022 HOH A O   1 
HETATM 996  O  O   . HOH D 4 .   ? 12.906  -8.809  4.889   1.00 34.88  ? 2023 HOH A O   1 
HETATM 997  O  O   . HOH D 4 .   ? -2.487  7.773   17.814  1.00 40.69  ? 2024 HOH A O   1 
HETATM 998  O  O   . HOH D 4 .   ? 16.413  5.735   2.259   1.00 38.77  ? 2025 HOH A O   1 
HETATM 999  O  O   . HOH D 4 .   ? 16.221  -9.401  7.176   1.00 54.53  ? 2026 HOH A O   1 
HETATM 1000 O  O   . HOH D 4 .   ? 8.027   3.867   12.764  1.00 39.72  ? 2027 HOH A O   1 
HETATM 1001 O  O   . HOH D 4 .   ? 8.116   7.991   14.984  1.00 41.90  ? 2028 HOH A O   1 
HETATM 1002 O  O   . HOH D 4 .   ? 3.907   10.094  19.364  1.00 37.13  ? 2029 HOH A O   1 
HETATM 1003 O  O   . HOH D 4 .   ? 10.680  12.513  3.904   1.00 71.82  ? 2030 HOH A O   1 
HETATM 1004 O  O   . HOH D 4 .   ? -3.765  5.404   17.489  1.00 38.66  ? 2031 HOH A O   1 
HETATM 1005 O  O   . HOH D 4 .   ? 6.427   0.762   15.110  1.00 24.54  ? 2032 HOH A O   1 
HETATM 1006 O  O   . HOH D 4 .   ? 2.606   0.586   24.277  1.00 24.47  ? 2033 HOH A O   1 
HETATM 1007 O  O   . HOH D 4 .   ? -6.673  9.435   3.927   1.00 24.26  ? 2034 HOH A O   1 
HETATM 1008 O  O   . HOH D 4 .   ? 7.279   -4.422  13.894  1.00 29.39  ? 2035 HOH A O   1 
HETATM 1009 O  O   . HOH D 4 .   ? 4.691   -7.200  15.592  1.00 28.15  ? 2036 HOH A O   1 
HETATM 1010 O  O   . HOH D 4 .   ? 4.179   -9.392  13.878  1.00 42.44  ? 2037 HOH A O   1 
HETATM 1011 O  O   . HOH D 4 .   ? 1.163   17.233  10.251  1.00 38.68  ? 2038 HOH A O   1 
HETATM 1012 O  O   . HOH D 4 .   ? -2.447  9.322   8.650   1.00 32.29  ? 2039 HOH A O   1 
HETATM 1013 O  O   . HOH D 4 .   ? 7.375   -6.578  12.302  1.00 24.53  ? 2040 HOH A O   1 
HETATM 1014 O  O   . HOH D 4 .   ? 2.368   -16.528 -2.326  0.33 28.02  ? 2041 HOH A O   1 
HETATM 1015 O  O   . HOH D 4 .   ? 3.737   19.316  14.249  1.00 71.03  ? 2042 HOH A O   1 
HETATM 1016 O  O   . HOH D 4 .   ? -0.683  13.126  15.786  1.00 39.27  ? 2043 HOH A O   1 
HETATM 1017 O  O   . HOH D 4 .   ? 4.446   11.413  14.957  1.00 32.07  ? 2044 HOH A O   1 
HETATM 1018 O  O   . HOH D 4 .   ? 13.451  -8.002  9.534   1.00 27.67  ? 2045 HOH A O   1 
HETATM 1019 O  O   . HOH D 4 .   ? 11.031  -5.569  -0.226  1.00 21.34  ? 2046 HOH A O   1 
HETATM 1020 O  O   . HOH D 4 .   ? 12.652  -7.582  0.513   1.00 41.20  ? 2047 HOH A O   1 
HETATM 1021 O  O   . HOH D 4 .   ? 11.304  -10.957 4.169   1.00 36.67  ? 2048 HOH A O   1 
HETATM 1022 O  O   . HOH D 4 .   ? 16.849  -7.358  3.655   1.00 50.57  ? 2049 HOH A O   1 
HETATM 1023 O  O   . HOH D 4 .   ? -9.510  -18.468 -3.292  0.33 30.42  ? 2050 HOH A O   1 
HETATM 1024 O  O   . HOH D 4 .   ? -2.427  8.920   15.338  1.00 37.39  ? 2051 HOH A O   1 
HETATM 1025 O  O   . HOH D 4 .   ? 14.277  -3.740  -2.055  1.00 25.00  ? 2052 HOH A O   1 
HETATM 1026 O  O   . HOH D 4 .   ? 17.442  3.566   0.824   1.00 32.15  ? 2053 HOH A O   1 
HETATM 1027 O  O   . HOH D 4 .   ? 18.008  -7.482  6.192   1.00 41.09  ? 2054 HOH A O   1 
HETATM 1028 O  O   . HOH D 4 .   ? 16.193  -6.799  10.204  1.00 37.56  ? 2055 HOH A O   1 
HETATM 1029 O  O   . HOH D 4 .   ? 7.276   1.360   12.764  1.00 33.70  ? 2056 HOH A O   1 
HETATM 1030 O  O   . HOH D 4 .   ? 14.943  6.891   6.376   1.00 31.92  ? 2057 HOH A O   1 
HETATM 1031 O  O   . HOH D 4 .   ? 11.659  6.094   12.231  1.00 49.49  ? 2058 HOH A O   1 
HETATM 1032 O  O   . HOH D 4 .   ? 14.983  2.989   -0.852  1.00 29.27  ? 2059 HOH A O   1 
HETATM 1033 O  O   . HOH D 4 .   ? 13.431  5.991   2.320   1.00 21.12  ? 2060 HOH A O   1 
HETATM 1034 O  O   . HOH D 4 .   ? 6.464   5.752   14.578  1.00 31.31  ? 2061 HOH A O   1 
HETATM 1035 O  O   . HOH D 4 .   ? 13.082  9.018   8.821   1.00 47.17  ? 2062 HOH A O   1 
HETATM 1036 O  O   . HOH D 4 .   ? 10.652  9.817   12.457  1.00 43.02  ? 2063 HOH A O   1 
HETATM 1037 O  O   . HOH D 4 .   ? 9.219   11.756  8.057   1.00 82.59  ? 2064 HOH A O   1 
HETATM 1038 O  O   . HOH D 4 .   ? 2.000   8.336   19.762  1.00 28.44  ? 2065 HOH A O   1 
HETATM 1039 O  O   . HOH D 4 .   ? 10.700  9.356   3.037   1.00 25.67  ? 2066 HOH A O   1 
HETATM 1040 O  O   . HOH D 4 .   ? -2.127  3.125   17.519  1.00 26.81  ? 2067 HOH A O   1 
HETATM 1041 O  O   . HOH D 4 .   ? 3.854   -0.227  15.639  1.00 15.56  ? 2068 HOH A O   1 
HETATM 1042 O  O   . HOH D 4 .   ? 5.318   1.329   19.041  1.00 29.10  ? 2069 HOH A O   1 
HETATM 1043 O  O   . HOH D 4 .   ? 7.028   3.325   15.961  1.00 41.98  ? 2070 HOH A O   1 
HETATM 1044 O  O   . HOH D 4 .   ? 4.754   5.239   23.088  1.00 80.70  ? 2071 HOH A O   1 
HETATM 1045 O  O   . HOH D 4 .   ? 3.805   2.587   22.984  1.00 29.40  ? 2072 HOH A O   1 
HETATM 1046 O  O   . HOH D 4 .   ? 2.860   6.755   21.819  1.00 41.31  ? 2073 HOH A O   1 
HETATM 1047 O  O   . HOH D 4 .   ? -4.840  3.316   21.402  1.00 43.55  ? 2074 HOH A O   1 
HETATM 1048 O  O   . HOH D 4 .   ? -0.661  8.851   23.585  1.00 50.93  ? 2075 HOH A O   1 
HETATM 1049 O  O   . HOH D 4 .   ? 0.103   1.765   24.264  1.00 64.21  ? 2076 HOH A O   1 
HETATM 1050 O  O   . HOH D 4 .   ? -2.805  2.505   23.173  1.00 136.55 ? 2077 HOH A O   1 
HETATM 1051 O  O   . HOH D 4 .   ? -18.698 -4.843  0.380   1.00 30.04  ? 2078 HOH A O   1 
HETATM 1052 O  O   . HOH D 4 .   ? -12.716 -12.963 2.758   1.00 34.87  ? 2079 HOH A O   1 
HETATM 1053 O  O   . HOH D 4 .   ? -11.146 -13.903 0.763   1.00 22.66  ? 2080 HOH A O   1 
HETATM 1054 O  O   . HOH D 4 .   ? 4.671   -4.507  15.162  1.00 17.33  ? 2081 HOH A O   1 
HETATM 1055 O  O   . HOH D 4 .   ? 7.059   -1.917  17.596  1.00 36.61  ? 2082 HOH A O   1 
HETATM 1056 O  O   . HOH D 4 .   ? -10.217 -10.463 8.427   1.00 27.41  ? 2083 HOH A O   1 
HETATM 1057 O  O   . HOH D 4 .   ? 2.055   -7.123  15.159  1.00 23.45  ? 2084 HOH A O   1 
HETATM 1058 O  O   . HOH D 4 .   ? 3.578   -12.822 1.285   1.00 22.26  ? 2085 HOH A O   1 
HETATM 1059 O  O   . HOH D 4 .   ? -2.313  -14.676 6.846   1.00 29.07  ? 2086 HOH A O   1 
HETATM 1060 O  O   . HOH D 4 .   ? 4.341   -13.375 -2.181  1.00 25.16  ? 2087 HOH A O   1 
HETATM 1061 O  O   . HOH D 4 .   ? 3.457   -8.510  9.449   1.00 27.16  ? 2088 HOH A O   1 
HETATM 1062 O  O   . HOH D 4 .   ? -0.588  -9.508  11.253  1.00 33.02  ? 2089 HOH A O   1 
HETATM 1063 O  O   . HOH D 4 .   ? 17.403  -4.267  -4.892  1.00 49.21  ? 2090 HOH A O   1 
HETATM 1064 O  O   . HOH D 4 .   ? 13.056  -7.871  -8.784  1.00 29.98  ? 2091 HOH A O   1 
HETATM 1065 O  O   . HOH D 4 .   ? 16.509  -6.245  -6.454  1.00 38.99  ? 2092 HOH A O   1 
HETATM 1066 O  O   . HOH D 4 .   ? 12.561  -7.358  -4.240  1.00 26.39  ? 2093 HOH A O   1 
HETATM 1067 O  O   . HOH D 4 .   ? 5.011   -1.822  -14.099 1.00 44.77  ? 2094 HOH A O   1 
HETATM 1068 O  O   . HOH D 4 .   ? 12.819  -6.128  -10.874 1.00 40.65  ? 2095 HOH A O   1 
HETATM 1069 O  O   . HOH D 4 .   ? 16.689  4.087   -5.650  1.00 40.24  ? 2096 HOH A O   1 
HETATM 1070 O  O   . HOH D 4 .   ? 18.997  5.493   -7.256  1.00 60.52  ? 2097 HOH A O   1 
HETATM 1071 O  O   . HOH D 4 .   ? 15.322  2.113   -3.928  1.00 39.14  ? 2098 HOH A O   1 
HETATM 1072 O  O   . HOH D 4 .   ? 6.028   -7.371  9.982   1.00 21.83  ? 2099 HOH A O   1 
HETATM 1073 O  O   . HOH D 4 .   ? 4.420   -9.889  -9.732  1.00 37.26  ? 2100 HOH A O   1 
HETATM 1074 O  O   . HOH D 4 .   ? 10.547  -11.927 -4.452  1.00 41.33  ? 2101 HOH A O   1 
HETATM 1075 O  O   . HOH D 4 .   ? 3.170   -14.643 -4.345  1.00 25.79  ? 2102 HOH A O   1 
HETATM 1076 O  O   . HOH D 4 .   ? 2.462   -11.306 -8.712  1.00 33.99  ? 2103 HOH A O   1 
HETATM 1077 O  O   . HOH D 4 .   ? 11.519  -6.040  9.259   1.00 20.10  ? 2104 HOH A O   1 
HETATM 1078 O  O   . HOH D 4 .   ? 4.506   -10.950 9.005   1.00 25.27  ? 2105 HOH A O   1 
HETATM 1079 O  O   . HOH D 4 .   ? 7.864   -11.944 6.199   1.00 23.79  ? 2106 HOH A O   1 
HETATM 1080 O  O   . HOH D 4 .   ? 9.368   -10.248 12.515  1.00 34.45  ? 2107 HOH A O   1 
HETATM 1081 O  O   . HOH D 4 .   ? 5.112   -9.277  11.471  1.00 32.14  ? 2108 HOH A O   1 
HETATM 1082 O  O   . HOH D 4 .   ? -7.283  -18.101 -3.101  0.33 36.51  ? 2109 HOH A O   1 
HETATM 1083 O  O   . HOH D 4 .   ? 0.071   -16.898 -2.506  0.33 21.26  ? 2110 HOH A O   1 
HETATM 1084 O  O   . HOH D 4 .   ? 13.151  -5.615  2.353   1.00 32.05  ? 2111 HOH A O   1 
HETATM 1085 O  O   . HOH D 4 .   ? 8.494   -10.152 4.499   1.00 19.25  ? 2112 HOH A O   1 
HETATM 1086 O  O   . HOH D 4 .   ? 10.991  -2.998  1.135   1.00 16.78  ? 2113 HOH A O   1 
HETATM 1087 O  O   . HOH D 4 .   ? 7.777   -10.416 1.848   1.00 32.18  ? 2114 HOH A O   1 
HETATM 1088 O  O   . HOH D 4 .   ? -8.463  -16.762 -7.354  1.00 24.03  ? 2115 HOH A O   1 
HETATM 1089 O  O   . HOH D 4 .   ? -10.450 -17.322 -5.777  1.00 29.45  ? 2116 HOH A O   1 
HETATM 1090 O  O   . HOH D 4 .   ? -13.397 -15.463 -8.336  1.00 31.46  ? 2117 HOH A O   1 
HETATM 1091 O  O   . HOH D 4 .   ? -15.990 -14.958 -8.622  1.00 40.16  ? 2118 HOH A O   1 
HETATM 1092 O  O   . HOH D 4 .   ? 10.447  0.372   9.511   1.00 21.82  ? 2119 HOH A O   1 
HETATM 1093 O  O   . HOH D 4 .   ? -10.562 -12.059 -16.688 1.00 28.47  ? 2120 HOH A O   1 
HETATM 1094 O  O   . HOH D 4 .   ? 15.827  -5.023  2.327   1.00 33.41  ? 2121 HOH A O   1 
HETATM 1095 O  O   . HOH D 4 .   ? 15.950  -5.344  -0.690  1.00 38.37  ? 2122 HOH A O   1 
HETATM 1096 O  O   . HOH D 4 .   ? 18.999  1.212   1.790   1.00 33.58  ? 2123 HOH A O   1 
HETATM 1097 O  O   . HOH D 4 .   ? 17.395  -2.787  10.415  1.00 40.05  ? 2124 HOH A O   1 
HETATM 1098 O  O   . HOH D 4 .   ? 17.848  -5.907  8.319   1.00 42.78  ? 2125 HOH A O   1 
HETATM 1099 O  O   . HOH D 4 .   ? 8.279   14.024  3.511   1.00 45.24  ? 2126 HOH A O   1 
HETATM 1100 O  O   . HOH D 4 .   ? 5.389   15.374  8.757   1.00 35.12  ? 2127 HOH A O   1 
HETATM 1101 O  O   . HOH D 4 .   ? 6.488   14.501  6.430   1.00 31.13  ? 2128 HOH A O   1 
HETATM 1102 O  O   . HOH D 4 .   ? 8.351   -2.097  13.290  1.00 38.45  ? 2129 HOH A O   1 
HETATM 1103 O  O   . HOH D 4 .   ? 9.421   0.003   11.978  1.00 28.82  ? 2130 HOH A O   1 
HETATM 1104 O  O   . HOH D 4 .   ? 15.735  -4.639  11.552  1.00 34.42  ? 2131 HOH A O   1 
HETATM 1105 O  O   . HOH D 4 .   ? 10.089  -6.097  11.568  1.00 36.69  ? 2132 HOH A O   1 
HETATM 1106 O  O   . HOH D 4 .   ? 17.841  1.052   11.056  1.00 45.72  ? 2133 HOH A O   1 
HETATM 1107 O  O   . HOH D 4 .   ? 16.320  4.790   8.365   1.00 48.68  ? 2134 HOH A O   1 
HETATM 1108 O  O   . HOH D 4 .   ? 13.270  -2.059  0.042   1.00 25.94  ? 2135 HOH A O   1 
HETATM 1109 O  O   . HOH D 4 .   ? 12.912  1.214   -0.903  1.00 22.06  ? 2136 HOH A O   1 
HETATM 1110 O  O   . HOH D 4 .   ? 10.168  4.116   11.151  1.00 28.81  ? 2137 HOH A O   1 
HETATM 1111 O  O   . HOH D 4 .   ? 12.775  5.932   5.043   1.00 18.34  ? 2138 HOH A O   1 
HETATM 1112 O  O   . HOH D 4 .   ? 11.303  8.129   10.542  1.00 28.35  ? 2139 HOH A O   1 
HETATM 1113 O  O   . HOH D 4 .   ? 10.597  9.597   7.463   1.00 28.91  ? 2140 HOH A O   1 
HETATM 1114 O  O   . HOH D 4 .   ? 10.799  7.859   5.312   1.00 17.93  ? 2141 HOH A O   1 
HETATM 1115 O  O   . HOH D 4 .   ? -5.514  7.077   4.770   1.00 17.05  ? 2142 HOH A O   1 
HETATM 1116 O  O   . HOH D 4 .   ? -6.600  5.613   7.017   1.00 42.20  ? 2143 HOH A O   1 
HETATM 1117 O  O   . HOH D 4 .   ? -8.573  1.744   7.281   1.00 44.44  ? 2144 HOH A O   1 
HETATM 1118 O  O   . HOH D 4 .   ? -13.018 -2.232  -8.813  1.00 22.98  ? 2145 HOH A O   1 
HETATM 1119 O  O   . HOH D 4 .   ? -17.463 -3.092  -3.010  1.00 29.24  ? 2146 HOH A O   1 
HETATM 1120 O  O   . HOH D 4 .   ? -17.294 -2.630  1.586   1.00 23.03  ? 2147 HOH A O   1 
HETATM 1121 O  O   . HOH D 4 .   ? -12.632 -2.254  4.431   1.00 34.77  ? 2148 HOH A O   1 
HETATM 1122 O  O   . HOH D 4 .   ? -15.177 -2.583  4.166   1.00 45.59  ? 2149 HOH A O   1 
HETATM 1123 O  O   . HOH D 4 .   ? -11.140 -3.500  2.234   1.00 24.87  ? 2150 HOH A O   1 
HETATM 1124 O  O   . HOH D 4 .   ? -11.164 -5.389  4.324   1.00 28.91  ? 2151 HOH A O   1 
HETATM 1125 O  O   . HOH D 4 .   ? -15.359 -10.602 1.468   1.00 78.30  ? 2152 HOH A O   1 
HETATM 1126 O  O   . HOH D 4 .   ? -17.788 -6.689  2.084   1.00 30.59  ? 2153 HOH A O   1 
HETATM 1127 O  O   . HOH D 4 .   ? -11.820 -10.521 1.691   1.00 40.64  ? 2154 HOH A O   1 
HETATM 1128 O  O   . HOH D 4 .   ? -13.170 -9.859  -0.339  1.00 30.09  ? 2155 HOH A O   1 
HETATM 1129 O  O   . HOH D 4 .   ? -12.542 -6.427  7.170   1.00 39.38  ? 2156 HOH A O   1 
HETATM 1130 O  O   . HOH D 4 .   ? -9.905  -12.240 6.095   1.00 16.80  ? 2157 HOH A O   1 
HETATM 1131 O  O   . HOH D 4 .   ? -10.095 -7.972  7.446   1.00 35.88  ? 2158 HOH A O   1 
HETATM 1132 O  O   . HOH D 4 .   ? -7.253  -2.859  10.518  1.00 55.46  ? 2159 HOH A O   1 
HETATM 1133 O  O   . HOH D 4 .   ? -5.135  -7.342  8.131   1.00 24.21  ? 2160 HOH A O   1 
HETATM 1134 O  O   . HOH D 4 .   ? -1.501  -12.292 5.264   1.00 21.78  ? 2161 HOH A O   1 
HETATM 1135 O  O   . HOH D 4 .   ? 1.314   -12.366 2.984   1.00 26.20  ? 2162 HOH A O   1 
HETATM 1136 O  O   . HOH D 4 .   ? 1.847   -10.908 1.184   1.00 47.34  ? 2163 HOH A O   1 
HETATM 1137 O  O   . HOH D 4 .   ? -0.587  -13.567 2.001   1.00 19.47  ? 2164 HOH A O   1 
HETATM 1138 O  O   . HOH D 4 .   ? -4.111  -14.735 3.464   1.00 18.60  ? 2165 HOH A O   1 
HETATM 1139 O  O   . HOH D 4 .   ? 3.560   -11.075 -0.917  1.00 18.14  ? 2166 HOH A O   1 
HETATM 1140 O  O   . HOH D 4 .   ? 8.417   -5.917  0.186   1.00 16.89  ? 2167 HOH A O   1 
HETATM 1141 O  O   . HOH D 4 .   ? 9.526   -9.377  -1.610  1.00 36.01  ? 2168 HOH A O   1 
HETATM 1142 O  O   . HOH D 4 .   ? 8.635   -1.762  0.245   1.00 13.43  ? 2169 HOH A O   1 
HETATM 1143 O  O   . HOH D 4 .   ? 11.894  -5.140  -2.750  1.00 18.54  ? 2170 HOH A O   1 
HETATM 1144 O  O   . HOH D 4 .   ? 13.806  -6.035  -6.572  1.00 31.91  ? 2171 HOH A O   1 
HETATM 1145 O  O   . HOH D 4 .   ? 15.308  -2.631  -4.424  1.00 27.05  ? 2172 HOH A O   1 
HETATM 1146 O  O   . HOH D 4 .   ? 13.399  -2.313  -13.490 1.00 38.96  ? 2173 HOH A O   1 
HETATM 1147 O  O   . HOH D 4 .   ? 10.805  0.224   -14.229 1.00 25.87  ? 2174 HOH A O   1 
HETATM 1148 O  O   . HOH D 4 .   ? 12.963  0.320   -11.472 1.00 49.39  ? 2175 HOH A O   1 
HETATM 1149 O  O   . HOH D 4 .   ? 7.727   -2.341  -14.152 1.00 35.00  ? 2176 HOH A O   1 
HETATM 1150 O  O   . HOH D 4 .   ? 16.359  -0.297  -4.814  1.00 33.48  ? 2177 HOH A O   1 
HETATM 1151 O  O   . HOH D 4 .   ? 18.178  2.548   -7.356  1.00 97.78  ? 2178 HOH A O   1 
HETATM 1152 O  O   . HOH D 4 .   ? 14.898  -4.507  -10.572 1.00 49.04  ? 2179 HOH A O   1 
HETATM 1153 O  O   . HOH D 4 .   ? 15.292  -1.970  -11.627 1.00 49.10  ? 2180 HOH A O   1 
HETATM 1154 O  O   . HOH D 4 .   ? 12.703  3.142   -4.130  1.00 30.18  ? 2181 HOH A O   1 
HETATM 1155 O  O   . HOH D 4 .   ? 5.565   1.663   -10.115 1.00 14.51  ? 2182 HOH A O   1 
HETATM 1156 O  O   . HOH D 4 .   ? 2.577   -6.739  -13.723 1.00 42.26  ? 2183 HOH A O   1 
HETATM 1157 O  O   . HOH D 4 .   ? 3.010   -2.634  -9.482  1.00 15.22  ? 2184 HOH A O   1 
HETATM 1158 O  O   . HOH D 4 .   ? 4.285   -7.775  -8.222  1.00 18.50  ? 2185 HOH A O   1 
HETATM 1159 O  O   . HOH D 4 .   ? 2.581   -5.228  -10.027 1.00 17.64  ? 2186 HOH A O   1 
HETATM 1160 O  O   . HOH D 4 .   ? 11.109  -9.480  -7.735  1.00 35.43  ? 2187 HOH A O   1 
HETATM 1161 O  O   . HOH D 4 .   ? 10.611  -9.211  -5.102  1.00 32.79  ? 2188 HOH A O   1 
HETATM 1162 O  O   . HOH D 4 .   ? 6.253   -11.037 -8.055  1.00 40.52  ? 2189 HOH A O   1 
HETATM 1163 O  O   . HOH D 4 .   ? 6.759   -13.456 -3.461  1.00 47.10  ? 2190 HOH A O   1 
HETATM 1164 O  O   . HOH D 4 .   ? 6.827   -13.518 -6.915  1.00 26.60  ? 2191 HOH A O   1 
HETATM 1165 O  O   . HOH D 4 .   ? 0.525   -9.949  -7.531  1.00 18.46  ? 2192 HOH A O   1 
HETATM 1166 O  O   . HOH D 4 .   ? 1.471   -13.068 -5.802  1.00 39.88  ? 2193 HOH A O   1 
HETATM 1167 O  O   . HOH D 4 .   ? -1.496  -14.000 -6.176  1.00 23.29  ? 2194 HOH A O   1 
HETATM 1168 O  O   . HOH D 4 .   ? 0.991   -10.075 -0.622  1.00 25.04  ? 2195 HOH A O   1 
HETATM 1169 O  O   . HOH D 4 .   ? -2.114  -16.811 -0.692  1.00 20.73  ? 2196 HOH A O   1 
HETATM 1170 O  O   . HOH D 4 .   ? -5.909  -15.859 -3.720  1.00 19.36  ? 2197 HOH A O   1 
HETATM 1171 O  O   . HOH D 4 .   ? -11.277 -11.647 -0.656  1.00 17.30  ? 2198 HOH A O   1 
HETATM 1172 O  O   . HOH D 4 .   ? -6.495  -15.386 -6.438  1.00 21.40  ? 2199 HOH A O   1 
HETATM 1173 O  O   . HOH D 4 .   ? -5.731  -12.026 -8.571  1.00 15.23  ? 2200 HOH A O   1 
HETATM 1174 O  O   . HOH D 4 .   ? -11.859 -15.106 -6.125  1.00 16.94  ? 2201 HOH A O   1 
HETATM 1175 O  O   . HOH D 4 .   ? -18.704 -5.171  -4.201  1.00 59.09  ? 2202 HOH A O   1 
HETATM 1176 O  O   . HOH D 4 .   ? -18.270 -7.905  -6.408  1.00 41.46  ? 2203 HOH A O   1 
HETATM 1177 O  O   . HOH D 4 .   ? -10.724 -13.748 -12.652 1.00 20.67  ? 2204 HOH A O   1 
HETATM 1178 O  O   . HOH D 4 .   ? -12.704 -12.813 -2.676  1.00 31.66  ? 2205 HOH A O   1 
HETATM 1179 O  O   . HOH D 4 .   ? -15.459 -9.895  -1.783  1.00 37.69  ? 2206 HOH A O   1 
HETATM 1180 O  O   . HOH D 4 .   ? -15.972 -13.215 -10.793 1.00 29.92  ? 2207 HOH A O   1 
HETATM 1181 O  O   . HOH D 4 .   ? -13.494 -15.039 -4.032  1.00 41.64  ? 2208 HOH A O   1 
HETATM 1182 O  O   . HOH D 4 .   ? -13.149 -8.089  -15.621 1.00 23.18  ? 2209 HOH A O   1 
HETATM 1183 O  O   . HOH D 4 .   ? -10.946 -9.459  -16.689 1.00 21.31  ? 2210 HOH A O   1 
HETATM 1184 O  O   . HOH D 4 .   ? -7.114  -11.946 -11.018 1.00 13.55  ? 2211 HOH A O   1 
HETATM 1185 O  O   . HOH D 4 .   ? -0.540  -8.771  -11.655 1.00 25.29  ? 2212 HOH A O   1 
HETATM 1186 O  O   . HOH D 4 .   ? -0.345  -10.430 -14.658 1.00 34.32  ? 2213 HOH A O   1 
HETATM 1187 O  O   . HOH D 4 .   ? -1.670  -8.702  -17.870 1.00 29.60  ? 2214 HOH A O   1 
HETATM 1188 O  O   . HOH D 4 .   ? 1.296   -4.236  -16.574 1.00 38.77  ? 2215 HOH A O   1 
HETATM 1189 O  O   . HOH D 4 .   ? -4.442  -9.471  -9.406  1.00 14.69  ? 2216 HOH A O   1 
HETATM 1190 O  O   . HOH D 4 .   ? 2.466   -3.701  -13.366 1.00 23.40  ? 2217 HOH A O   1 
HETATM 1191 O  O   . HOH D 4 .   ? 0.805   -6.308  -11.812 1.00 17.58  ? 2218 HOH A O   1 
HETATM 1192 O  O   . HOH D 4 .   ? 3.269   0.152   -13.334 1.00 16.79  ? 2219 HOH A O   1 
HETATM 1193 O  O   . HOH D 4 .   ? 3.513   -0.077  -10.541 1.00 11.40  ? 2220 HOH A O   1 
HETATM 1194 O  O   . HOH D 4 .   ? 6.200   5.776   -8.479  1.00 9.65   ? 2221 HOH A O   1 
HETATM 1195 O  O   . HOH D 4 .   ? 8.664   18.387  -3.896  1.00 24.21  ? 2222 HOH A O   1 
HETATM 1196 O  O   . HOH D 4 .   ? 9.286   16.590  2.834   1.00 35.88  ? 2223 HOH A O   1 
HETATM 1197 O  O   . HOH D 4 .   ? 2.598   15.305  8.953   1.00 17.49  ? 2224 HOH A O   1 
HETATM 1198 O  O   . HOH D 4 .   ? 5.746   14.391  3.788   1.00 26.06  ? 2225 HOH A O   1 
HETATM 1199 O  O   . HOH D 4 .   ? -10.387 -8.154  -20.329 1.00 44.59  ? 2226 HOH A O   1 
HETATM 1200 O  O   . HOH D 4 .   ? 12.941  5.487   -3.319  1.00 25.78  ? 2227 HOH A O   1 
HETATM 1201 O  O   . HOH D 4 .   ? 13.461  11.902  -3.363  1.00 48.77  ? 2228 HOH A O   1 
HETATM 1202 O  O   . HOH D 4 .   ? 12.844  4.286   0.351   1.00 16.67  ? 2229 HOH A O   1 
HETATM 1203 O  O   . HOH D 4 .   ? 10.946  2.311   -2.436  1.00 20.15  ? 2230 HOH A O   1 
HETATM 1204 O  O   . HOH D 4 .   ? 11.518  14.088  -2.107  1.00 64.69  ? 2231 HOH A O   1 
HETATM 1205 O  O   . HOH D 4 .   ? 8.332   8.514   0.917   1.00 31.19  ? 2232 HOH A O   1 
HETATM 1206 O  O   . HOH D 4 .   ? 9.729   10.706  -0.286  1.00 28.98  ? 2233 HOH A O   1 
HETATM 1207 O  O   . HOH D 4 .   ? 15.107  6.017   -7.276  1.00 29.90  ? 2234 HOH A O   1 
HETATM 1208 O  O   . HOH D 4 .   ? 11.223  7.612   1.122   1.00 32.25  ? 2235 HOH A O   1 
HETATM 1209 O  O   . HOH D 4 .   ? 13.300  7.486   -1.730  1.00 45.37  ? 2236 HOH A O   1 
HETATM 1210 O  O   . HOH D 4 .   ? 9.449   14.950  -3.625  1.00 34.04  ? 2237 HOH A O   1 
# 
loop_
_pdbx_poly_seq_scheme.asym_id 
_pdbx_poly_seq_scheme.entity_id 
_pdbx_poly_seq_scheme.seq_id 
_pdbx_poly_seq_scheme.mon_id 
_pdbx_poly_seq_scheme.ndb_seq_num 
_pdbx_poly_seq_scheme.pdb_seq_num 
_pdbx_poly_seq_scheme.auth_seq_num 
_pdbx_poly_seq_scheme.pdb_mon_id 
_pdbx_poly_seq_scheme.auth_mon_id 
_pdbx_poly_seq_scheme.pdb_strand_id 
_pdbx_poly_seq_scheme.pdb_ins_code 
_pdbx_poly_seq_scheme.hetero 
A 1 1   MET 1   -19 ?   ?   ?   A . n 
A 1 2   GLY 2   -18 ?   ?   ?   A . n 
A 1 3   SER 3   -17 ?   ?   ?   A . n 
A 1 4   SER 4   -16 ?   ?   ?   A . n 
A 1 5   HIS 5   -15 ?   ?   ?   A . n 
A 1 6   HIS 6   -14 ?   ?   ?   A . n 
A 1 7   HIS 7   -13 ?   ?   ?   A . n 
A 1 8   HIS 8   -12 ?   ?   ?   A . n 
A 1 9   HIS 9   -11 ?   ?   ?   A . n 
A 1 10  HIS 10  -10 ?   ?   ?   A . n 
A 1 11  SER 11  -9  ?   ?   ?   A . n 
A 1 12  SER 12  -8  ?   ?   ?   A . n 
A 1 13  GLY 13  -7  ?   ?   ?   A . n 
A 1 14  LEU 14  -6  ?   ?   ?   A . n 
A 1 15  VAL 15  -5  ?   ?   ?   A . n 
A 1 16  PRO 16  -4  ?   ?   ?   A . n 
A 1 17  ARG 17  -3  ?   ?   ?   A . n 
A 1 18  GLY 18  -2  ?   ?   ?   A . n 
A 1 19  SER 19  -1  ?   ?   ?   A . n 
A 1 20  HIS 20  0   ?   ?   ?   A . n 
A 1 21  MET 21  1   1   MET MET A . n 
A 1 22  SER 22  2   2   SER SER A . n 
A 1 23  ILE 23  3   3   ILE ILE A . n 
A 1 24  ILE 24  4   4   ILE ILE A . n 
A 1 25  GLY 25  5   5   GLY GLY A . n 
A 1 26  VAL 26  6   6   VAL VAL A . n 
A 1 27  GLY 27  7   7   GLY GLY A . n 
A 1 28  ILE 28  8   8   ILE ILE A . n 
A 1 29  ASP 29  9   9   ASP ASP A . n 
A 1 30  VAL 30  10  10  VAL VAL A . n 
A 1 31  ALA 31  11  11  ALA ALA A . n 
A 1 32  GLU 32  12  12  GLU GLU A . n 
A 1 33  VAL 33  13  13  VAL VAL A . n 
A 1 34  GLU 34  14  14  GLU GLU A . n 
A 1 35  ARG 35  15  15  ARG ARG A . n 
A 1 36  PHE 36  16  16  PHE PHE A . n 
A 1 37  GLY 37  17  17  GLY GLY A . n 
A 1 38  ALA 38  18  18  ALA ALA A . n 
A 1 39  ALA 39  19  19  ALA ALA A . n 
A 1 40  LEU 40  20  20  LEU LEU A . n 
A 1 41  GLU 41  21  21  GLU GLU A . n 
A 1 42  ARG 42  22  22  ARG ARG A . n 
A 1 43  THR 43  23  23  THR THR A . n 
A 1 44  PRO 44  24  24  PRO PRO A . n 
A 1 45  ALA 45  25  25  ALA ALA A . n 
A 1 46  LEU 46  26  26  LEU LEU A . n 
A 1 47  ALA 47  27  27  ALA ALA A . n 
A 1 48  GLY 48  28  28  GLY GLY A . n 
A 1 49  ARG 49  29  29  ARG ARG A . n 
A 1 50  LEU 50  30  30  LEU LEU A . n 
A 1 51  PHE 51  31  31  PHE PHE A . n 
A 1 52  LEU 52  32  32  LEU LEU A . n 
A 1 53  GLU 53  33  33  GLU GLU A . n 
A 1 54  SER 54  34  34  SER SER A . n 
A 1 55  GLU 55  35  35  GLU GLU A . n 
A 1 56  LEU 56  36  36  LEU LEU A . n 
A 1 57  LEU 57  37  37  LEU LEU A . n 
A 1 58  LEU 58  38  38  LEU LEU A . n 
A 1 59  PRO 59  39  39  PRO PRO A . n 
A 1 60  GLY 60  40  40  GLY GLY A . n 
A 1 61  GLY 61  41  41  GLY GLY A . n 
A 1 62  GLU 62  42  42  GLU GLU A . n 
A 1 63  ARG 63  43  43  ARG ARG A . n 
A 1 64  ARG 64  44  44  ARG ARG A . n 
A 1 65  GLY 65  45  45  GLY GLY A . n 
A 1 66  VAL 66  46  46  VAL VAL A . n 
A 1 67  ALA 67  47  47  ALA ALA A . n 
A 1 68  SER 68  48  48  SER SER A . n 
A 1 69  LEU 69  49  49  LEU LEU A . n 
A 1 70  ALA 70  50  50  ALA ALA A . n 
A 1 71  ALA 71  51  51  ALA ALA A . n 
A 1 72  ARG 72  52  52  ARG ARG A . n 
A 1 73  PHE 73  53  53  PHE PHE A . n 
A 1 74  ALA 74  54  54  ALA ALA A . n 
A 1 75  ALA 75  55  55  ALA ALA A . n 
A 1 76  LYS 76  56  56  LYS LYS A . n 
A 1 77  GLU 77  57  57  GLU GLU A . n 
A 1 78  ALA 78  58  58  ALA ALA A . n 
A 1 79  LEU 79  59  59  LEU LEU A . n 
A 1 80  ALA 80  60  60  ALA ALA A . n 
A 1 81  LYS 81  61  61  LYS LYS A . n 
A 1 82  ALA 82  62  62  ALA ALA A . n 
A 1 83  LEU 83  63  63  LEU LEU A . n 
A 1 84  GLY 84  64  64  GLY GLY A . n 
A 1 85  ALA 85  65  65  ALA ALA A . n 
A 1 86  PRO 86  66  66  PRO PRO A . n 
A 1 87  ALA 87  67  67  ALA ALA A . n 
A 1 88  GLY 88  68  68  GLY GLY A . n 
A 1 89  LEU 89  69  69  LEU LEU A . n 
A 1 90  LEU 90  70  70  LEU LEU A . n 
A 1 91  TRP 91  71  71  TRP TRP A . n 
A 1 92  THR 92  72  72  THR THR A . n 
A 1 93  ASP 93  73  73  ASP ASP A . n 
A 1 94  ALA 94  74  74  ALA ALA A . n 
A 1 95  GLU 95  75  75  GLU GLU A . n 
A 1 96  VAL 96  76  76  VAL VAL A . n 
A 1 97  TRP 97  77  77  TRP TRP A . n 
A 1 98  VAL 98  78  78  VAL VAL A . n 
A 1 99  GLU 99  79  79  GLU GLU A . n 
A 1 100 ALA 100 80  80  ALA ALA A . n 
A 1 101 GLY 101 81  81  GLY GLY A . n 
A 1 102 GLY 102 82  82  GLY GLY A . n 
A 1 103 ARG 103 83  83  ARG ARG A . n 
A 1 104 PRO 104 84  84  PRO PRO A . n 
A 1 105 ARG 105 85  85  ARG ARG A . n 
A 1 106 LEU 106 86  86  LEU LEU A . n 
A 1 107 ARG 107 87  87  ARG ARG A . n 
A 1 108 VAL 108 88  88  VAL VAL A . n 
A 1 109 THR 109 89  89  THR THR A . n 
A 1 110 GLY 110 90  90  GLY GLY A . n 
A 1 111 THR 111 91  91  THR THR A . n 
A 1 112 VAL 112 92  92  VAL VAL A . n 
A 1 113 ALA 113 93  93  ALA ALA A . n 
A 1 114 ALA 114 94  94  ALA ALA A . n 
A 1 115 ARG 115 95  95  ARG ARG A . n 
A 1 116 ALA 116 96  96  ALA ALA A . n 
A 1 117 ALA 117 97  97  ALA ALA A . n 
A 1 118 GLU 118 98  98  GLU GLU A . n 
A 1 119 LEU 119 99  99  LEU LEU A . n 
A 1 120 GLY 120 100 100 GLY GLY A . n 
A 1 121 VAL 121 101 101 VAL VAL A . n 
A 1 122 ALA 122 102 102 ALA ALA A . n 
A 1 123 SER 123 103 103 SER SER A . n 
A 1 124 TRP 124 104 104 TRP TRP A . n 
A 1 125 HIS 125 105 105 HIS HIS A . n 
A 1 126 VAL 126 106 106 VAL VAL A . n 
A 1 127 SER 127 107 107 SER SER A . n 
A 1 128 LEU 128 108 108 LEU LEU A . n 
A 1 129 SER 129 109 109 SER SER A . n 
A 1 130 ALA 130 110 110 ALA ALA A . n 
A 1 131 ASP 131 111 111 ASP ASP A . n 
A 1 132 ALA 132 112 112 ALA ALA A . n 
A 1 133 GLY 133 113 113 GLY GLY A . n 
A 1 134 ILE 134 114 114 ILE ILE A . n 
A 1 135 ALA 135 115 115 ALA ALA A . n 
A 1 136 SER 136 116 116 SER SER A . n 
A 1 137 ALA 137 117 117 ALA ALA A . n 
A 1 138 VAL 138 118 118 VAL VAL A . n 
A 1 139 VAL 139 119 119 VAL VAL A . n 
A 1 140 ILE 140 120 120 ILE ILE A . n 
A 1 141 ALA 141 121 121 ALA ALA A . n 
A 1 142 GLU 142 122 122 GLU GLU A . n 
A 1 143 GLY 143 123 123 GLY GLY A . n 
# 
loop_
_pdbx_nonpoly_scheme.asym_id 
_pdbx_nonpoly_scheme.entity_id 
_pdbx_nonpoly_scheme.mon_id 
_pdbx_nonpoly_scheme.ndb_seq_num 
_pdbx_nonpoly_scheme.pdb_seq_num 
_pdbx_nonpoly_scheme.auth_seq_num 
_pdbx_nonpoly_scheme.pdb_mon_id 
_pdbx_nonpoly_scheme.auth_mon_id 
_pdbx_nonpoly_scheme.pdb_strand_id 
_pdbx_nonpoly_scheme.pdb_ins_code 
B 2 COA 1   1124 1124 COA COA A . 
C 3 MG  1   1125 1125 MG  MG  A . 
D 4 HOH 1   2001 2001 HOH HOH A . 
D 4 HOH 2   2002 2002 HOH HOH A . 
D 4 HOH 3   2003 2003 HOH HOH A . 
D 4 HOH 4   2004 2004 HOH HOH A . 
D 4 HOH 5   2005 2005 HOH HOH A . 
D 4 HOH 6   2006 2006 HOH HOH A . 
D 4 HOH 7   2007 2007 HOH HOH A . 
D 4 HOH 8   2008 2008 HOH HOH A . 
D 4 HOH 9   2009 2009 HOH HOH A . 
D 4 HOH 10  2010 2010 HOH HOH A . 
D 4 HOH 11  2011 2011 HOH HOH A . 
D 4 HOH 12  2012 2012 HOH HOH A . 
D 4 HOH 13  2013 2013 HOH HOH A . 
D 4 HOH 14  2014 2014 HOH HOH A . 
D 4 HOH 15  2015 2015 HOH HOH A . 
D 4 HOH 16  2016 2016 HOH HOH A . 
D 4 HOH 17  2017 2017 HOH HOH A . 
D 4 HOH 18  2018 2018 HOH HOH A . 
D 4 HOH 19  2019 2019 HOH HOH A . 
D 4 HOH 20  2020 2020 HOH HOH A . 
D 4 HOH 21  2021 2021 HOH HOH A . 
D 4 HOH 22  2022 2022 HOH HOH A . 
D 4 HOH 23  2023 2023 HOH HOH A . 
D 4 HOH 24  2024 2024 HOH HOH A . 
D 4 HOH 25  2025 2025 HOH HOH A . 
D 4 HOH 26  2026 2026 HOH HOH A . 
D 4 HOH 27  2027 2027 HOH HOH A . 
D 4 HOH 28  2028 2028 HOH HOH A . 
D 4 HOH 29  2029 2029 HOH HOH A . 
D 4 HOH 30  2030 2030 HOH HOH A . 
D 4 HOH 31  2031 2031 HOH HOH A . 
D 4 HOH 32  2032 2032 HOH HOH A . 
D 4 HOH 33  2033 2033 HOH HOH A . 
D 4 HOH 34  2034 2034 HOH HOH A . 
D 4 HOH 35  2035 2035 HOH HOH A . 
D 4 HOH 36  2036 2036 HOH HOH A . 
D 4 HOH 37  2037 2037 HOH HOH A . 
D 4 HOH 38  2038 2038 HOH HOH A . 
D 4 HOH 39  2039 2039 HOH HOH A . 
D 4 HOH 40  2040 2040 HOH HOH A . 
D 4 HOH 41  2041 2041 HOH HOH A . 
D 4 HOH 42  2042 2042 HOH HOH A . 
D 4 HOH 43  2043 2043 HOH HOH A . 
D 4 HOH 44  2044 2044 HOH HOH A . 
D 4 HOH 45  2045 2045 HOH HOH A . 
D 4 HOH 46  2046 2046 HOH HOH A . 
D 4 HOH 47  2047 2047 HOH HOH A . 
D 4 HOH 48  2048 2048 HOH HOH A . 
D 4 HOH 49  2049 2049 HOH HOH A . 
D 4 HOH 50  2050 2050 HOH HOH A . 
D 4 HOH 51  2051 2051 HOH HOH A . 
D 4 HOH 52  2052 2052 HOH HOH A . 
D 4 HOH 53  2053 2053 HOH HOH A . 
D 4 HOH 54  2054 2054 HOH HOH A . 
D 4 HOH 55  2055 2055 HOH HOH A . 
D 4 HOH 56  2056 2056 HOH HOH A . 
D 4 HOH 57  2057 2057 HOH HOH A . 
D 4 HOH 58  2058 2058 HOH HOH A . 
D 4 HOH 59  2059 2059 HOH HOH A . 
D 4 HOH 60  2060 2060 HOH HOH A . 
D 4 HOH 61  2061 2061 HOH HOH A . 
D 4 HOH 62  2062 2062 HOH HOH A . 
D 4 HOH 63  2063 2063 HOH HOH A . 
D 4 HOH 64  2064 2064 HOH HOH A . 
D 4 HOH 65  2065 2065 HOH HOH A . 
D 4 HOH 66  2066 2066 HOH HOH A . 
D 4 HOH 67  2067 2067 HOH HOH A . 
D 4 HOH 68  2068 2068 HOH HOH A . 
D 4 HOH 69  2069 2069 HOH HOH A . 
D 4 HOH 70  2070 2070 HOH HOH A . 
D 4 HOH 71  2071 2071 HOH HOH A . 
D 4 HOH 72  2072 2072 HOH HOH A . 
D 4 HOH 73  2073 2073 HOH HOH A . 
D 4 HOH 74  2074 2074 HOH HOH A . 
D 4 HOH 75  2075 2075 HOH HOH A . 
D 4 HOH 76  2076 2076 HOH HOH A . 
D 4 HOH 77  2077 2077 HOH HOH A . 
D 4 HOH 78  2078 2078 HOH HOH A . 
D 4 HOH 79  2079 2079 HOH HOH A . 
D 4 HOH 80  2080 2080 HOH HOH A . 
D 4 HOH 81  2081 2081 HOH HOH A . 
D 4 HOH 82  2082 2082 HOH HOH A . 
D 4 HOH 83  2083 2083 HOH HOH A . 
D 4 HOH 84  2084 2084 HOH HOH A . 
D 4 HOH 85  2085 2085 HOH HOH A . 
D 4 HOH 86  2086 2086 HOH HOH A . 
D 4 HOH 87  2087 2087 HOH HOH A . 
D 4 HOH 88  2088 2088 HOH HOH A . 
D 4 HOH 89  2089 2089 HOH HOH A . 
D 4 HOH 90  2090 2090 HOH HOH A . 
D 4 HOH 91  2091 2091 HOH HOH A . 
D 4 HOH 92  2092 2092 HOH HOH A . 
D 4 HOH 93  2093 2093 HOH HOH A . 
D 4 HOH 94  2094 2094 HOH HOH A . 
D 4 HOH 95  2095 2095 HOH HOH A . 
D 4 HOH 96  2096 2096 HOH HOH A . 
D 4 HOH 97  2097 2097 HOH HOH A . 
D 4 HOH 98  2098 2098 HOH HOH A . 
D 4 HOH 99  2099 2099 HOH HOH A . 
D 4 HOH 100 2100 2100 HOH HOH A . 
D 4 HOH 101 2101 2101 HOH HOH A . 
D 4 HOH 102 2102 2102 HOH HOH A . 
D 4 HOH 103 2103 2103 HOH HOH A . 
D 4 HOH 104 2104 2104 HOH HOH A . 
D 4 HOH 105 2105 2105 HOH HOH A . 
D 4 HOH 106 2106 2106 HOH HOH A . 
D 4 HOH 107 2107 2107 HOH HOH A . 
D 4 HOH 108 2108 2108 HOH HOH A . 
D 4 HOH 109 2109 2109 HOH HOH A . 
D 4 HOH 110 2110 2110 HOH HOH A . 
D 4 HOH 111 2111 2111 HOH HOH A . 
D 4 HOH 112 2112 2112 HOH HOH A . 
D 4 HOH 113 2113 2113 HOH HOH A . 
D 4 HOH 114 2114 2114 HOH HOH A . 
D 4 HOH 115 2115 2115 HOH HOH A . 
D 4 HOH 116 2116 2116 HOH HOH A . 
D 4 HOH 117 2117 2117 HOH HOH A . 
D 4 HOH 118 2118 2118 HOH HOH A . 
D 4 HOH 119 2119 2119 HOH HOH A . 
D 4 HOH 120 2120 2120 HOH HOH A . 
D 4 HOH 121 2121 2121 HOH HOH A . 
D 4 HOH 122 2122 2122 HOH HOH A . 
D 4 HOH 123 2123 2123 HOH HOH A . 
D 4 HOH 124 2124 2124 HOH HOH A . 
D 4 HOH 125 2125 2125 HOH HOH A . 
D 4 HOH 126 2126 2126 HOH HOH A . 
D 4 HOH 127 2127 2127 HOH HOH A . 
D 4 HOH 128 2128 2128 HOH HOH A . 
D 4 HOH 129 2129 2129 HOH HOH A . 
D 4 HOH 130 2130 2130 HOH HOH A . 
D 4 HOH 131 2131 2131 HOH HOH A . 
D 4 HOH 132 2132 2132 HOH HOH A . 
D 4 HOH 133 2133 2133 HOH HOH A . 
D 4 HOH 134 2134 2134 HOH HOH A . 
D 4 HOH 135 2135 2135 HOH HOH A . 
D 4 HOH 136 2136 2136 HOH HOH A . 
D 4 HOH 137 2137 2137 HOH HOH A . 
D 4 HOH 138 2138 2138 HOH HOH A . 
D 4 HOH 139 2139 2139 HOH HOH A . 
D 4 HOH 140 2140 2140 HOH HOH A . 
D 4 HOH 141 2141 2141 HOH HOH A . 
D 4 HOH 142 2142 2142 HOH HOH A . 
D 4 HOH 143 2143 2143 HOH HOH A . 
D 4 HOH 144 2144 2144 HOH HOH A . 
D 4 HOH 145 2145 2145 HOH HOH A . 
D 4 HOH 146 2146 2146 HOH HOH A . 
D 4 HOH 147 2147 2147 HOH HOH A . 
D 4 HOH 148 2148 2148 HOH HOH A . 
D 4 HOH 149 2149 2149 HOH HOH A . 
D 4 HOH 150 2150 2150 HOH HOH A . 
D 4 HOH 151 2151 2151 HOH HOH A . 
D 4 HOH 152 2152 2152 HOH HOH A . 
D 4 HOH 153 2153 2153 HOH HOH A . 
D 4 HOH 154 2154 2154 HOH HOH A . 
D 4 HOH 155 2155 2155 HOH HOH A . 
D 4 HOH 156 2156 2156 HOH HOH A . 
D 4 HOH 157 2157 2157 HOH HOH A . 
D 4 HOH 158 2158 2158 HOH HOH A . 
D 4 HOH 159 2159 2159 HOH HOH A . 
D 4 HOH 160 2160 2160 HOH HOH A . 
D 4 HOH 161 2161 2161 HOH HOH A . 
D 4 HOH 162 2162 2162 HOH HOH A . 
D 4 HOH 163 2163 2163 HOH HOH A . 
D 4 HOH 164 2164 2164 HOH HOH A . 
D 4 HOH 165 2165 2165 HOH HOH A . 
D 4 HOH 166 2166 2166 HOH HOH A . 
D 4 HOH 167 2167 2167 HOH HOH A . 
D 4 HOH 168 2168 2168 HOH HOH A . 
D 4 HOH 169 2169 2169 HOH HOH A . 
D 4 HOH 170 2170 2170 HOH HOH A . 
D 4 HOH 171 2171 2171 HOH HOH A . 
D 4 HOH 172 2172 2172 HOH HOH A . 
D 4 HOH 173 2173 2173 HOH HOH A . 
D 4 HOH 174 2174 2174 HOH HOH A . 
D 4 HOH 175 2175 2175 HOH HOH A . 
D 4 HOH 176 2176 2176 HOH HOH A . 
D 4 HOH 177 2177 2177 HOH HOH A . 
D 4 HOH 178 2178 2178 HOH HOH A . 
D 4 HOH 179 2179 2179 HOH HOH A . 
D 4 HOH 180 2180 2180 HOH HOH A . 
D 4 HOH 181 2181 2181 HOH HOH A . 
D 4 HOH 182 2182 2182 HOH HOH A . 
D 4 HOH 183 2183 2183 HOH HOH A . 
D 4 HOH 184 2184 2184 HOH HOH A . 
D 4 HOH 185 2185 2185 HOH HOH A . 
D 4 HOH 186 2186 2186 HOH HOH A . 
D 4 HOH 187 2187 2187 HOH HOH A . 
D 4 HOH 188 2188 2188 HOH HOH A . 
D 4 HOH 189 2189 2189 HOH HOH A . 
D 4 HOH 190 2190 2190 HOH HOH A . 
D 4 HOH 191 2191 2191 HOH HOH A . 
D 4 HOH 192 2192 2192 HOH HOH A . 
D 4 HOH 193 2193 2193 HOH HOH A . 
D 4 HOH 194 2194 2194 HOH HOH A . 
D 4 HOH 195 2195 2195 HOH HOH A . 
D 4 HOH 196 2196 2196 HOH HOH A . 
D 4 HOH 197 2197 2197 HOH HOH A . 
D 4 HOH 198 2198 2198 HOH HOH A . 
D 4 HOH 199 2199 2199 HOH HOH A . 
D 4 HOH 200 2200 2200 HOH HOH A . 
D 4 HOH 201 2201 2201 HOH HOH A . 
D 4 HOH 202 2202 2202 HOH HOH A . 
D 4 HOH 203 2203 2203 HOH HOH A . 
D 4 HOH 204 2204 2204 HOH HOH A . 
D 4 HOH 205 2205 2205 HOH HOH A . 
D 4 HOH 206 2206 2206 HOH HOH A . 
D 4 HOH 207 2207 2207 HOH HOH A . 
D 4 HOH 208 2208 2208 HOH HOH A . 
D 4 HOH 209 2209 2209 HOH HOH A . 
D 4 HOH 210 2210 2210 HOH HOH A . 
D 4 HOH 211 2211 2211 HOH HOH A . 
D 4 HOH 212 2212 2212 HOH HOH A . 
D 4 HOH 213 2213 2213 HOH HOH A . 
D 4 HOH 214 2214 2214 HOH HOH A . 
D 4 HOH 215 2215 2215 HOH HOH A . 
D 4 HOH 216 2216 2216 HOH HOH A . 
D 4 HOH 217 2217 2217 HOH HOH A . 
D 4 HOH 218 2218 2218 HOH HOH A . 
D 4 HOH 219 2219 2219 HOH HOH A . 
D 4 HOH 220 2220 2220 HOH HOH A . 
D 4 HOH 221 2221 2221 HOH HOH A . 
D 4 HOH 222 2222 2222 HOH HOH A . 
D 4 HOH 223 2223 2223 HOH HOH A . 
D 4 HOH 224 2224 2224 HOH HOH A . 
D 4 HOH 225 2225 2225 HOH HOH A . 
D 4 HOH 226 2226 2226 HOH HOH A . 
D 4 HOH 227 2227 2227 HOH HOH A . 
D 4 HOH 228 2228 2228 HOH HOH A . 
D 4 HOH 229 2229 2229 HOH HOH A . 
D 4 HOH 230 2230 2230 HOH HOH A . 
D 4 HOH 231 2231 2231 HOH HOH A . 
D 4 HOH 232 2232 2232 HOH HOH A . 
D 4 HOH 233 2233 2233 HOH HOH A . 
D 4 HOH 234 2234 2234 HOH HOH A . 
D 4 HOH 235 2235 2235 HOH HOH A . 
D 4 HOH 236 2236 2236 HOH HOH A . 
D 4 HOH 237 2237 2237 HOH HOH A . 
# 
_pdbx_struct_assembly.id                   1 
_pdbx_struct_assembly.details              software_defined_assembly 
_pdbx_struct_assembly.method_details       PISA 
_pdbx_struct_assembly.oligomeric_details   trimeric 
_pdbx_struct_assembly.oligomeric_count     3 
# 
_pdbx_struct_assembly_gen.assembly_id       1 
_pdbx_struct_assembly_gen.oper_expression   1,2,3 
_pdbx_struct_assembly_gen.asym_id_list      A,B,C,D 
# 
loop_
_pdbx_struct_assembly_prop.biol_id 
_pdbx_struct_assembly_prop.type 
_pdbx_struct_assembly_prop.value 
_pdbx_struct_assembly_prop.details 
1 'ABSA (A^2)' 8230  ? 
1 MORE         -57.0 ? 
1 'SSA (A^2)'  15130 ? 
# 
loop_
_pdbx_struct_oper_list.id 
_pdbx_struct_oper_list.type 
_pdbx_struct_oper_list.name 
_pdbx_struct_oper_list.symmetry_operation 
_pdbx_struct_oper_list.matrix[1][1] 
_pdbx_struct_oper_list.matrix[1][2] 
_pdbx_struct_oper_list.matrix[1][3] 
_pdbx_struct_oper_list.vector[1] 
_pdbx_struct_oper_list.matrix[2][1] 
_pdbx_struct_oper_list.matrix[2][2] 
_pdbx_struct_oper_list.matrix[2][3] 
_pdbx_struct_oper_list.vector[2] 
_pdbx_struct_oper_list.matrix[3][1] 
_pdbx_struct_oper_list.matrix[3][2] 
_pdbx_struct_oper_list.matrix[3][3] 
_pdbx_struct_oper_list.vector[3] 
1 'identity operation'         1_555  x,y,z           1.0000000000  0.0000000000  0.0000000000  0.0000000000   0.0000000000  1.0000000000 0.0000000000 0.0000000000  0.0000000000  0.0000000000 1.0000000000 0.0000000000   
2 'crystal symmetry operation' 11_455 y-1/2,-z+1/2,-x -0.4535439938 -0.5048317768 0.7344676459  6.0163223659   0.8286851340  0.0644103181 0.5559966363 17.9174232305 -0.3279920645 0.8608113545 0.3891336756 -15.6506480986 
3 'crystal symmetry operation' 8_555  -z,x+1/2,-y+1/2 -0.4535439938 0.8286851340  -0.3279920645 -17.2525237780 -0.5048317768 0.0644103181 0.8608113545 15.3554193681 0.7344676459  0.5559966363 0.3891336756 -8.2906269520 
# 
loop_
_pdbx_struct_special_symmetry.id 
_pdbx_struct_special_symmetry.PDB_model_num 
_pdbx_struct_special_symmetry.auth_asym_id 
_pdbx_struct_special_symmetry.auth_comp_id 
_pdbx_struct_special_symmetry.auth_seq_id 
_pdbx_struct_special_symmetry.PDB_ins_code 
_pdbx_struct_special_symmetry.label_asym_id 
_pdbx_struct_special_symmetry.label_comp_id 
_pdbx_struct_special_symmetry.label_seq_id 
1 1 A HOH 2041 ? D HOH . 
2 1 A HOH 2050 ? D HOH . 
3 1 A HOH 2109 ? D HOH . 
4 1 A HOH 2110 ? D HOH . 
# 
loop_
_pdbx_struct_conn_angle.id 
_pdbx_struct_conn_angle.ptnr1_label_atom_id 
_pdbx_struct_conn_angle.ptnr1_label_alt_id 
_pdbx_struct_conn_angle.ptnr1_label_asym_id 
_pdbx_struct_conn_angle.ptnr1_label_comp_id 
_pdbx_struct_conn_angle.ptnr1_label_seq_id 
_pdbx_struct_conn_angle.ptnr1_auth_atom_id 
_pdbx_struct_conn_angle.ptnr1_auth_asym_id 
_pdbx_struct_conn_angle.ptnr1_auth_comp_id 
_pdbx_struct_conn_angle.ptnr1_auth_seq_id 
_pdbx_struct_conn_angle.ptnr1_PDB_ins_code 
_pdbx_struct_conn_angle.ptnr1_symmetry 
_pdbx_struct_conn_angle.ptnr2_label_atom_id 
_pdbx_struct_conn_angle.ptnr2_label_alt_id 
_pdbx_struct_conn_angle.ptnr2_label_asym_id 
_pdbx_struct_conn_angle.ptnr2_label_comp_id 
_pdbx_struct_conn_angle.ptnr2_label_seq_id 
_pdbx_struct_conn_angle.ptnr2_auth_atom_id 
_pdbx_struct_conn_angle.ptnr2_auth_asym_id 
_pdbx_struct_conn_angle.ptnr2_auth_comp_id 
_pdbx_struct_conn_angle.ptnr2_auth_seq_id 
_pdbx_struct_conn_angle.ptnr2_PDB_ins_code 
_pdbx_struct_conn_angle.ptnr2_symmetry 
_pdbx_struct_conn_angle.ptnr3_label_atom_id 
_pdbx_struct_conn_angle.ptnr3_label_alt_id 
_pdbx_struct_conn_angle.ptnr3_label_asym_id 
_pdbx_struct_conn_angle.ptnr3_label_comp_id 
_pdbx_struct_conn_angle.ptnr3_label_seq_id 
_pdbx_struct_conn_angle.ptnr3_auth_atom_id 
_pdbx_struct_conn_angle.ptnr3_auth_asym_id 
_pdbx_struct_conn_angle.ptnr3_auth_comp_id 
_pdbx_struct_conn_angle.ptnr3_auth_seq_id 
_pdbx_struct_conn_angle.ptnr3_PDB_ins_code 
_pdbx_struct_conn_angle.ptnr3_symmetry 
_pdbx_struct_conn_angle.value 
_pdbx_struct_conn_angle.value_esd 
1  OD1 ? A ASP 29 ? A ASP 9    ? 11_455 MG ? C MG . ? A MG 1125 ? 1_555 OE2 B A GLU 77 ? A GLU 57   ? 11_455 75.2  ? 
2  OD1 ? A ASP 29 ? A ASP 9    ? 11_455 MG ? C MG . ? A MG 1125 ? 1_555 O5A ? B COA .  ? A COA 1124 ? 1_555  112.1 ? 
3  OE2 B A GLU 77 ? A GLU 57   ? 11_455 MG ? C MG . ? A MG 1125 ? 1_555 O5A ? B COA .  ? A COA 1124 ? 1_555  55.3  ? 
4  OD1 ? A ASP 29 ? A ASP 9    ? 11_455 MG ? C MG . ? A MG 1125 ? 1_555 O2A ? B COA .  ? A COA 1124 ? 1_555  86.5  ? 
5  OE2 B A GLU 77 ? A GLU 57   ? 11_455 MG ? C MG . ? A MG 1125 ? 1_555 O2A ? B COA .  ? A COA 1124 ? 1_555  121.7 ? 
6  O5A ? B COA .  ? A COA 1124 ? 1_555  MG ? C MG . ? A MG 1125 ? 1_555 O2A ? B COA .  ? A COA 1124 ? 1_555  84.1  ? 
7  OD1 ? A ASP 29 ? A ASP 9    ? 11_455 MG ? C MG . ? A MG 1125 ? 1_555 O   ? D HOH .  ? A HOH 2034 ? 11_455 95.0  ? 
8  OE2 B A GLU 77 ? A GLU 57   ? 11_455 MG ? C MG . ? A MG 1125 ? 1_555 O   ? D HOH .  ? A HOH 2034 ? 11_455 146.1 ? 
9  O5A ? B COA .  ? A COA 1124 ? 1_555  MG ? C MG . ? A MG 1125 ? 1_555 O   ? D HOH .  ? A HOH 2034 ? 11_455 151.5 ? 
10 O2A ? B COA .  ? A COA 1124 ? 1_555  MG ? C MG . ? A MG 1125 ? 1_555 O   ? D HOH .  ? A HOH 2034 ? 11_455 89.1  ? 
11 OD1 ? A ASP 29 ? A ASP 9    ? 11_455 MG ? C MG . ? A MG 1125 ? 1_555 O   ? D HOH .  ? A HOH 2142 ? 11_455 90.7  ? 
12 OE2 B A GLU 77 ? A GLU 57   ? 11_455 MG ? C MG . ? A MG 1125 ? 1_555 O   ? D HOH .  ? A HOH 2142 ? 11_455 63.6  ? 
13 O5A ? B COA .  ? A COA 1124 ? 1_555  MG ? C MG . ? A MG 1125 ? 1_555 O   ? D HOH .  ? A HOH 2142 ? 11_455 103.0 ? 
14 O2A ? B COA .  ? A COA 1124 ? 1_555  MG ? C MG . ? A MG 1125 ? 1_555 O   ? D HOH .  ? A HOH 2142 ? 11_455 172.9 ? 
15 O   ? D HOH .  ? A HOH 2034 ? 11_455 MG ? C MG . ? A MG 1125 ? 1_555 O   ? D HOH .  ? A HOH 2142 ? 11_455 84.6  ? 
16 OD1 ? A ASP 29 ? A ASP 9    ? 11_455 MG ? C MG . ? A MG 1125 ? 1_555 O   ? D HOH .  ? A HOH 2237 ? 1_555  162.8 ? 
17 OE2 B A GLU 77 ? A GLU 57   ? 11_455 MG ? C MG . ? A MG 1125 ? 1_555 O   ? D HOH .  ? A HOH 2237 ? 1_555  117.3 ? 
18 O5A ? B COA .  ? A COA 1124 ? 1_555  MG ? C MG . ? A MG 1125 ? 1_555 O   ? D HOH .  ? A HOH 2237 ? 1_555  85.1  ? 
19 O2A ? B COA .  ? A COA 1124 ? 1_555  MG ? C MG . ? A MG 1125 ? 1_555 O   ? D HOH .  ? A HOH 2237 ? 1_555  95.6  ? 
20 O   ? D HOH .  ? A HOH 2034 ? 11_455 MG ? C MG . ? A MG 1125 ? 1_555 O   ? D HOH .  ? A HOH 2237 ? 1_555  68.0  ? 
21 O   ? D HOH .  ? A HOH 2142 ? 11_455 MG ? C MG . ? A MG 1125 ? 1_555 O   ? D HOH .  ? A HOH 2237 ? 1_555  85.2  ? 
# 
loop_
_pdbx_audit_revision_history.ordinal 
_pdbx_audit_revision_history.data_content_type 
_pdbx_audit_revision_history.major_revision 
_pdbx_audit_revision_history.minor_revision 
_pdbx_audit_revision_history.revision_date 
1 'Structure model' 1 0 2010-04-21 
2 'Structure model' 1 1 2011-11-16 
3 'Structure model' 1 2 2023-12-13 
# 
_pdbx_audit_revision_details.ordinal             1 
_pdbx_audit_revision_details.revision_ordinal    1 
_pdbx_audit_revision_details.data_content_type   'Structure model' 
_pdbx_audit_revision_details.provider            repository 
_pdbx_audit_revision_details.type                'Initial release' 
_pdbx_audit_revision_details.description         ? 
_pdbx_audit_revision_details.details             ? 
# 
loop_
_pdbx_audit_revision_group.ordinal 
_pdbx_audit_revision_group.revision_ordinal 
_pdbx_audit_revision_group.data_content_type 
_pdbx_audit_revision_group.group 
1  2 'Structure model' 'Database references'       
2  2 'Structure model' 'Derived calculations'      
3  2 'Structure model' 'Non-polymer description'   
4  2 'Structure model' Other                       
5  2 'Structure model' 'Version format compliance' 
6  3 'Structure model' 'Data collection'           
7  3 'Structure model' 'Database references'       
8  3 'Structure model' 'Derived calculations'      
9  3 'Structure model' Other                       
10 3 'Structure model' 'Refinement description'    
# 
loop_
_pdbx_audit_revision_category.ordinal 
_pdbx_audit_revision_category.revision_ordinal 
_pdbx_audit_revision_category.data_content_type 
_pdbx_audit_revision_category.category 
1 3 'Structure model' chem_comp_atom                
2 3 'Structure model' chem_comp_bond                
3 3 'Structure model' database_2                    
4 3 'Structure model' pdbx_database_status          
5 3 'Structure model' pdbx_initial_refinement_model 
6 3 'Structure model' pdbx_struct_conn_angle        
7 3 'Structure model' struct_conn                   
8 3 'Structure model' struct_site                   
# 
loop_
_pdbx_audit_revision_item.ordinal 
_pdbx_audit_revision_item.revision_ordinal 
_pdbx_audit_revision_item.data_content_type 
_pdbx_audit_revision_item.item 
1  3 'Structure model' '_database_2.pdbx_DOI'                        
2  3 'Structure model' '_database_2.pdbx_database_accession'         
3  3 'Structure model' '_pdbx_database_status.status_code_sf'        
4  3 'Structure model' '_pdbx_struct_conn_angle.ptnr1_auth_comp_id'  
5  3 'Structure model' '_pdbx_struct_conn_angle.ptnr1_auth_seq_id'   
6  3 'Structure model' '_pdbx_struct_conn_angle.ptnr1_label_alt_id'  
7  3 'Structure model' '_pdbx_struct_conn_angle.ptnr1_label_asym_id' 
8  3 'Structure model' '_pdbx_struct_conn_angle.ptnr1_label_atom_id' 
9  3 'Structure model' '_pdbx_struct_conn_angle.ptnr1_label_comp_id' 
10 3 'Structure model' '_pdbx_struct_conn_angle.ptnr1_label_seq_id'  
11 3 'Structure model' '_pdbx_struct_conn_angle.ptnr1_symmetry'      
12 3 'Structure model' '_pdbx_struct_conn_angle.ptnr3_auth_comp_id'  
13 3 'Structure model' '_pdbx_struct_conn_angle.ptnr3_auth_seq_id'   
14 3 'Structure model' '_pdbx_struct_conn_angle.ptnr3_label_alt_id'  
15 3 'Structure model' '_pdbx_struct_conn_angle.ptnr3_label_asym_id' 
16 3 'Structure model' '_pdbx_struct_conn_angle.ptnr3_label_atom_id' 
17 3 'Structure model' '_pdbx_struct_conn_angle.ptnr3_label_comp_id' 
18 3 'Structure model' '_pdbx_struct_conn_angle.ptnr3_label_seq_id'  
19 3 'Structure model' '_pdbx_struct_conn_angle.ptnr3_symmetry'      
20 3 'Structure model' '_pdbx_struct_conn_angle.value'               
21 3 'Structure model' '_struct_conn.pdbx_dist_value'                
22 3 'Structure model' '_struct_conn.pdbx_ptnr1_label_alt_id'        
23 3 'Structure model' '_struct_conn.pdbx_ptnr2_label_alt_id'        
24 3 'Structure model' '_struct_conn.ptnr1_auth_comp_id'             
25 3 'Structure model' '_struct_conn.ptnr1_auth_seq_id'              
26 3 'Structure model' '_struct_conn.ptnr1_label_asym_id'            
27 3 'Structure model' '_struct_conn.ptnr1_label_atom_id'            
28 3 'Structure model' '_struct_conn.ptnr1_label_comp_id'            
29 3 'Structure model' '_struct_conn.ptnr1_label_seq_id'             
30 3 'Structure model' '_struct_conn.ptnr1_symmetry'                 
31 3 'Structure model' '_struct_conn.ptnr2_auth_comp_id'             
32 3 'Structure model' '_struct_conn.ptnr2_auth_seq_id'              
33 3 'Structure model' '_struct_conn.ptnr2_label_asym_id'            
34 3 'Structure model' '_struct_conn.ptnr2_label_atom_id'            
35 3 'Structure model' '_struct_conn.ptnr2_label_comp_id'            
36 3 'Structure model' '_struct_conn.ptnr2_label_seq_id'             
37 3 'Structure model' '_struct_conn.ptnr2_symmetry'                 
38 3 'Structure model' '_struct_site.pdbx_auth_asym_id'              
39 3 'Structure model' '_struct_site.pdbx_auth_comp_id'              
40 3 'Structure model' '_struct_site.pdbx_auth_seq_id'               
# 
loop_
_software.name 
_software.classification 
_software.version 
_software.citation_id 
_software.pdbx_ordinal 
REFMAC    refinement       5.2.0019 ? 1 
DENZO     'data reduction' .        ? 2 
SCALEPACK 'data scaling'   .        ? 3 
PHASER    phasing          .        ? 4 
# 
_pdbx_entry_details.entry_id                 2WDS 
_pdbx_entry_details.compound_details         'ENGINEERED RESIDUE IN CHAIN A, HIS 110 TO ALA' 
_pdbx_entry_details.source_details           ? 
_pdbx_entry_details.nonpolymer_details       ? 
_pdbx_entry_details.sequence_details         ? 
_pdbx_entry_details.has_ligand_of_interest   ? 
# 
_pdbx_validate_close_contact.id               1 
_pdbx_validate_close_contact.PDB_model_num    1 
_pdbx_validate_close_contact.auth_atom_id_1   O 
_pdbx_validate_close_contact.auth_asym_id_1   A 
_pdbx_validate_close_contact.auth_comp_id_1   HOH 
_pdbx_validate_close_contact.auth_seq_id_1    2163 
_pdbx_validate_close_contact.PDB_ins_code_1   ? 
_pdbx_validate_close_contact.label_alt_id_1   ? 
_pdbx_validate_close_contact.auth_atom_id_2   O 
_pdbx_validate_close_contact.auth_asym_id_2   A 
_pdbx_validate_close_contact.auth_comp_id_2   HOH 
_pdbx_validate_close_contact.auth_seq_id_2    2195 
_pdbx_validate_close_contact.PDB_ins_code_2   ? 
_pdbx_validate_close_contact.label_alt_id_2   ? 
_pdbx_validate_close_contact.dist             2.17 
# 
_pdbx_validate_symm_contact.id                1 
_pdbx_validate_symm_contact.PDB_model_num     1 
_pdbx_validate_symm_contact.auth_atom_id_1    OE2 
_pdbx_validate_symm_contact.auth_asym_id_1    A 
_pdbx_validate_symm_contact.auth_comp_id_1    GLU 
_pdbx_validate_symm_contact.auth_seq_id_1     57 
_pdbx_validate_symm_contact.PDB_ins_code_1    ? 
_pdbx_validate_symm_contact.label_alt_id_1    B 
_pdbx_validate_symm_contact.site_symmetry_1   1_555 
_pdbx_validate_symm_contact.auth_atom_id_2    O5A 
_pdbx_validate_symm_contact.auth_asym_id_2    A 
_pdbx_validate_symm_contact.auth_comp_id_2    COA 
_pdbx_validate_symm_contact.auth_seq_id_2     1124 
_pdbx_validate_symm_contact.PDB_ins_code_2    ? 
_pdbx_validate_symm_contact.label_alt_id_2    ? 
_pdbx_validate_symm_contact.site_symmetry_2   8_555 
_pdbx_validate_symm_contact.dist              1.97 
# 
_pdbx_validate_torsion.id              1 
_pdbx_validate_torsion.PDB_model_num   1 
_pdbx_validate_torsion.auth_comp_id    ALA 
_pdbx_validate_torsion.auth_asym_id    A 
_pdbx_validate_torsion.auth_seq_id     65 
_pdbx_validate_torsion.PDB_ins_code    ? 
_pdbx_validate_torsion.label_alt_id    ? 
_pdbx_validate_torsion.phi             35.60 
_pdbx_validate_torsion.psi             60.00 
# 
loop_
_pdbx_distant_solvent_atoms.id 
_pdbx_distant_solvent_atoms.PDB_model_num 
_pdbx_distant_solvent_atoms.auth_atom_id 
_pdbx_distant_solvent_atoms.label_alt_id 
_pdbx_distant_solvent_atoms.auth_asym_id 
_pdbx_distant_solvent_atoms.auth_comp_id 
_pdbx_distant_solvent_atoms.auth_seq_id 
_pdbx_distant_solvent_atoms.PDB_ins_code 
_pdbx_distant_solvent_atoms.neighbor_macromolecule_distance 
_pdbx_distant_solvent_atoms.neighbor_ligand_distance 
1 1 O ? A HOH 2026 ? 6.62 . 
2 1 O ? A HOH 2030 ? 5.81 . 
3 1 O ? A HOH 2050 ? 5.86 . 
# 
loop_
_pdbx_unobs_or_zero_occ_residues.id 
_pdbx_unobs_or_zero_occ_residues.PDB_model_num 
_pdbx_unobs_or_zero_occ_residues.polymer_flag 
_pdbx_unobs_or_zero_occ_residues.occupancy_flag 
_pdbx_unobs_or_zero_occ_residues.auth_asym_id 
_pdbx_unobs_or_zero_occ_residues.auth_comp_id 
_pdbx_unobs_or_zero_occ_residues.auth_seq_id 
_pdbx_unobs_or_zero_occ_residues.PDB_ins_code 
_pdbx_unobs_or_zero_occ_residues.label_asym_id 
_pdbx_unobs_or_zero_occ_residues.label_comp_id 
_pdbx_unobs_or_zero_occ_residues.label_seq_id 
1  1 Y 1 A MET -19 ? A MET 1  
2  1 Y 1 A GLY -18 ? A GLY 2  
3  1 Y 1 A SER -17 ? A SER 3  
4  1 Y 1 A SER -16 ? A SER 4  
5  1 Y 1 A HIS -15 ? A HIS 5  
6  1 Y 1 A HIS -14 ? A HIS 6  
7  1 Y 1 A HIS -13 ? A HIS 7  
8  1 Y 1 A HIS -12 ? A HIS 8  
9  1 Y 1 A HIS -11 ? A HIS 9  
10 1 Y 1 A HIS -10 ? A HIS 10 
11 1 Y 1 A SER -9  ? A SER 11 
12 1 Y 1 A SER -8  ? A SER 12 
13 1 Y 1 A GLY -7  ? A GLY 13 
14 1 Y 1 A LEU -6  ? A LEU 14 
15 1 Y 1 A VAL -5  ? A VAL 15 
16 1 Y 1 A PRO -4  ? A PRO 16 
17 1 Y 1 A ARG -3  ? A ARG 17 
18 1 Y 1 A GLY -2  ? A GLY 18 
19 1 Y 1 A SER -1  ? A SER 19 
20 1 Y 1 A HIS 0   ? A HIS 20 
# 
loop_
_chem_comp_atom.comp_id 
_chem_comp_atom.atom_id 
_chem_comp_atom.type_symbol 
_chem_comp_atom.pdbx_aromatic_flag 
_chem_comp_atom.pdbx_stereo_config 
_chem_comp_atom.pdbx_ordinal 
ALA N    N  N N 1   
ALA CA   C  N S 2   
ALA C    C  N N 3   
ALA O    O  N N 4   
ALA CB   C  N N 5   
ALA OXT  O  N N 6   
ALA H    H  N N 7   
ALA H2   H  N N 8   
ALA HA   H  N N 9   
ALA HB1  H  N N 10  
ALA HB2  H  N N 11  
ALA HB3  H  N N 12  
ALA HXT  H  N N 13  
ARG N    N  N N 14  
ARG CA   C  N S 15  
ARG C    C  N N 16  
ARG O    O  N N 17  
ARG CB   C  N N 18  
ARG CG   C  N N 19  
ARG CD   C  N N 20  
ARG NE   N  N N 21  
ARG CZ   C  N N 22  
ARG NH1  N  N N 23  
ARG NH2  N  N N 24  
ARG OXT  O  N N 25  
ARG H    H  N N 26  
ARG H2   H  N N 27  
ARG HA   H  N N 28  
ARG HB2  H  N N 29  
ARG HB3  H  N N 30  
ARG HG2  H  N N 31  
ARG HG3  H  N N 32  
ARG HD2  H  N N 33  
ARG HD3  H  N N 34  
ARG HE   H  N N 35  
ARG HH11 H  N N 36  
ARG HH12 H  N N 37  
ARG HH21 H  N N 38  
ARG HH22 H  N N 39  
ARG HXT  H  N N 40  
ASP N    N  N N 41  
ASP CA   C  N S 42  
ASP C    C  N N 43  
ASP O    O  N N 44  
ASP CB   C  N N 45  
ASP CG   C  N N 46  
ASP OD1  O  N N 47  
ASP OD2  O  N N 48  
ASP OXT  O  N N 49  
ASP H    H  N N 50  
ASP H2   H  N N 51  
ASP HA   H  N N 52  
ASP HB2  H  N N 53  
ASP HB3  H  N N 54  
ASP HD2  H  N N 55  
ASP HXT  H  N N 56  
COA N1A  N  Y N 57  
COA C2A  C  Y N 58  
COA N3A  N  Y N 59  
COA C4A  C  Y N 60  
COA C5A  C  Y N 61  
COA C6A  C  Y N 62  
COA N6A  N  N N 63  
COA N7A  N  Y N 64  
COA C8A  C  Y N 65  
COA N9A  N  Y N 66  
COA C1B  C  N R 67  
COA C2B  C  N R 68  
COA O2B  O  N N 69  
COA C3B  C  N S 70  
COA O3B  O  N N 71  
COA P3B  P  N N 72  
COA O7A  O  N N 73  
COA O8A  O  N N 74  
COA O9A  O  N N 75  
COA C4B  C  N R 76  
COA O4B  O  N N 77  
COA C5B  C  N N 78  
COA O5B  O  N N 79  
COA P1A  P  N S 80  
COA O1A  O  N N 81  
COA O2A  O  N N 82  
COA O3A  O  N N 83  
COA P2A  P  N S 84  
COA O4A  O  N N 85  
COA O5A  O  N N 86  
COA O6A  O  N N 87  
COA CBP  C  N N 88  
COA CCP  C  N N 89  
COA CDP  C  N N 90  
COA CEP  C  N N 91  
COA CAP  C  N R 92  
COA OAP  O  N N 93  
COA C9P  C  N N 94  
COA O9P  O  N N 95  
COA N8P  N  N N 96  
COA C7P  C  N N 97  
COA C6P  C  N N 98  
COA C5P  C  N N 99  
COA O5P  O  N N 100 
COA N4P  N  N N 101 
COA C3P  C  N N 102 
COA C2P  C  N N 103 
COA S1P  S  N N 104 
COA H2A  H  N N 105 
COA H61A H  N N 106 
COA H62A H  N N 107 
COA H8A  H  N N 108 
COA H1B  H  N N 109 
COA H2B  H  N N 110 
COA HO2A H  N N 111 
COA H3B  H  N N 112 
COA HOA8 H  N N 113 
COA HOA9 H  N N 114 
COA H4B  H  N N 115 
COA H51A H  N N 116 
COA H52A H  N N 117 
COA HOA2 H  N N 118 
COA HOA5 H  N N 119 
COA H121 H  N N 120 
COA H122 H  N N 121 
COA H131 H  N N 122 
COA H132 H  N N 123 
COA H133 H  N N 124 
COA H141 H  N N 125 
COA H142 H  N N 126 
COA H143 H  N N 127 
COA H10  H  N N 128 
COA HO1  H  N N 129 
COA HN8  H  N N 130 
COA H71  H  N N 131 
COA H72  H  N N 132 
COA H61  H  N N 133 
COA H62  H  N N 134 
COA HN4  H  N N 135 
COA H31  H  N N 136 
COA H32  H  N N 137 
COA H21  H  N N 138 
COA H22  H  N N 139 
COA HS1  H  N N 140 
GLU N    N  N N 141 
GLU CA   C  N S 142 
GLU C    C  N N 143 
GLU O    O  N N 144 
GLU CB   C  N N 145 
GLU CG   C  N N 146 
GLU CD   C  N N 147 
GLU OE1  O  N N 148 
GLU OE2  O  N N 149 
GLU OXT  O  N N 150 
GLU H    H  N N 151 
GLU H2   H  N N 152 
GLU HA   H  N N 153 
GLU HB2  H  N N 154 
GLU HB3  H  N N 155 
GLU HG2  H  N N 156 
GLU HG3  H  N N 157 
GLU HE2  H  N N 158 
GLU HXT  H  N N 159 
GLY N    N  N N 160 
GLY CA   C  N N 161 
GLY C    C  N N 162 
GLY O    O  N N 163 
GLY OXT  O  N N 164 
GLY H    H  N N 165 
GLY H2   H  N N 166 
GLY HA2  H  N N 167 
GLY HA3  H  N N 168 
GLY HXT  H  N N 169 
HIS N    N  N N 170 
HIS CA   C  N S 171 
HIS C    C  N N 172 
HIS O    O  N N 173 
HIS CB   C  N N 174 
HIS CG   C  Y N 175 
HIS ND1  N  Y N 176 
HIS CD2  C  Y N 177 
HIS CE1  C  Y N 178 
HIS NE2  N  Y N 179 
HIS OXT  O  N N 180 
HIS H    H  N N 181 
HIS H2   H  N N 182 
HIS HA   H  N N 183 
HIS HB2  H  N N 184 
HIS HB3  H  N N 185 
HIS HD1  H  N N 186 
HIS HD2  H  N N 187 
HIS HE1  H  N N 188 
HIS HE2  H  N N 189 
HIS HXT  H  N N 190 
HOH O    O  N N 191 
HOH H1   H  N N 192 
HOH H2   H  N N 193 
ILE N    N  N N 194 
ILE CA   C  N S 195 
ILE C    C  N N 196 
ILE O    O  N N 197 
ILE CB   C  N S 198 
ILE CG1  C  N N 199 
ILE CG2  C  N N 200 
ILE CD1  C  N N 201 
ILE OXT  O  N N 202 
ILE H    H  N N 203 
ILE H2   H  N N 204 
ILE HA   H  N N 205 
ILE HB   H  N N 206 
ILE HG12 H  N N 207 
ILE HG13 H  N N 208 
ILE HG21 H  N N 209 
ILE HG22 H  N N 210 
ILE HG23 H  N N 211 
ILE HD11 H  N N 212 
ILE HD12 H  N N 213 
ILE HD13 H  N N 214 
ILE HXT  H  N N 215 
LEU N    N  N N 216 
LEU CA   C  N S 217 
LEU C    C  N N 218 
LEU O    O  N N 219 
LEU CB   C  N N 220 
LEU CG   C  N N 221 
LEU CD1  C  N N 222 
LEU CD2  C  N N 223 
LEU OXT  O  N N 224 
LEU H    H  N N 225 
LEU H2   H  N N 226 
LEU HA   H  N N 227 
LEU HB2  H  N N 228 
LEU HB3  H  N N 229 
LEU HG   H  N N 230 
LEU HD11 H  N N 231 
LEU HD12 H  N N 232 
LEU HD13 H  N N 233 
LEU HD21 H  N N 234 
LEU HD22 H  N N 235 
LEU HD23 H  N N 236 
LEU HXT  H  N N 237 
LYS N    N  N N 238 
LYS CA   C  N S 239 
LYS C    C  N N 240 
LYS O    O  N N 241 
LYS CB   C  N N 242 
LYS CG   C  N N 243 
LYS CD   C  N N 244 
LYS CE   C  N N 245 
LYS NZ   N  N N 246 
LYS OXT  O  N N 247 
LYS H    H  N N 248 
LYS H2   H  N N 249 
LYS HA   H  N N 250 
LYS HB2  H  N N 251 
LYS HB3  H  N N 252 
LYS HG2  H  N N 253 
LYS HG3  H  N N 254 
LYS HD2  H  N N 255 
LYS HD3  H  N N 256 
LYS HE2  H  N N 257 
LYS HE3  H  N N 258 
LYS HZ1  H  N N 259 
LYS HZ2  H  N N 260 
LYS HZ3  H  N N 261 
LYS HXT  H  N N 262 
MET N    N  N N 263 
MET CA   C  N S 264 
MET C    C  N N 265 
MET O    O  N N 266 
MET CB   C  N N 267 
MET CG   C  N N 268 
MET SD   S  N N 269 
MET CE   C  N N 270 
MET OXT  O  N N 271 
MET H    H  N N 272 
MET H2   H  N N 273 
MET HA   H  N N 274 
MET HB2  H  N N 275 
MET HB3  H  N N 276 
MET HG2  H  N N 277 
MET HG3  H  N N 278 
MET HE1  H  N N 279 
MET HE2  H  N N 280 
MET HE3  H  N N 281 
MET HXT  H  N N 282 
MG  MG   MG N N 283 
PHE N    N  N N 284 
PHE CA   C  N S 285 
PHE C    C  N N 286 
PHE O    O  N N 287 
PHE CB   C  N N 288 
PHE CG   C  Y N 289 
PHE CD1  C  Y N 290 
PHE CD2  C  Y N 291 
PHE CE1  C  Y N 292 
PHE CE2  C  Y N 293 
PHE CZ   C  Y N 294 
PHE OXT  O  N N 295 
PHE H    H  N N 296 
PHE H2   H  N N 297 
PHE HA   H  N N 298 
PHE HB2  H  N N 299 
PHE HB3  H  N N 300 
PHE HD1  H  N N 301 
PHE HD2  H  N N 302 
PHE HE1  H  N N 303 
PHE HE2  H  N N 304 
PHE HZ   H  N N 305 
PHE HXT  H  N N 306 
PRO N    N  N N 307 
PRO CA   C  N S 308 
PRO C    C  N N 309 
PRO O    O  N N 310 
PRO CB   C  N N 311 
PRO CG   C  N N 312 
PRO CD   C  N N 313 
PRO OXT  O  N N 314 
PRO H    H  N N 315 
PRO HA   H  N N 316 
PRO HB2  H  N N 317 
PRO HB3  H  N N 318 
PRO HG2  H  N N 319 
PRO HG3  H  N N 320 
PRO HD2  H  N N 321 
PRO HD3  H  N N 322 
PRO HXT  H  N N 323 
SER N    N  N N 324 
SER CA   C  N S 325 
SER C    C  N N 326 
SER O    O  N N 327 
SER CB   C  N N 328 
SER OG   O  N N 329 
SER OXT  O  N N 330 
SER H    H  N N 331 
SER H2   H  N N 332 
SER HA   H  N N 333 
SER HB2  H  N N 334 
SER HB3  H  N N 335 
SER HG   H  N N 336 
SER HXT  H  N N 337 
THR N    N  N N 338 
THR CA   C  N S 339 
THR C    C  N N 340 
THR O    O  N N 341 
THR CB   C  N R 342 
THR OG1  O  N N 343 
THR CG2  C  N N 344 
THR OXT  O  N N 345 
THR H    H  N N 346 
THR H2   H  N N 347 
THR HA   H  N N 348 
THR HB   H  N N 349 
THR HG1  H  N N 350 
THR HG21 H  N N 351 
THR HG22 H  N N 352 
THR HG23 H  N N 353 
THR HXT  H  N N 354 
TRP N    N  N N 355 
TRP CA   C  N S 356 
TRP C    C  N N 357 
TRP O    O  N N 358 
TRP CB   C  N N 359 
TRP CG   C  Y N 360 
TRP CD1  C  Y N 361 
TRP CD2  C  Y N 362 
TRP NE1  N  Y N 363 
TRP CE2  C  Y N 364 
TRP CE3  C  Y N 365 
TRP CZ2  C  Y N 366 
TRP CZ3  C  Y N 367 
TRP CH2  C  Y N 368 
TRP OXT  O  N N 369 
TRP H    H  N N 370 
TRP H2   H  N N 371 
TRP HA   H  N N 372 
TRP HB2  H  N N 373 
TRP HB3  H  N N 374 
TRP HD1  H  N N 375 
TRP HE1  H  N N 376 
TRP HE3  H  N N 377 
TRP HZ2  H  N N 378 
TRP HZ3  H  N N 379 
TRP HH2  H  N N 380 
TRP HXT  H  N N 381 
VAL N    N  N N 382 
VAL CA   C  N S 383 
VAL C    C  N N 384 
VAL O    O  N N 385 
VAL CB   C  N N 386 
VAL CG1  C  N N 387 
VAL CG2  C  N N 388 
VAL OXT  O  N N 389 
VAL H    H  N N 390 
VAL H2   H  N N 391 
VAL HA   H  N N 392 
VAL HB   H  N N 393 
VAL HG11 H  N N 394 
VAL HG12 H  N N 395 
VAL HG13 H  N N 396 
VAL HG21 H  N N 397 
VAL HG22 H  N N 398 
VAL HG23 H  N N 399 
VAL HXT  H  N N 400 
# 
loop_
_chem_comp_bond.comp_id 
_chem_comp_bond.atom_id_1 
_chem_comp_bond.atom_id_2 
_chem_comp_bond.value_order 
_chem_comp_bond.pdbx_aromatic_flag 
_chem_comp_bond.pdbx_stereo_config 
_chem_comp_bond.pdbx_ordinal 
ALA N   CA   sing N N 1   
ALA N   H    sing N N 2   
ALA N   H2   sing N N 3   
ALA CA  C    sing N N 4   
ALA CA  CB   sing N N 5   
ALA CA  HA   sing N N 6   
ALA C   O    doub N N 7   
ALA C   OXT  sing N N 8   
ALA CB  HB1  sing N N 9   
ALA CB  HB2  sing N N 10  
ALA CB  HB3  sing N N 11  
ALA OXT HXT  sing N N 12  
ARG N   CA   sing N N 13  
ARG N   H    sing N N 14  
ARG N   H2   sing N N 15  
ARG CA  C    sing N N 16  
ARG CA  CB   sing N N 17  
ARG CA  HA   sing N N 18  
ARG C   O    doub N N 19  
ARG C   OXT  sing N N 20  
ARG CB  CG   sing N N 21  
ARG CB  HB2  sing N N 22  
ARG CB  HB3  sing N N 23  
ARG CG  CD   sing N N 24  
ARG CG  HG2  sing N N 25  
ARG CG  HG3  sing N N 26  
ARG CD  NE   sing N N 27  
ARG CD  HD2  sing N N 28  
ARG CD  HD3  sing N N 29  
ARG NE  CZ   sing N N 30  
ARG NE  HE   sing N N 31  
ARG CZ  NH1  sing N N 32  
ARG CZ  NH2  doub N N 33  
ARG NH1 HH11 sing N N 34  
ARG NH1 HH12 sing N N 35  
ARG NH2 HH21 sing N N 36  
ARG NH2 HH22 sing N N 37  
ARG OXT HXT  sing N N 38  
ASP N   CA   sing N N 39  
ASP N   H    sing N N 40  
ASP N   H2   sing N N 41  
ASP CA  C    sing N N 42  
ASP CA  CB   sing N N 43  
ASP CA  HA   sing N N 44  
ASP C   O    doub N N 45  
ASP C   OXT  sing N N 46  
ASP CB  CG   sing N N 47  
ASP CB  HB2  sing N N 48  
ASP CB  HB3  sing N N 49  
ASP CG  OD1  doub N N 50  
ASP CG  OD2  sing N N 51  
ASP OD2 HD2  sing N N 52  
ASP OXT HXT  sing N N 53  
COA N1A C2A  sing Y N 54  
COA N1A C6A  doub Y N 55  
COA C2A N3A  doub Y N 56  
COA C2A H2A  sing N N 57  
COA N3A C4A  sing Y N 58  
COA C4A C5A  doub Y N 59  
COA C4A N9A  sing Y N 60  
COA C5A C6A  sing Y N 61  
COA C5A N7A  sing Y N 62  
COA C6A N6A  sing N N 63  
COA N6A H61A sing N N 64  
COA N6A H62A sing N N 65  
COA N7A C8A  doub Y N 66  
COA C8A N9A  sing Y N 67  
COA C8A H8A  sing N N 68  
COA N9A C1B  sing N N 69  
COA C1B C2B  sing N N 70  
COA C1B O4B  sing N N 71  
COA C1B H1B  sing N N 72  
COA C2B O2B  sing N N 73  
COA C2B C3B  sing N N 74  
COA C2B H2B  sing N N 75  
COA O2B HO2A sing N N 76  
COA C3B O3B  sing N N 77  
COA C3B C4B  sing N N 78  
COA C3B H3B  sing N N 79  
COA O3B P3B  sing N N 80  
COA P3B O7A  doub N N 81  
COA P3B O8A  sing N N 82  
COA P3B O9A  sing N N 83  
COA O8A HOA8 sing N N 84  
COA O9A HOA9 sing N N 85  
COA C4B O4B  sing N N 86  
COA C4B C5B  sing N N 87  
COA C4B H4B  sing N N 88  
COA C5B O5B  sing N N 89  
COA C5B H51A sing N N 90  
COA C5B H52A sing N N 91  
COA O5B P1A  sing N N 92  
COA P1A O1A  doub N N 93  
COA P1A O2A  sing N N 94  
COA P1A O3A  sing N N 95  
COA O2A HOA2 sing N N 96  
COA O3A P2A  sing N N 97  
COA P2A O4A  doub N N 98  
COA P2A O5A  sing N N 99  
COA P2A O6A  sing N N 100 
COA O5A HOA5 sing N N 101 
COA O6A CCP  sing N N 102 
COA CBP CCP  sing N N 103 
COA CBP CDP  sing N N 104 
COA CBP CEP  sing N N 105 
COA CBP CAP  sing N N 106 
COA CCP H121 sing N N 107 
COA CCP H122 sing N N 108 
COA CDP H131 sing N N 109 
COA CDP H132 sing N N 110 
COA CDP H133 sing N N 111 
COA CEP H141 sing N N 112 
COA CEP H142 sing N N 113 
COA CEP H143 sing N N 114 
COA CAP OAP  sing N N 115 
COA CAP C9P  sing N N 116 
COA CAP H10  sing N N 117 
COA OAP HO1  sing N N 118 
COA C9P O9P  doub N N 119 
COA C9P N8P  sing N N 120 
COA N8P C7P  sing N N 121 
COA N8P HN8  sing N N 122 
COA C7P C6P  sing N N 123 
COA C7P H71  sing N N 124 
COA C7P H72  sing N N 125 
COA C6P C5P  sing N N 126 
COA C6P H61  sing N N 127 
COA C6P H62  sing N N 128 
COA C5P O5P  doub N N 129 
COA C5P N4P  sing N N 130 
COA N4P C3P  sing N N 131 
COA N4P HN4  sing N N 132 
COA C3P C2P  sing N N 133 
COA C3P H31  sing N N 134 
COA C3P H32  sing N N 135 
COA C2P S1P  sing N N 136 
COA C2P H21  sing N N 137 
COA C2P H22  sing N N 138 
COA S1P HS1  sing N N 139 
GLU N   CA   sing N N 140 
GLU N   H    sing N N 141 
GLU N   H2   sing N N 142 
GLU CA  C    sing N N 143 
GLU CA  CB   sing N N 144 
GLU CA  HA   sing N N 145 
GLU C   O    doub N N 146 
GLU C   OXT  sing N N 147 
GLU CB  CG   sing N N 148 
GLU CB  HB2  sing N N 149 
GLU CB  HB3  sing N N 150 
GLU CG  CD   sing N N 151 
GLU CG  HG2  sing N N 152 
GLU CG  HG3  sing N N 153 
GLU CD  OE1  doub N N 154 
GLU CD  OE2  sing N N 155 
GLU OE2 HE2  sing N N 156 
GLU OXT HXT  sing N N 157 
GLY N   CA   sing N N 158 
GLY N   H    sing N N 159 
GLY N   H2   sing N N 160 
GLY CA  C    sing N N 161 
GLY CA  HA2  sing N N 162 
GLY CA  HA3  sing N N 163 
GLY C   O    doub N N 164 
GLY C   OXT  sing N N 165 
GLY OXT HXT  sing N N 166 
HIS N   CA   sing N N 167 
HIS N   H    sing N N 168 
HIS N   H2   sing N N 169 
HIS CA  C    sing N N 170 
HIS CA  CB   sing N N 171 
HIS CA  HA   sing N N 172 
HIS C   O    doub N N 173 
HIS C   OXT  sing N N 174 
HIS CB  CG   sing N N 175 
HIS CB  HB2  sing N N 176 
HIS CB  HB3  sing N N 177 
HIS CG  ND1  sing Y N 178 
HIS CG  CD2  doub Y N 179 
HIS ND1 CE1  doub Y N 180 
HIS ND1 HD1  sing N N 181 
HIS CD2 NE2  sing Y N 182 
HIS CD2 HD2  sing N N 183 
HIS CE1 NE2  sing Y N 184 
HIS CE1 HE1  sing N N 185 
HIS NE2 HE2  sing N N 186 
HIS OXT HXT  sing N N 187 
HOH O   H1   sing N N 188 
HOH O   H2   sing N N 189 
ILE N   CA   sing N N 190 
ILE N   H    sing N N 191 
ILE N   H2   sing N N 192 
ILE CA  C    sing N N 193 
ILE CA  CB   sing N N 194 
ILE CA  HA   sing N N 195 
ILE C   O    doub N N 196 
ILE C   OXT  sing N N 197 
ILE CB  CG1  sing N N 198 
ILE CB  CG2  sing N N 199 
ILE CB  HB   sing N N 200 
ILE CG1 CD1  sing N N 201 
ILE CG1 HG12 sing N N 202 
ILE CG1 HG13 sing N N 203 
ILE CG2 HG21 sing N N 204 
ILE CG2 HG22 sing N N 205 
ILE CG2 HG23 sing N N 206 
ILE CD1 HD11 sing N N 207 
ILE CD1 HD12 sing N N 208 
ILE CD1 HD13 sing N N 209 
ILE OXT HXT  sing N N 210 
LEU N   CA   sing N N 211 
LEU N   H    sing N N 212 
LEU N   H2   sing N N 213 
LEU CA  C    sing N N 214 
LEU CA  CB   sing N N 215 
LEU CA  HA   sing N N 216 
LEU C   O    doub N N 217 
LEU C   OXT  sing N N 218 
LEU CB  CG   sing N N 219 
LEU CB  HB2  sing N N 220 
LEU CB  HB3  sing N N 221 
LEU CG  CD1  sing N N 222 
LEU CG  CD2  sing N N 223 
LEU CG  HG   sing N N 224 
LEU CD1 HD11 sing N N 225 
LEU CD1 HD12 sing N N 226 
LEU CD1 HD13 sing N N 227 
LEU CD2 HD21 sing N N 228 
LEU CD2 HD22 sing N N 229 
LEU CD2 HD23 sing N N 230 
LEU OXT HXT  sing N N 231 
LYS N   CA   sing N N 232 
LYS N   H    sing N N 233 
LYS N   H2   sing N N 234 
LYS CA  C    sing N N 235 
LYS CA  CB   sing N N 236 
LYS CA  HA   sing N N 237 
LYS C   O    doub N N 238 
LYS C   OXT  sing N N 239 
LYS CB  CG   sing N N 240 
LYS CB  HB2  sing N N 241 
LYS CB  HB3  sing N N 242 
LYS CG  CD   sing N N 243 
LYS CG  HG2  sing N N 244 
LYS CG  HG3  sing N N 245 
LYS CD  CE   sing N N 246 
LYS CD  HD2  sing N N 247 
LYS CD  HD3  sing N N 248 
LYS CE  NZ   sing N N 249 
LYS CE  HE2  sing N N 250 
LYS CE  HE3  sing N N 251 
LYS NZ  HZ1  sing N N 252 
LYS NZ  HZ2  sing N N 253 
LYS NZ  HZ3  sing N N 254 
LYS OXT HXT  sing N N 255 
MET N   CA   sing N N 256 
MET N   H    sing N N 257 
MET N   H2   sing N N 258 
MET CA  C    sing N N 259 
MET CA  CB   sing N N 260 
MET CA  HA   sing N N 261 
MET C   O    doub N N 262 
MET C   OXT  sing N N 263 
MET CB  CG   sing N N 264 
MET CB  HB2  sing N N 265 
MET CB  HB3  sing N N 266 
MET CG  SD   sing N N 267 
MET CG  HG2  sing N N 268 
MET CG  HG3  sing N N 269 
MET SD  CE   sing N N 270 
MET CE  HE1  sing N N 271 
MET CE  HE2  sing N N 272 
MET CE  HE3  sing N N 273 
MET OXT HXT  sing N N 274 
PHE N   CA   sing N N 275 
PHE N   H    sing N N 276 
PHE N   H2   sing N N 277 
PHE CA  C    sing N N 278 
PHE CA  CB   sing N N 279 
PHE CA  HA   sing N N 280 
PHE C   O    doub N N 281 
PHE C   OXT  sing N N 282 
PHE CB  CG   sing N N 283 
PHE CB  HB2  sing N N 284 
PHE CB  HB3  sing N N 285 
PHE CG  CD1  doub Y N 286 
PHE CG  CD2  sing Y N 287 
PHE CD1 CE1  sing Y N 288 
PHE CD1 HD1  sing N N 289 
PHE CD2 CE2  doub Y N 290 
PHE CD2 HD2  sing N N 291 
PHE CE1 CZ   doub Y N 292 
PHE CE1 HE1  sing N N 293 
PHE CE2 CZ   sing Y N 294 
PHE CE2 HE2  sing N N 295 
PHE CZ  HZ   sing N N 296 
PHE OXT HXT  sing N N 297 
PRO N   CA   sing N N 298 
PRO N   CD   sing N N 299 
PRO N   H    sing N N 300 
PRO CA  C    sing N N 301 
PRO CA  CB   sing N N 302 
PRO CA  HA   sing N N 303 
PRO C   O    doub N N 304 
PRO C   OXT  sing N N 305 
PRO CB  CG   sing N N 306 
PRO CB  HB2  sing N N 307 
PRO CB  HB3  sing N N 308 
PRO CG  CD   sing N N 309 
PRO CG  HG2  sing N N 310 
PRO CG  HG3  sing N N 311 
PRO CD  HD2  sing N N 312 
PRO CD  HD3  sing N N 313 
PRO OXT HXT  sing N N 314 
SER N   CA   sing N N 315 
SER N   H    sing N N 316 
SER N   H2   sing N N 317 
SER CA  C    sing N N 318 
SER CA  CB   sing N N 319 
SER CA  HA   sing N N 320 
SER C   O    doub N N 321 
SER C   OXT  sing N N 322 
SER CB  OG   sing N N 323 
SER CB  HB2  sing N N 324 
SER CB  HB3  sing N N 325 
SER OG  HG   sing N N 326 
SER OXT HXT  sing N N 327 
THR N   CA   sing N N 328 
THR N   H    sing N N 329 
THR N   H2   sing N N 330 
THR CA  C    sing N N 331 
THR CA  CB   sing N N 332 
THR CA  HA   sing N N 333 
THR C   O    doub N N 334 
THR C   OXT  sing N N 335 
THR CB  OG1  sing N N 336 
THR CB  CG2  sing N N 337 
THR CB  HB   sing N N 338 
THR OG1 HG1  sing N N 339 
THR CG2 HG21 sing N N 340 
THR CG2 HG22 sing N N 341 
THR CG2 HG23 sing N N 342 
THR OXT HXT  sing N N 343 
TRP N   CA   sing N N 344 
TRP N   H    sing N N 345 
TRP N   H2   sing N N 346 
TRP CA  C    sing N N 347 
TRP CA  CB   sing N N 348 
TRP CA  HA   sing N N 349 
TRP C   O    doub N N 350 
TRP C   OXT  sing N N 351 
TRP CB  CG   sing N N 352 
TRP CB  HB2  sing N N 353 
TRP CB  HB3  sing N N 354 
TRP CG  CD1  doub Y N 355 
TRP CG  CD2  sing Y N 356 
TRP CD1 NE1  sing Y N 357 
TRP CD1 HD1  sing N N 358 
TRP CD2 CE2  doub Y N 359 
TRP CD2 CE3  sing Y N 360 
TRP NE1 CE2  sing Y N 361 
TRP NE1 HE1  sing N N 362 
TRP CE2 CZ2  sing Y N 363 
TRP CE3 CZ3  doub Y N 364 
TRP CE3 HE3  sing N N 365 
TRP CZ2 CH2  doub Y N 366 
TRP CZ2 HZ2  sing N N 367 
TRP CZ3 CH2  sing Y N 368 
TRP CZ3 HZ3  sing N N 369 
TRP CH2 HH2  sing N N 370 
TRP OXT HXT  sing N N 371 
VAL N   CA   sing N N 372 
VAL N   H    sing N N 373 
VAL N   H2   sing N N 374 
VAL CA  C    sing N N 375 
VAL CA  CB   sing N N 376 
VAL CA  HA   sing N N 377 
VAL C   O    doub N N 378 
VAL C   OXT  sing N N 379 
VAL CB  CG1  sing N N 380 
VAL CB  CG2  sing N N 381 
VAL CB  HB   sing N N 382 
VAL CG1 HG11 sing N N 383 
VAL CG1 HG12 sing N N 384 
VAL CG1 HG13 sing N N 385 
VAL CG2 HG21 sing N N 386 
VAL CG2 HG22 sing N N 387 
VAL CG2 HG23 sing N N 388 
VAL OXT HXT  sing N N 389 
# 
loop_
_pdbx_entity_nonpoly.entity_id 
_pdbx_entity_nonpoly.name 
_pdbx_entity_nonpoly.comp_id 
2 'COENZYME A'    COA 
3 'MAGNESIUM ION' MG  
4 water           HOH 
# 
_pdbx_initial_refinement_model.id               1 
_pdbx_initial_refinement_model.entity_id_list   ? 
_pdbx_initial_refinement_model.type             'experimental model' 
_pdbx_initial_refinement_model.source_name      PDB 
_pdbx_initial_refinement_model.accession_code   2JBZ 
_pdbx_initial_refinement_model.details          'PDB ENTRY 2JBZ' 
# 
